data_4CUD
# 
_entry.id   4CUD 
# 
_audit_conform.dict_name       mmcif_pdbx.dic 
_audit_conform.dict_version    5.399 
_audit_conform.dict_location   http://mmcif.pdb.org/dictionaries/ascii/mmcif_pdbx.dic 
# 
loop_
_database_2.database_id 
_database_2.database_code 
_database_2.pdbx_database_accession 
_database_2.pdbx_DOI 
PDB   4CUD         pdb_00004cud 10.2210/pdb4cud/pdb 
PDBE  EBI-59191    ?            ?                   
WWPDB D_1290059191 ?            ?                   
# 
loop_
_pdbx_audit_revision_history.ordinal 
_pdbx_audit_revision_history.data_content_type 
_pdbx_audit_revision_history.major_revision 
_pdbx_audit_revision_history.minor_revision 
_pdbx_audit_revision_history.revision_date 
1 'Structure model' 1 0 2014-05-21 
2 'Structure model' 1 1 2014-06-04 
3 'Structure model' 1 2 2018-02-07 
4 'Structure model' 1 3 2020-07-29 
5 'Structure model' 1 4 2023-12-20 
6 'Structure model' 1 5 2024-11-20 
# 
loop_
_pdbx_audit_revision_details.ordinal 
_pdbx_audit_revision_details.revision_ordinal 
_pdbx_audit_revision_details.data_content_type 
_pdbx_audit_revision_details.provider 
_pdbx_audit_revision_details.type 
_pdbx_audit_revision_details.description 
_pdbx_audit_revision_details.details 
1 1 'Structure model' repository 'Initial release' ?                          ? 
2 4 'Structure model' repository Remediation       'Carbohydrate remediation' ? 
# 
loop_
_pdbx_audit_revision_group.ordinal 
_pdbx_audit_revision_group.revision_ordinal 
_pdbx_audit_revision_group.data_content_type 
_pdbx_audit_revision_group.group 
1  2 'Structure model' 'Database references'    
2  3 'Structure model' 'Structure summary'      
3  4 'Structure model' 'Data collection'        
4  4 'Structure model' 'Derived calculations'   
5  4 'Structure model' Other                    
6  4 'Structure model' 'Structure summary'      
7  5 'Structure model' 'Data collection'        
8  5 'Structure model' 'Database references'    
9  5 'Structure model' 'Refinement description' 
10 5 'Structure model' 'Structure summary'      
11 6 'Structure model' 'Structure summary'      
# 
loop_
_pdbx_audit_revision_category.ordinal 
_pdbx_audit_revision_category.revision_ordinal 
_pdbx_audit_revision_category.data_content_type 
_pdbx_audit_revision_category.category 
1  3 'Structure model' audit_author                  
2  4 'Structure model' chem_comp                     
3  4 'Structure model' entity                        
4  4 'Structure model' pdbx_chem_comp_identifier     
5  4 'Structure model' pdbx_database_status          
6  4 'Structure model' pdbx_entity_nonpoly           
7  4 'Structure model' pdbx_struct_conn_angle        
8  4 'Structure model' struct_conn                   
9  4 'Structure model' struct_site                   
10 4 'Structure model' struct_site_gen               
11 5 'Structure model' chem_comp                     
12 5 'Structure model' chem_comp_atom                
13 5 'Structure model' chem_comp_bond                
14 5 'Structure model' database_2                    
15 5 'Structure model' pdbx_initial_refinement_model 
16 6 'Structure model' pdbx_entry_details            
17 6 'Structure model' pdbx_modification_feature     
# 
loop_
_pdbx_audit_revision_item.ordinal 
_pdbx_audit_revision_item.revision_ordinal 
_pdbx_audit_revision_item.data_content_type 
_pdbx_audit_revision_item.item 
1  3 'Structure model' '_audit_author.name'                          
2  4 'Structure model' '_chem_comp.name'                             
3  4 'Structure model' '_chem_comp.type'                             
4  4 'Structure model' '_entity.pdbx_description'                    
5  4 'Structure model' '_pdbx_database_status.status_code_sf'        
6  4 'Structure model' '_pdbx_entity_nonpoly.name'                   
7  4 'Structure model' '_pdbx_struct_conn_angle.ptnr1_auth_comp_id'  
8  4 'Structure model' '_pdbx_struct_conn_angle.ptnr1_auth_seq_id'   
9  4 'Structure model' '_pdbx_struct_conn_angle.ptnr1_label_asym_id' 
10 4 'Structure model' '_pdbx_struct_conn_angle.ptnr1_label_atom_id' 
11 4 'Structure model' '_pdbx_struct_conn_angle.ptnr1_label_comp_id' 
12 4 'Structure model' '_pdbx_struct_conn_angle.ptnr1_label_seq_id'  
13 4 'Structure model' '_pdbx_struct_conn_angle.ptnr1_symmetry'      
14 4 'Structure model' '_pdbx_struct_conn_angle.ptnr2_auth_seq_id'   
15 4 'Structure model' '_pdbx_struct_conn_angle.ptnr2_label_asym_id' 
16 4 'Structure model' '_pdbx_struct_conn_angle.ptnr3_auth_comp_id'  
17 4 'Structure model' '_pdbx_struct_conn_angle.ptnr3_auth_seq_id'   
18 4 'Structure model' '_pdbx_struct_conn_angle.ptnr3_label_asym_id' 
19 4 'Structure model' '_pdbx_struct_conn_angle.ptnr3_label_atom_id' 
20 4 'Structure model' '_pdbx_struct_conn_angle.ptnr3_label_comp_id' 
21 4 'Structure model' '_pdbx_struct_conn_angle.ptnr3_label_seq_id'  
22 4 'Structure model' '_pdbx_struct_conn_angle.ptnr3_symmetry'      
23 4 'Structure model' '_pdbx_struct_conn_angle.value'               
24 4 'Structure model' '_struct_conn.pdbx_dist_value'                
25 4 'Structure model' '_struct_conn.pdbx_leaving_atom_flag'         
26 4 'Structure model' '_struct_conn.pdbx_role'                      
27 4 'Structure model' '_struct_conn.ptnr1_auth_comp_id'             
28 4 'Structure model' '_struct_conn.ptnr1_auth_seq_id'              
29 4 'Structure model' '_struct_conn.ptnr1_label_asym_id'            
30 4 'Structure model' '_struct_conn.ptnr1_label_atom_id'            
31 4 'Structure model' '_struct_conn.ptnr1_label_comp_id'            
32 4 'Structure model' '_struct_conn.ptnr1_label_seq_id'             
33 4 'Structure model' '_struct_conn.ptnr1_symmetry'                 
34 4 'Structure model' '_struct_conn.ptnr2_auth_comp_id'             
35 4 'Structure model' '_struct_conn.ptnr2_auth_seq_id'              
36 4 'Structure model' '_struct_conn.ptnr2_label_asym_id'            
37 4 'Structure model' '_struct_conn.ptnr2_label_atom_id'            
38 4 'Structure model' '_struct_conn.ptnr2_label_comp_id'            
39 4 'Structure model' '_struct_conn.ptnr2_label_seq_id'             
40 4 'Structure model' '_struct_conn.ptnr2_symmetry'                 
41 5 'Structure model' '_chem_comp.pdbx_synonyms'                    
42 5 'Structure model' '_database_2.pdbx_DOI'                        
43 5 'Structure model' '_database_2.pdbx_database_accession'         
# 
_pdbx_database_status.status_code                     REL 
_pdbx_database_status.entry_id                        4CUD 
_pdbx_database_status.deposit_site                    PDBE 
_pdbx_database_status.process_site                    PDBE 
_pdbx_database_status.SG_entry                        . 
_pdbx_database_status.recvd_initial_deposition_date   2014-03-18 
_pdbx_database_status.pdb_format_compatible           Y 
_pdbx_database_status.status_code_sf                  REL 
_pdbx_database_status.status_code_mr                  ? 
_pdbx_database_status.status_code_cs                  ? 
_pdbx_database_status.methods_development_category    ? 
_pdbx_database_status.status_code_nmr_data            ? 
# 
loop_
_pdbx_database_related.db_name 
_pdbx_database_related.db_id 
_pdbx_database_related.content_type 
_pdbx_database_related.details 
PDB 4CUE unspecified 'HUMAN NOTCH-1 EGFS 11-13'        
PDB 4CUF unspecified 'HUMAN NOTCH-1 EGFS 11-13 FUCOSE' 
# 
loop_
_audit_author.name 
_audit_author.pdbx_ordinal 
_audit_author.identifier_ORCID 
'Taylor, P.'        1 ? 
'Takeuchi, H.'      2 ? 
'Sheppard, D.'      3 ? 
'Chillakuri, C.'    4 ? 
'Lea, S.M.'         5 ? 
'Haltiwanger, R.S.' 6 ? 
'Handford, P.A.'    7 ? 
# 
_citation.id                        primary 
_citation.title                     
'Fringe-Mediated Extension of O-Linked Fucose in the Ligand-Binding Region of Notch1 Increases Binding to Mammalian Notch Ligands.' 
_citation.journal_abbrev            Proc.Natl.Acad.Sci.USA 
_citation.journal_volume            111 
_citation.page_first                7290 
_citation.page_last                 ? 
_citation.year                      2014 
_citation.journal_id_ASTM           PNASA6 
_citation.country                   US 
_citation.journal_id_ISSN           0027-8424 
_citation.journal_id_CSD            0040 
_citation.book_publisher            ? 
_citation.pdbx_database_id_PubMed   24803430 
_citation.pdbx_database_id_DOI      10.1073/PNAS.1319683111 
# 
loop_
_citation_author.citation_id 
_citation_author.name 
_citation_author.ordinal 
_citation_author.identifier_ORCID 
primary 'Taylor, P.'        1 ? 
primary 'Takeuchi, H.'      2 ? 
primary 'Sheppard, D.'      3 ? 
primary 'Chillakuri, C.'    4 ? 
primary 'Lea, S.M.'         5 ? 
primary 'Haltiwanger, R.S.' 6 ? 
primary 'Handford, P.A.'    7 ? 
# 
loop_
_entity.id 
_entity.type 
_entity.src_method 
_entity.pdbx_description 
_entity.formula_weight 
_entity.pdbx_number_of_molecules 
_entity.pdbx_ec 
_entity.pdbx_mutation 
_entity.pdbx_fragment 
_entity.details 
1 polymer     man 'NEUROGENIC LOCUS NOTCH HOMOLOG PROTEIN 1' 14857.604 1  ? ? 'EGF 11-13, RESIDUES 410-526' 
'O-FUCOSE MONOSACCHARIDE AT T466' 
2 non-polymer man alpha-L-fucopyranose                       164.156   1  ? ? ?                             ? 
3 non-polymer syn 'CALCIUM ION'                              40.078    4  ? ? ?                             ? 
4 water       nat water                                      18.015    56 ? ? ?                             ? 
# 
_entity_name_com.entity_id   1 
_entity_name_com.name        'NOTCH 1, HN1, TRANSLOCATION-ASSOCIATED NOTCH PROTEIN TAN-1' 
# 
_entity_poly.entity_id                      1 
_entity_poly.type                           'polypeptide(L)' 
_entity_poly.nstd_linkage                   no 
_entity_poly.nstd_monomer                   no 
_entity_poly.pdbx_seq_one_letter_code       
;SAQDVDECSLGANPCEHAGKCINTLGSFECQCLQGYTGPRCEIDVNECVSNPCQNDATCLDQIGEFQCICMPGYEGVHCE
VNTDECASSPCLHNGRCLDKINEFQCECPTGFTGHLCQVDLHHILDAQKMVWNHR
;
_entity_poly.pdbx_seq_one_letter_code_can   
;SAQDVDECSLGANPCEHAGKCINTLGSFECQCLQGYTGPRCEIDVNECVSNPCQNDATCLDQIGEFQCICMPGYEGVHCE
VNTDECASSPCLHNGRCLDKINEFQCECPTGFTGHLCQVDLHHILDAQKMVWNHR
;
_entity_poly.pdbx_strand_id                 A 
_entity_poly.pdbx_target_identifier         ? 
# 
loop_
_pdbx_entity_nonpoly.entity_id 
_pdbx_entity_nonpoly.name 
_pdbx_entity_nonpoly.comp_id 
2 alpha-L-fucopyranose FUC 
3 'CALCIUM ION'        CA  
4 water                HOH 
# 
loop_
_entity_poly_seq.entity_id 
_entity_poly_seq.num 
_entity_poly_seq.mon_id 
_entity_poly_seq.hetero 
1 1   SER n 
1 2   ALA n 
1 3   GLN n 
1 4   ASP n 
1 5   VAL n 
1 6   ASP n 
1 7   GLU n 
1 8   CYS n 
1 9   SER n 
1 10  LEU n 
1 11  GLY n 
1 12  ALA n 
1 13  ASN n 
1 14  PRO n 
1 15  CYS n 
1 16  GLU n 
1 17  HIS n 
1 18  ALA n 
1 19  GLY n 
1 20  LYS n 
1 21  CYS n 
1 22  ILE n 
1 23  ASN n 
1 24  THR n 
1 25  LEU n 
1 26  GLY n 
1 27  SER n 
1 28  PHE n 
1 29  GLU n 
1 30  CYS n 
1 31  GLN n 
1 32  CYS n 
1 33  LEU n 
1 34  GLN n 
1 35  GLY n 
1 36  TYR n 
1 37  THR n 
1 38  GLY n 
1 39  PRO n 
1 40  ARG n 
1 41  CYS n 
1 42  GLU n 
1 43  ILE n 
1 44  ASP n 
1 45  VAL n 
1 46  ASN n 
1 47  GLU n 
1 48  CYS n 
1 49  VAL n 
1 50  SER n 
1 51  ASN n 
1 52  PRO n 
1 53  CYS n 
1 54  GLN n 
1 55  ASN n 
1 56  ASP n 
1 57  ALA n 
1 58  THR n 
1 59  CYS n 
1 60  LEU n 
1 61  ASP n 
1 62  GLN n 
1 63  ILE n 
1 64  GLY n 
1 65  GLU n 
1 66  PHE n 
1 67  GLN n 
1 68  CYS n 
1 69  ILE n 
1 70  CYS n 
1 71  MET n 
1 72  PRO n 
1 73  GLY n 
1 74  TYR n 
1 75  GLU n 
1 76  GLY n 
1 77  VAL n 
1 78  HIS n 
1 79  CYS n 
1 80  GLU n 
1 81  VAL n 
1 82  ASN n 
1 83  THR n 
1 84  ASP n 
1 85  GLU n 
1 86  CYS n 
1 87  ALA n 
1 88  SER n 
1 89  SER n 
1 90  PRO n 
1 91  CYS n 
1 92  LEU n 
1 93  HIS n 
1 94  ASN n 
1 95  GLY n 
1 96  ARG n 
1 97  CYS n 
1 98  LEU n 
1 99  ASP n 
1 100 LYS n 
1 101 ILE n 
1 102 ASN n 
1 103 GLU n 
1 104 PHE n 
1 105 GLN n 
1 106 CYS n 
1 107 GLU n 
1 108 CYS n 
1 109 PRO n 
1 110 THR n 
1 111 GLY n 
1 112 PHE n 
1 113 THR n 
1 114 GLY n 
1 115 HIS n 
1 116 LEU n 
1 117 CYS n 
1 118 GLN n 
1 119 VAL n 
1 120 ASP n 
1 121 LEU n 
1 122 HIS n 
1 123 HIS n 
1 124 ILE n 
1 125 LEU n 
1 126 ASP n 
1 127 ALA n 
1 128 GLN n 
1 129 LYS n 
1 130 MET n 
1 131 VAL n 
1 132 TRP n 
1 133 ASN n 
1 134 HIS n 
1 135 ARG n 
# 
_entity_src_gen.entity_id                          1 
_entity_src_gen.pdbx_src_id                        1 
_entity_src_gen.pdbx_alt_source_flag               sample 
_entity_src_gen.pdbx_seq_type                      ? 
_entity_src_gen.pdbx_beg_seq_num                   ? 
_entity_src_gen.pdbx_end_seq_num                   ? 
_entity_src_gen.gene_src_common_name               HUMAN 
_entity_src_gen.gene_src_genus                     ? 
_entity_src_gen.pdbx_gene_src_gene                 ? 
_entity_src_gen.gene_src_species                   ? 
_entity_src_gen.gene_src_strain                    ? 
_entity_src_gen.gene_src_tissue                    ? 
_entity_src_gen.gene_src_tissue_fraction           ? 
_entity_src_gen.gene_src_details                   ? 
_entity_src_gen.pdbx_gene_src_fragment             ? 
_entity_src_gen.pdbx_gene_src_scientific_name      'HOMO SAPIENS' 
_entity_src_gen.pdbx_gene_src_ncbi_taxonomy_id     9606 
_entity_src_gen.pdbx_gene_src_variant              ? 
_entity_src_gen.pdbx_gene_src_cell_line            ? 
_entity_src_gen.pdbx_gene_src_atcc                 ? 
_entity_src_gen.pdbx_gene_src_organ                ? 
_entity_src_gen.pdbx_gene_src_organelle            ? 
_entity_src_gen.pdbx_gene_src_cell                 ? 
_entity_src_gen.pdbx_gene_src_cellular_location    ? 
_entity_src_gen.host_org_common_name               ? 
_entity_src_gen.pdbx_host_org_scientific_name      'ESCHERICHIA COLI' 
_entity_src_gen.pdbx_host_org_ncbi_taxonomy_id     562 
_entity_src_gen.host_org_genus                     ? 
_entity_src_gen.pdbx_host_org_gene                 ? 
_entity_src_gen.pdbx_host_org_organ                ? 
_entity_src_gen.host_org_species                   ? 
_entity_src_gen.pdbx_host_org_tissue               ? 
_entity_src_gen.pdbx_host_org_tissue_fraction      ? 
_entity_src_gen.pdbx_host_org_strain               ? 
_entity_src_gen.pdbx_host_org_variant              ? 
_entity_src_gen.pdbx_host_org_cell_line            ? 
_entity_src_gen.pdbx_host_org_atcc                 ? 
_entity_src_gen.pdbx_host_org_culture_collection   ? 
_entity_src_gen.pdbx_host_org_cell                 ? 
_entity_src_gen.pdbx_host_org_organelle            ? 
_entity_src_gen.pdbx_host_org_cellular_location    ? 
_entity_src_gen.pdbx_host_org_vector_type          PLASMID 
_entity_src_gen.pdbx_host_org_vector               PQE30 
_entity_src_gen.host_org_details                   ? 
_entity_src_gen.expression_system_id               ? 
_entity_src_gen.plasmid_name                       ? 
_entity_src_gen.plasmid_details                    ? 
_entity_src_gen.pdbx_description                   ? 
# 
loop_
_chem_comp.id 
_chem_comp.type 
_chem_comp.mon_nstd_flag 
_chem_comp.name 
_chem_comp.pdbx_synonyms 
_chem_comp.formula 
_chem_comp.formula_weight 
ALA 'L-peptide linking'           y ALANINE              ?                                                                   
'C3 H7 N O2'     89.093  
ARG 'L-peptide linking'           y ARGININE             ?                                                                   
'C6 H15 N4 O2 1' 175.209 
ASN 'L-peptide linking'           y ASPARAGINE           ?                                                                   
'C4 H8 N2 O3'    132.118 
ASP 'L-peptide linking'           y 'ASPARTIC ACID'      ?                                                                   
'C4 H7 N O4'     133.103 
CA  non-polymer                   . 'CALCIUM ION'        ?                                                                   
'Ca 2'           40.078  
CYS 'L-peptide linking'           y CYSTEINE             ?                                                                   
'C3 H7 N O2 S'   121.158 
FUC 'L-saccharide, alpha linking' . alpha-L-fucopyranose 'alpha-L-fucose; 6-deoxy-alpha-L-galactopyranose; L-fucose; fucose' 
'C6 H12 O5'      164.156 
GLN 'L-peptide linking'           y GLUTAMINE            ?                                                                   
'C5 H10 N2 O3'   146.144 
GLU 'L-peptide linking'           y 'GLUTAMIC ACID'      ?                                                                   
'C5 H9 N O4'     147.129 
GLY 'peptide linking'             y GLYCINE              ?                                                                   
'C2 H5 N O2'     75.067  
HIS 'L-peptide linking'           y HISTIDINE            ?                                                                   
'C6 H10 N3 O2 1' 156.162 
HOH non-polymer                   . WATER                ?                                                                   
'H2 O'           18.015  
ILE 'L-peptide linking'           y ISOLEUCINE           ?                                                                   
'C6 H13 N O2'    131.173 
LEU 'L-peptide linking'           y LEUCINE              ?                                                                   
'C6 H13 N O2'    131.173 
LYS 'L-peptide linking'           y LYSINE               ?                                                                   
'C6 H15 N2 O2 1' 147.195 
MET 'L-peptide linking'           y METHIONINE           ?                                                                   
'C5 H11 N O2 S'  149.211 
PHE 'L-peptide linking'           y PHENYLALANINE        ?                                                                   
'C9 H11 N O2'    165.189 
PRO 'L-peptide linking'           y PROLINE              ?                                                                   
'C5 H9 N O2'     115.130 
SER 'L-peptide linking'           y SERINE               ?                                                                   
'C3 H7 N O3'     105.093 
THR 'L-peptide linking'           y THREONINE            ?                                                                   
'C4 H9 N O3'     119.119 
TRP 'L-peptide linking'           y TRYPTOPHAN           ?                                                                   
'C11 H12 N2 O2'  204.225 
TYR 'L-peptide linking'           y TYROSINE             ?                                                                   
'C9 H11 N O3'    181.189 
VAL 'L-peptide linking'           y VALINE               ?                                                                   
'C5 H11 N O2'    117.146 
# 
loop_
_pdbx_chem_comp_identifier.comp_id 
_pdbx_chem_comp_identifier.type 
_pdbx_chem_comp_identifier.program 
_pdbx_chem_comp_identifier.program_version 
_pdbx_chem_comp_identifier.identifier 
FUC 'CONDENSED IUPAC CARBOHYDRATE SYMBOL' GMML     1.0 LFucpa           
FUC 'COMMON NAME'                         GMML     1.0 a-L-fucopyranose 
FUC 'IUPAC CARBOHYDRATE SYMBOL'           PDB-CARE 1.0 a-L-Fucp         
FUC 'SNFG CARBOHYDRATE SYMBOL'            GMML     1.0 Fuc              
# 
loop_
_pdbx_poly_seq_scheme.asym_id 
_pdbx_poly_seq_scheme.entity_id 
_pdbx_poly_seq_scheme.seq_id 
_pdbx_poly_seq_scheme.mon_id 
_pdbx_poly_seq_scheme.ndb_seq_num 
_pdbx_poly_seq_scheme.pdb_seq_num 
_pdbx_poly_seq_scheme.auth_seq_num 
_pdbx_poly_seq_scheme.pdb_mon_id 
_pdbx_poly_seq_scheme.auth_mon_id 
_pdbx_poly_seq_scheme.pdb_strand_id 
_pdbx_poly_seq_scheme.pdb_ins_code 
_pdbx_poly_seq_scheme.hetero 
A 1 1   SER 1   409 ?   ?   ?   A . n 
A 1 2   ALA 2   410 ?   ?   ?   A . n 
A 1 3   GLN 3   411 ?   ?   ?   A . n 
A 1 4   ASP 4   412 412 ASP ASP A . n 
A 1 5   VAL 5   413 413 VAL VAL A . n 
A 1 6   ASP 6   414 414 ASP ASP A . n 
A 1 7   GLU 7   415 415 GLU GLU A . n 
A 1 8   CYS 8   416 416 CYS CYS A . n 
A 1 9   SER 9   417 417 SER SER A . n 
A 1 10  LEU 10  418 418 LEU LEU A . n 
A 1 11  GLY 11  419 419 GLY GLY A . n 
A 1 12  ALA 12  420 420 ALA ALA A . n 
A 1 13  ASN 13  421 421 ASN ASN A . n 
A 1 14  PRO 14  422 422 PRO PRO A . n 
A 1 15  CYS 15  423 423 CYS CYS A . n 
A 1 16  GLU 16  424 424 GLU GLU A . n 
A 1 17  HIS 17  425 425 HIS HIS A . n 
A 1 18  ALA 18  426 426 ALA ALA A . n 
A 1 19  GLY 19  427 427 GLY GLY A . n 
A 1 20  LYS 20  428 428 LYS LYS A . n 
A 1 21  CYS 21  429 429 CYS CYS A . n 
A 1 22  ILE 22  430 430 ILE ILE A . n 
A 1 23  ASN 23  431 431 ASN ASN A . n 
A 1 24  THR 24  432 432 THR THR A . n 
A 1 25  LEU 25  433 433 LEU LEU A . n 
A 1 26  GLY 26  434 434 GLY GLY A . n 
A 1 27  SER 27  435 435 SER SER A . n 
A 1 28  PHE 28  436 436 PHE PHE A . n 
A 1 29  GLU 29  437 437 GLU GLU A . n 
A 1 30  CYS 30  438 438 CYS CYS A . n 
A 1 31  GLN 31  439 439 GLN GLN A . n 
A 1 32  CYS 32  440 440 CYS CYS A . n 
A 1 33  LEU 33  441 441 LEU LEU A . n 
A 1 34  GLN 34  442 442 GLN GLN A . n 
A 1 35  GLY 35  443 443 GLY GLY A . n 
A 1 36  TYR 36  444 444 TYR TYR A . n 
A 1 37  THR 37  445 445 THR THR A . n 
A 1 38  GLY 38  446 446 GLY GLY A . n 
A 1 39  PRO 39  447 447 PRO PRO A . n 
A 1 40  ARG 40  448 448 ARG ARG A . n 
A 1 41  CYS 41  449 449 CYS CYS A . n 
A 1 42  GLU 42  450 450 GLU GLU A . n 
A 1 43  ILE 43  451 451 ILE ILE A . n 
A 1 44  ASP 44  452 452 ASP ASP A . n 
A 1 45  VAL 45  453 453 VAL VAL A . n 
A 1 46  ASN 46  454 454 ASN ASN A . n 
A 1 47  GLU 47  455 455 GLU GLU A . n 
A 1 48  CYS 48  456 456 CYS CYS A . n 
A 1 49  VAL 49  457 457 VAL VAL A . n 
A 1 50  SER 50  458 458 SER SER A . n 
A 1 51  ASN 51  459 459 ASN ASN A . n 
A 1 52  PRO 52  460 460 PRO PRO A . n 
A 1 53  CYS 53  461 461 CYS CYS A . n 
A 1 54  GLN 54  462 462 GLN GLN A . n 
A 1 55  ASN 55  463 463 ASN ASN A . n 
A 1 56  ASP 56  464 464 ASP ASP A . n 
A 1 57  ALA 57  465 465 ALA ALA A . n 
A 1 58  THR 58  466 466 THR THR A . n 
A 1 59  CYS 59  467 467 CYS CYS A . n 
A 1 60  LEU 60  468 468 LEU LEU A . n 
A 1 61  ASP 61  469 469 ASP ASP A . n 
A 1 62  GLN 62  470 470 GLN GLN A . n 
A 1 63  ILE 63  471 471 ILE ILE A . n 
A 1 64  GLY 64  472 472 GLY GLY A . n 
A 1 65  GLU 65  473 473 GLU GLU A . n 
A 1 66  PHE 66  474 474 PHE PHE A . n 
A 1 67  GLN 67  475 475 GLN GLN A . n 
A 1 68  CYS 68  476 476 CYS CYS A . n 
A 1 69  ILE 69  477 477 ILE ILE A . n 
A 1 70  CYS 70  478 478 CYS CYS A . n 
A 1 71  MET 71  479 479 MET MET A . n 
A 1 72  PRO 72  480 480 PRO PRO A . n 
A 1 73  GLY 73  481 481 GLY GLY A . n 
A 1 74  TYR 74  482 482 TYR TYR A . n 
A 1 75  GLU 75  483 483 GLU GLU A . n 
A 1 76  GLY 76  484 484 GLY GLY A . n 
A 1 77  VAL 77  485 485 VAL VAL A . n 
A 1 78  HIS 78  486 486 HIS HIS A . n 
A 1 79  CYS 79  487 487 CYS CYS A . n 
A 1 80  GLU 80  488 488 GLU GLU A . n 
A 1 81  VAL 81  489 489 VAL VAL A . n 
A 1 82  ASN 82  490 490 ASN ASN A . n 
A 1 83  THR 83  491 491 THR THR A . n 
A 1 84  ASP 84  492 492 ASP ASP A . n 
A 1 85  GLU 85  493 493 GLU GLU A . n 
A 1 86  CYS 86  494 494 CYS CYS A . n 
A 1 87  ALA 87  495 495 ALA ALA A . n 
A 1 88  SER 88  496 496 SER SER A . n 
A 1 89  SER 89  497 497 SER SER A . n 
A 1 90  PRO 90  498 498 PRO PRO A . n 
A 1 91  CYS 91  499 499 CYS CYS A . n 
A 1 92  LEU 92  500 500 LEU LEU A . n 
A 1 93  HIS 93  501 501 HIS HIS A . n 
A 1 94  ASN 94  502 502 ASN ASN A . n 
A 1 95  GLY 95  503 503 GLY GLY A . n 
A 1 96  ARG 96  504 504 ARG ARG A . n 
A 1 97  CYS 97  505 505 CYS CYS A . n 
A 1 98  LEU 98  506 506 LEU LEU A . n 
A 1 99  ASP 99  507 507 ASP ASP A . n 
A 1 100 LYS 100 508 508 LYS LYS A . n 
A 1 101 ILE 101 509 509 ILE ILE A . n 
A 1 102 ASN 102 510 510 ASN ASN A . n 
A 1 103 GLU 103 511 511 GLU GLU A . n 
A 1 104 PHE 104 512 512 PHE PHE A . n 
A 1 105 GLN 105 513 513 GLN GLN A . n 
A 1 106 CYS 106 514 514 CYS CYS A . n 
A 1 107 GLU 107 515 515 GLU GLU A . n 
A 1 108 CYS 108 516 516 CYS CYS A . n 
A 1 109 PRO 109 517 517 PRO PRO A . n 
A 1 110 THR 110 518 518 THR THR A . n 
A 1 111 GLY 111 519 519 GLY GLY A . n 
A 1 112 PHE 112 520 520 PHE PHE A . n 
A 1 113 THR 113 521 521 THR THR A . n 
A 1 114 GLY 114 522 522 GLY GLY A . n 
A 1 115 HIS 115 523 523 HIS HIS A . n 
A 1 116 LEU 116 524 524 LEU LEU A . n 
A 1 117 CYS 117 525 525 CYS CYS A . n 
A 1 118 GLN 118 526 526 GLN GLN A . n 
A 1 119 VAL 119 527 527 VAL VAL A . n 
A 1 120 ASP 120 528 528 ASP ASP A . n 
A 1 121 LEU 121 529 529 LEU LEU A . n 
A 1 122 HIS 122 530 530 HIS HIS A . n 
A 1 123 HIS 123 531 531 HIS HIS A . n 
A 1 124 ILE 124 532 532 ILE ILE A . n 
A 1 125 LEU 125 533 533 LEU LEU A . n 
A 1 126 ASP 126 534 ?   ?   ?   A . n 
A 1 127 ALA 127 535 ?   ?   ?   A . n 
A 1 128 GLN 128 536 ?   ?   ?   A . n 
A 1 129 LYS 129 537 ?   ?   ?   A . n 
A 1 130 MET 130 538 ?   ?   ?   A . n 
A 1 131 VAL 131 539 ?   ?   ?   A . n 
A 1 132 TRP 132 540 ?   ?   ?   A . n 
A 1 133 ASN 133 541 ?   ?   ?   A . n 
A 1 134 HIS 134 542 ?   ?   ?   A . n 
A 1 135 ARG 135 543 ?   ?   ?   A . n 
# 
loop_
_pdbx_nonpoly_scheme.asym_id 
_pdbx_nonpoly_scheme.entity_id 
_pdbx_nonpoly_scheme.mon_id 
_pdbx_nonpoly_scheme.ndb_seq_num 
_pdbx_nonpoly_scheme.pdb_seq_num 
_pdbx_nonpoly_scheme.auth_seq_num 
_pdbx_nonpoly_scheme.pdb_mon_id 
_pdbx_nonpoly_scheme.auth_mon_id 
_pdbx_nonpoly_scheme.pdb_strand_id 
_pdbx_nonpoly_scheme.pdb_ins_code 
B 2 FUC 1  1    1    FUC FUC A . 
C 3 CA  1  1531 1531 CA  CA  A . 
D 3 CA  1  1532 1532 CA  CA  A . 
E 3 CA  1  1533 1533 CA  CA  A . 
F 3 CA  1  1534 1534 CA  CA  A . 
G 4 HOH 1  2001 2001 HOH HOH A . 
G 4 HOH 2  2002 2002 HOH HOH A . 
G 4 HOH 3  2003 2003 HOH HOH A . 
G 4 HOH 4  2004 2004 HOH HOH A . 
G 4 HOH 5  2005 2005 HOH HOH A . 
G 4 HOH 6  2006 2006 HOH HOH A . 
G 4 HOH 7  2007 2007 HOH HOH A . 
G 4 HOH 8  2008 2008 HOH HOH A . 
G 4 HOH 9  2009 2009 HOH HOH A . 
G 4 HOH 10 2010 2010 HOH HOH A . 
G 4 HOH 11 2011 2011 HOH HOH A . 
G 4 HOH 12 2012 2012 HOH HOH A . 
G 4 HOH 13 2013 2013 HOH HOH A . 
G 4 HOH 14 2014 2014 HOH HOH A . 
G 4 HOH 15 2015 2015 HOH HOH A . 
G 4 HOH 16 2016 2016 HOH HOH A . 
G 4 HOH 17 2017 2017 HOH HOH A . 
G 4 HOH 18 2018 2018 HOH HOH A . 
G 4 HOH 19 2019 2019 HOH HOH A . 
G 4 HOH 20 2020 2020 HOH HOH A . 
G 4 HOH 21 2021 2021 HOH HOH A . 
G 4 HOH 22 2022 2022 HOH HOH A . 
G 4 HOH 23 2023 2023 HOH HOH A . 
G 4 HOH 24 2024 2024 HOH HOH A . 
G 4 HOH 25 2025 2025 HOH HOH A . 
G 4 HOH 26 2026 2026 HOH HOH A . 
G 4 HOH 27 2027 2027 HOH HOH A . 
G 4 HOH 28 2028 2028 HOH HOH A . 
G 4 HOH 29 2029 2029 HOH HOH A . 
G 4 HOH 30 2030 2030 HOH HOH A . 
G 4 HOH 31 2031 2031 HOH HOH A . 
G 4 HOH 32 2032 2032 HOH HOH A . 
G 4 HOH 33 2033 2033 HOH HOH A . 
G 4 HOH 34 2034 2034 HOH HOH A . 
G 4 HOH 35 2035 2035 HOH HOH A . 
G 4 HOH 36 2036 2036 HOH HOH A . 
G 4 HOH 37 2037 2037 HOH HOH A . 
G 4 HOH 38 2038 2038 HOH HOH A . 
G 4 HOH 39 2039 2039 HOH HOH A . 
G 4 HOH 40 2040 2040 HOH HOH A . 
G 4 HOH 41 2041 2041 HOH HOH A . 
G 4 HOH 42 2042 2042 HOH HOH A . 
G 4 HOH 43 2043 2043 HOH HOH A . 
G 4 HOH 44 2044 2044 HOH HOH A . 
G 4 HOH 45 2045 2045 HOH HOH A . 
G 4 HOH 46 2046 2046 HOH HOH A . 
G 4 HOH 47 2047 2047 HOH HOH A . 
G 4 HOH 48 2048 2048 HOH HOH A . 
G 4 HOH 49 2049 2049 HOH HOH A . 
G 4 HOH 50 2050 2050 HOH HOH A . 
G 4 HOH 51 2051 2051 HOH HOH A . 
G 4 HOH 52 2052 2052 HOH HOH A . 
G 4 HOH 53 2053 2053 HOH HOH A . 
G 4 HOH 54 2054 2054 HOH HOH A . 
G 4 HOH 55 2055 2055 HOH HOH A . 
G 4 HOH 56 2056 2056 HOH HOH A . 
# 
loop_
_software.name 
_software.classification 
_software.version 
_software.citation_id 
_software.pdbx_ordinal 
REFMAC refinement       5.6.0117 ? 1 
xia2   'data reduction' .        ? 2 
xia2   'data scaling'   .        ? 3 
REFMAC phasing          .        ? 4 
# 
_cell.entry_id           4CUD 
_cell.length_a           28.290 
_cell.length_b           28.290 
_cell.length_c           282.732 
_cell.angle_alpha        90.00 
_cell.angle_beta         90.00 
_cell.angle_gamma        120.00 
_cell.Z_PDB              6 
_cell.pdbx_unique_axis   ? 
# 
_symmetry.entry_id                         4CUD 
_symmetry.space_group_name_H-M             'P 31 2 1' 
_symmetry.pdbx_full_space_group_name_H-M   ? 
_symmetry.cell_setting                     ? 
_symmetry.Int_Tables_number                152 
# 
_exptl.entry_id          4CUD 
_exptl.method            'X-RAY DIFFRACTION' 
_exptl.crystals_number   1 
# 
_exptl_crystal.id                    1 
_exptl_crystal.density_meas          ? 
_exptl_crystal.density_Matthews      2.21 
_exptl_crystal.density_percent_sol   44.3 
_exptl_crystal.description           NONE 
# 
_exptl_crystal_grow.crystal_id      1 
_exptl_crystal_grow.method          ? 
_exptl_crystal_grow.temp            ? 
_exptl_crystal_grow.temp_details    ? 
_exptl_crystal_grow.pH              6.0 
_exptl_crystal_grow.pdbx_pH_range   ? 
_exptl_crystal_grow.pdbx_details    'pH 6.0' 
# 
_diffrn.id                     1 
_diffrn.ambient_temp           100 
_diffrn.ambient_temp_details   ? 
_diffrn.crystal_id             1 
# 
_diffrn_detector.diffrn_id              1 
_diffrn_detector.detector               PIXEL 
_diffrn_detector.type                   'DECTRIS PILATUS 6M' 
_diffrn_detector.pdbx_collection_date   2012-03-09 
_diffrn_detector.details                ? 
# 
_diffrn_radiation.diffrn_id                        1 
_diffrn_radiation.wavelength_id                    1 
_diffrn_radiation.pdbx_monochromatic_or_laue_m_l   M 
_diffrn_radiation.monochromator                    ? 
_diffrn_radiation.pdbx_diffrn_protocol             'SINGLE WAVELENGTH' 
_diffrn_radiation.pdbx_scattering_type             x-ray 
# 
_diffrn_radiation_wavelength.id           1 
_diffrn_radiation_wavelength.wavelength   0.917 
_diffrn_radiation_wavelength.wt           1.0 
# 
_diffrn_source.diffrn_id                   1 
_diffrn_source.source                      SYNCHROTRON 
_diffrn_source.type                        'DIAMOND BEAMLINE I04-1' 
_diffrn_source.pdbx_synchrotron_site       Diamond 
_diffrn_source.pdbx_synchrotron_beamline   I04-1 
_diffrn_source.pdbx_wavelength             0.917 
_diffrn_source.pdbx_wavelength_list        ? 
# 
_reflns.pdbx_diffrn_id               1 
_reflns.pdbx_ordinal                 1 
_reflns.entry_id                     4CUD 
_reflns.observed_criterion_sigma_I   0.0 
_reflns.observed_criterion_sigma_F   ? 
_reflns.d_resolution_low             24.14 
_reflns.d_resolution_high            1.85 
_reflns.number_obs                   10837 
_reflns.number_all                   ? 
_reflns.percent_possible_obs         93.5 
_reflns.pdbx_Rmerge_I_obs            0.07 
_reflns.pdbx_Rsym_value              ? 
_reflns.pdbx_netI_over_sigmaI        0.00 
_reflns.B_iso_Wilson_estimate        ? 
_reflns.pdbx_redundancy              3.3 
# 
_reflns_shell.pdbx_diffrn_id         1 
_reflns_shell.pdbx_ordinal           1 
_reflns_shell.d_res_high             1.85 
_reflns_shell.d_res_low              1.90 
_reflns_shell.percent_possible_all   95.3 
_reflns_shell.Rmerge_I_obs           0.42 
_reflns_shell.pdbx_Rsym_value        ? 
_reflns_shell.meanI_over_sigI_obs    3.00 
_reflns_shell.pdbx_redundancy        5.2 
# 
_refine.pdbx_refine_id                           'X-RAY DIFFRACTION' 
_refine.entry_id                                 4CUD 
_refine.pdbx_diffrn_id                           1 
_refine.pdbx_TLS_residual_ADP_flag               ? 
_refine.ls_number_reflns_obs                     10837 
_refine.ls_number_reflns_all                     ? 
_refine.pdbx_ls_sigma_I                          ? 
_refine.pdbx_ls_sigma_F                          . 
_refine.pdbx_data_cutoff_high_absF               ? 
_refine.pdbx_data_cutoff_low_absF                ? 
_refine.pdbx_data_cutoff_high_rms_absF           ? 
_refine.ls_d_res_low                             24.14 
_refine.ls_d_res_high                            1.85 
_refine.ls_percent_reflns_obs                    91.94 
_refine.ls_R_factor_obs                          0.22572 
_refine.ls_R_factor_all                          ? 
_refine.ls_R_factor_R_work                       0.22406 
_refine.ls_R_factor_R_free                       0.25992 
_refine.ls_R_factor_R_free_error                 ? 
_refine.ls_R_factor_R_free_error_details         ? 
_refine.ls_percent_reflns_R_free                 4.7 
_refine.ls_number_reflns_R_free                  540 
_refine.ls_number_parameters                     ? 
_refine.ls_number_restraints                     ? 
_refine.occupancy_min                            ? 
_refine.occupancy_max                            ? 
_refine.correlation_coeff_Fo_to_Fc               0.933 
_refine.correlation_coeff_Fo_to_Fc_free          0.900 
_refine.B_iso_mean                               23.172 
_refine.aniso_B[1][1]                            0.01 
_refine.aniso_B[2][2]                            0.01 
_refine.aniso_B[3][3]                            -0.02 
_refine.aniso_B[1][2]                            0.01 
_refine.aniso_B[1][3]                            0.00 
_refine.aniso_B[2][3]                            0.00 
_refine.solvent_model_details                    MASK 
_refine.solvent_model_param_ksol                 ? 
_refine.solvent_model_param_bsol                 ? 
_refine.pdbx_solvent_vdw_probe_radii             1.20 
_refine.pdbx_solvent_ion_probe_radii             0.80 
_refine.pdbx_solvent_shrinkage_radii             0.80 
_refine.pdbx_ls_cross_valid_method               THROUGHOUT 
_refine.details                                  'HYDROGENS HAVE BEEN ADDED IN THE RIDING POSITIONS.' 
_refine.pdbx_starting_model                      'PDB ENTRY 2VJ3' 
_refine.pdbx_method_to_determine_struct          'MOLECULAR REPLACEMENT' 
_refine.pdbx_isotropic_thermal_model             ? 
_refine.pdbx_stereochemistry_target_values       'MAXIMUM LIKELIHOOD' 
_refine.pdbx_stereochem_target_val_spec_case     ? 
_refine.pdbx_R_Free_selection_details            RANDOM 
_refine.pdbx_overall_ESU_R                       0.164 
_refine.pdbx_overall_ESU_R_Free                  0.151 
_refine.overall_SU_ML                            0.101 
_refine.pdbx_overall_phase_error                 ? 
_refine.overall_SU_B                             3.319 
_refine.overall_SU_R_Cruickshank_DPI             ? 
_refine.pdbx_overall_SU_R_free_Cruickshank_DPI   ? 
_refine.pdbx_overall_SU_R_Blow_DPI               ? 
_refine.pdbx_overall_SU_R_free_Blow_DPI          ? 
# 
_refine_hist.pdbx_refine_id                   'X-RAY DIFFRACTION' 
_refine_hist.cycle_id                         LAST 
_refine_hist.pdbx_number_atoms_protein        914 
_refine_hist.pdbx_number_atoms_nucleic_acid   0 
_refine_hist.pdbx_number_atoms_ligand         14 
_refine_hist.number_atoms_solvent             56 
_refine_hist.number_atoms_total               984 
_refine_hist.d_res_high                       1.85 
_refine_hist.d_res_low                        24.14 
# 
loop_
_refine_ls_restr.type 
_refine_ls_restr.dev_ideal 
_refine_ls_restr.dev_ideal_target 
_refine_ls_restr.weight 
_refine_ls_restr.number 
_refine_ls_restr.pdbx_refine_id 
_refine_ls_restr.pdbx_restraint_function 
r_bond_refined_d             0.006  0.020  ? 951  'X-RAY DIFFRACTION' ? 
r_bond_other_d               ?      ?      ? ?    'X-RAY DIFFRACTION' ? 
r_angle_refined_deg          1.112  1.956  ? 1297 'X-RAY DIFFRACTION' ? 
r_angle_other_deg            ?      ?      ? ?    'X-RAY DIFFRACTION' ? 
r_dihedral_angle_1_deg       5.623  5.000  ? 121  'X-RAY DIFFRACTION' ? 
r_dihedral_angle_2_deg       39.396 26.667 ? 48   'X-RAY DIFFRACTION' ? 
r_dihedral_angle_3_deg       11.661 15.000 ? 146  'X-RAY DIFFRACTION' ? 
r_dihedral_angle_4_deg       24.570 15.000 ? 2    'X-RAY DIFFRACTION' ? 
r_chiral_restr               0.072  0.200  ? 142  'X-RAY DIFFRACTION' ? 
r_gen_planes_refined         0.004  0.021  ? 734  'X-RAY DIFFRACTION' ? 
r_gen_planes_other           ?      ?      ? ?    'X-RAY DIFFRACTION' ? 
r_nbd_refined                0.215  0.2    ? 454  'X-RAY DIFFRACTION' ? 
r_nbd_other                  ?      ?      ? ?    'X-RAY DIFFRACTION' ? 
r_nbtor_refined              0.032  0.2    ? 660  'X-RAY DIFFRACTION' ? 
r_nbtor_other                ?      ?      ? ?    'X-RAY DIFFRACTION' ? 
r_xyhbond_nbd_refined        0.082  0.2    ? 26   'X-RAY DIFFRACTION' ? 
r_xyhbond_nbd_other          ?      ?      ? ?    'X-RAY DIFFRACTION' ? 
r_metal_ion_refined          0.096  0.2    ? 14   'X-RAY DIFFRACTION' ? 
r_metal_ion_other            ?      ?      ? ?    'X-RAY DIFFRACTION' ? 
r_symmetry_vdw_refined       0.22   0.2    ? 50   'X-RAY DIFFRACTION' ? 
r_symmetry_vdw_other         ?      ?      ? ?    'X-RAY DIFFRACTION' ? 
r_symmetry_hbond_refined     0.107  0.2    ? 7    'X-RAY DIFFRACTION' ? 
r_symmetry_hbond_other       ?      ?      ? ?    'X-RAY DIFFRACTION' ? 
r_symmetry_metal_ion_refined 0.064  0.2    ? 1    'X-RAY DIFFRACTION' ? 
r_symmetry_metal_ion_other   ?      ?      ? ?    'X-RAY DIFFRACTION' ? 
r_mcbond_it                  ?      ?      ? ?    'X-RAY DIFFRACTION' ? 
r_mcbond_other               ?      ?      ? ?    'X-RAY DIFFRACTION' ? 
r_mcangle_it                 ?      ?      ? ?    'X-RAY DIFFRACTION' ? 
r_mcangle_other              ?      ?      ? ?    'X-RAY DIFFRACTION' ? 
r_scbond_it                  ?      ?      ? ?    'X-RAY DIFFRACTION' ? 
r_scbond_other               ?      ?      ? ?    'X-RAY DIFFRACTION' ? 
r_scangle_it                 ?      ?      ? ?    'X-RAY DIFFRACTION' ? 
r_scangle_other              ?      ?      ? ?    'X-RAY DIFFRACTION' ? 
r_long_range_B_refined       ?      ?      ? ?    'X-RAY DIFFRACTION' ? 
r_long_range_B_other         ?      ?      ? ?    'X-RAY DIFFRACTION' ? 
r_rigid_bond_restr           ?      ?      ? ?    'X-RAY DIFFRACTION' ? 
r_sphericity_free            ?      ?      ? ?    'X-RAY DIFFRACTION' ? 
r_sphericity_bonded          ?      ?      ? ?    'X-RAY DIFFRACTION' ? 
# 
_refine_ls_shell.pdbx_refine_id                   'X-RAY DIFFRACTION' 
_refine_ls_shell.pdbx_total_number_of_bins_used   20 
_refine_ls_shell.d_res_high                       1.850 
_refine_ls_shell.d_res_low                        1.898 
_refine_ls_shell.number_reflns_R_work             684 
_refine_ls_shell.R_factor_R_work                  0.288 
_refine_ls_shell.percent_reflns_obs               92.78 
_refine_ls_shell.R_factor_R_free                  0.354 
_refine_ls_shell.R_factor_R_free_error            ? 
_refine_ls_shell.percent_reflns_R_free            ? 
_refine_ls_shell.number_reflns_R_free             36 
_refine_ls_shell.number_reflns_all                ? 
_refine_ls_shell.R_factor_all                     ? 
# 
_struct.entry_id                  4CUD 
_struct.title                     'Human Notch1 EGF domains 11-13 mutant fucosylated at T466' 
_struct.pdbx_model_details        ? 
_struct.pdbx_CASP_flag            ? 
_struct.pdbx_model_type_details   ? 
# 
_struct_keywords.entry_id        4CUD 
_struct_keywords.pdbx_keywords   TRANSCRIPTION 
_struct_keywords.text            
;TRANSCRIPTION, METAL-BINDING, TRANSMEMBRANE, DEVELOPMENTAL, PROTEIN, NOTCH SIGNALING PATHWAY, DIFFERENTIATION, PHOSPHORYLATION, EGF-LIKE DOMAIN, REGULATION, RECEPTOR, ACTIVATOR, ANK REPEAT, SIGNALLING, GLYCOPROTEIN, EXTRACELLULAR, EGF, JAGGED, NUCLEUS, MEMBRANE
;
# 
loop_
_struct_asym.id 
_struct_asym.pdbx_blank_PDB_chainid_flag 
_struct_asym.pdbx_modified 
_struct_asym.entity_id 
_struct_asym.details 
A N N 1 ? 
B N N 2 ? 
C N N 3 ? 
D N N 3 ? 
E N N 3 ? 
F N N 3 ? 
G N N 4 ? 
# 
_struct_ref.id                         1 
_struct_ref.db_name                    UNP 
_struct_ref.db_code                    NOTC1_HUMAN 
_struct_ref.entity_id                  1 
_struct_ref.pdbx_seq_one_letter_code   ? 
_struct_ref.pdbx_align_begin           ? 
_struct_ref.pdbx_db_accession          P46531 
_struct_ref.pdbx_db_isoform            ? 
# 
_struct_ref_seq.align_id                      1 
_struct_ref_seq.ref_id                        1 
_struct_ref_seq.pdbx_PDB_id_code              4CUD 
_struct_ref_seq.pdbx_strand_id                A 
_struct_ref_seq.seq_align_beg                 2 
_struct_ref_seq.pdbx_seq_align_beg_ins_code   ? 
_struct_ref_seq.seq_align_end                 118 
_struct_ref_seq.pdbx_seq_align_end_ins_code   ? 
_struct_ref_seq.pdbx_db_accession             P46531 
_struct_ref_seq.db_align_beg                  410 
_struct_ref_seq.pdbx_db_align_beg_ins_code    ? 
_struct_ref_seq.db_align_end                  526 
_struct_ref_seq.pdbx_db_align_end_ins_code    ? 
_struct_ref_seq.pdbx_auth_seq_align_beg       410 
_struct_ref_seq.pdbx_auth_seq_align_end       526 
# 
loop_
_struct_ref_seq_dif.align_id 
_struct_ref_seq_dif.pdbx_pdb_id_code 
_struct_ref_seq_dif.mon_id 
_struct_ref_seq_dif.pdbx_pdb_strand_id 
_struct_ref_seq_dif.seq_num 
_struct_ref_seq_dif.pdbx_pdb_ins_code 
_struct_ref_seq_dif.pdbx_seq_db_name 
_struct_ref_seq_dif.pdbx_seq_db_accession_code 
_struct_ref_seq_dif.db_mon_id 
_struct_ref_seq_dif.pdbx_seq_db_seq_num 
_struct_ref_seq_dif.details 
_struct_ref_seq_dif.pdbx_auth_seq_num 
_struct_ref_seq_dif.pdbx_ordinal 
1 4CUD SER A 1   ? UNP P46531 ? ? 'expression tag' 409 1  
1 4CUD VAL A 119 ? UNP P46531 ? ? 'expression tag' 527 2  
1 4CUD ASP A 120 ? UNP P46531 ? ? 'expression tag' 528 3  
1 4CUD LEU A 121 ? UNP P46531 ? ? 'expression tag' 529 4  
1 4CUD HIS A 122 ? UNP P46531 ? ? 'expression tag' 530 5  
1 4CUD HIS A 123 ? UNP P46531 ? ? 'expression tag' 531 6  
1 4CUD ILE A 124 ? UNP P46531 ? ? 'expression tag' 532 7  
1 4CUD LEU A 125 ? UNP P46531 ? ? 'expression tag' 533 8  
1 4CUD ASP A 126 ? UNP P46531 ? ? 'expression tag' 534 9  
1 4CUD ALA A 127 ? UNP P46531 ? ? 'expression tag' 535 10 
1 4CUD GLN A 128 ? UNP P46531 ? ? 'expression tag' 536 11 
1 4CUD LYS A 129 ? UNP P46531 ? ? 'expression tag' 537 12 
1 4CUD MET A 130 ? UNP P46531 ? ? 'expression tag' 538 13 
1 4CUD VAL A 131 ? UNP P46531 ? ? 'expression tag' 539 14 
1 4CUD TRP A 132 ? UNP P46531 ? ? 'expression tag' 540 15 
1 4CUD ASN A 133 ? UNP P46531 ? ? 'expression tag' 541 16 
1 4CUD HIS A 134 ? UNP P46531 ? ? 'expression tag' 542 17 
1 4CUD ARG A 135 ? UNP P46531 ? ? 'expression tag' 543 18 
# 
_pdbx_struct_assembly.id                   1 
_pdbx_struct_assembly.details              author_and_software_defined_assembly 
_pdbx_struct_assembly.method_details       PISA 
_pdbx_struct_assembly.oligomeric_details   dimeric 
_pdbx_struct_assembly.oligomeric_count     2 
# 
loop_
_pdbx_struct_assembly_prop.biol_id 
_pdbx_struct_assembly_prop.type 
_pdbx_struct_assembly_prop.value 
_pdbx_struct_assembly_prop.details 
1 'ABSA (A^2)' 2210  ? 
1 MORE         -45.3 ? 
1 'SSA (A^2)'  15120 ? 
# 
_pdbx_struct_assembly_gen.assembly_id       1 
_pdbx_struct_assembly_gen.oper_expression   1,2 
_pdbx_struct_assembly_gen.asym_id_list      A,B,C,D,E,F,G 
# 
loop_
_pdbx_struct_oper_list.id 
_pdbx_struct_oper_list.type 
_pdbx_struct_oper_list.name 
_pdbx_struct_oper_list.symmetry_operation 
_pdbx_struct_oper_list.matrix[1][1] 
_pdbx_struct_oper_list.matrix[1][2] 
_pdbx_struct_oper_list.matrix[1][3] 
_pdbx_struct_oper_list.vector[1] 
_pdbx_struct_oper_list.matrix[2][1] 
_pdbx_struct_oper_list.matrix[2][2] 
_pdbx_struct_oper_list.matrix[2][3] 
_pdbx_struct_oper_list.vector[2] 
_pdbx_struct_oper_list.matrix[3][1] 
_pdbx_struct_oper_list.matrix[3][2] 
_pdbx_struct_oper_list.matrix[3][3] 
_pdbx_struct_oper_list.vector[3] 
1 'identity operation'         1_555 x,y,z      1.0000000000  0.0000000000 0.0000000000 0.0000000000  0.0000000000 1.0000000000  0.0000000000 0.0000000000  0.0000000000 0.0000000000 1.0000000000 0.0000000000   
2 'crystal symmetry operation' 4_645 y+1,x-1,-z -0.3303919243 0.2776298386 0.9020880495 27.6232118300 0.2776298386 -0.8848903858 0.3740196224 29.1176835661 0.9020880495 0.3740196224 0.2152823100 -29.4657085014 
# 
_struct_conf.conf_type_id            HELX_P 
_struct_conf.id                      HELX_P1 
_struct_conf.pdbx_PDB_helix_id       1 
_struct_conf.beg_label_comp_id       ASP 
_struct_conf.beg_label_asym_id       A 
_struct_conf.beg_label_seq_id        6 
_struct_conf.pdbx_beg_PDB_ins_code   ? 
_struct_conf.end_label_comp_id       LEU 
_struct_conf.end_label_asym_id       A 
_struct_conf.end_label_seq_id        10 
_struct_conf.pdbx_end_PDB_ins_code   ? 
_struct_conf.beg_auth_comp_id        ASP 
_struct_conf.beg_auth_asym_id        A 
_struct_conf.beg_auth_seq_id         414 
_struct_conf.end_auth_comp_id        LEU 
_struct_conf.end_auth_asym_id        A 
_struct_conf.end_auth_seq_id         418 
_struct_conf.pdbx_PDB_helix_class    5 
_struct_conf.details                 ? 
_struct_conf.pdbx_PDB_helix_length   5 
# 
_struct_conf_type.id          HELX_P 
_struct_conf_type.criteria    ? 
_struct_conf_type.reference   ? 
# 
loop_
_struct_conn.id 
_struct_conn.conn_type_id 
_struct_conn.pdbx_leaving_atom_flag 
_struct_conn.pdbx_PDB_id 
_struct_conn.ptnr1_label_asym_id 
_struct_conn.ptnr1_label_comp_id 
_struct_conn.ptnr1_label_seq_id 
_struct_conn.ptnr1_label_atom_id 
_struct_conn.pdbx_ptnr1_label_alt_id 
_struct_conn.pdbx_ptnr1_PDB_ins_code 
_struct_conn.pdbx_ptnr1_standard_comp_id 
_struct_conn.ptnr1_symmetry 
_struct_conn.ptnr2_label_asym_id 
_struct_conn.ptnr2_label_comp_id 
_struct_conn.ptnr2_label_seq_id 
_struct_conn.ptnr2_label_atom_id 
_struct_conn.pdbx_ptnr2_label_alt_id 
_struct_conn.pdbx_ptnr2_PDB_ins_code 
_struct_conn.ptnr1_auth_asym_id 
_struct_conn.ptnr1_auth_comp_id 
_struct_conn.ptnr1_auth_seq_id 
_struct_conn.ptnr2_auth_asym_id 
_struct_conn.ptnr2_auth_comp_id 
_struct_conn.ptnr2_auth_seq_id 
_struct_conn.ptnr2_symmetry 
_struct_conn.pdbx_ptnr3_label_atom_id 
_struct_conn.pdbx_ptnr3_label_seq_id 
_struct_conn.pdbx_ptnr3_label_comp_id 
_struct_conn.pdbx_ptnr3_label_asym_id 
_struct_conn.pdbx_ptnr3_label_alt_id 
_struct_conn.pdbx_ptnr3_PDB_ins_code 
_struct_conn.details 
_struct_conn.pdbx_dist_value 
_struct_conn.pdbx_value_order 
_struct_conn.pdbx_role 
disulf1  disulf ?   ? A CYS 8   SG  ? ? ? 1_555 A CYS 21  SG  ? ? A CYS 416  A CYS 429  1_555 ? ? ? ? ? ? ? 2.042 ? ? 
disulf2  disulf ?   ? A CYS 15  SG  ? ? ? 1_555 A CYS 30  SG  ? ? A CYS 423  A CYS 438  1_555 ? ? ? ? ? ? ? 2.033 ? ? 
disulf3  disulf ?   ? A CYS 32  SG  ? ? ? 1_555 A CYS 41  SG  ? ? A CYS 440  A CYS 449  1_555 ? ? ? ? ? ? ? 2.041 ? ? 
disulf4  disulf ?   ? A CYS 48  SG  ? ? ? 1_555 A CYS 59  SG  ? ? A CYS 456  A CYS 467  1_555 ? ? ? ? ? ? ? 2.038 ? ? 
disulf5  disulf ?   ? A CYS 53  SG  ? ? ? 1_555 A CYS 68  SG  ? ? A CYS 461  A CYS 476  1_555 ? ? ? ? ? ? ? 2.020 ? ? 
disulf6  disulf ?   ? A CYS 70  SG  ? ? ? 1_555 A CYS 79  SG  ? ? A CYS 478  A CYS 487  1_555 ? ? ? ? ? ? ? 2.045 ? ? 
disulf7  disulf ?   ? A CYS 86  SG  ? ? ? 1_555 A CYS 97  SG  ? ? A CYS 494  A CYS 505  1_555 ? ? ? ? ? ? ? 2.034 ? ? 
disulf8  disulf ?   ? A CYS 91  SG  ? ? ? 1_555 A CYS 106 SG  ? ? A CYS 499  A CYS 514  1_555 ? ? ? ? ? ? ? 2.031 ? ? 
disulf9  disulf ?   ? A CYS 108 SG  ? ? ? 1_555 A CYS 117 SG  ? ? A CYS 516  A CYS 525  1_555 ? ? ? ? ? ? ? 2.029 ? ? 
covale1  covale one ? B FUC .   C1  ? ? ? 1_555 A THR 58  OG1 ? ? A FUC 1    A THR 466  1_555 ? ? ? ? ? ? ? 1.450 ? 
O-Glycosylation 
metalc1  metalc ?   ? A ASP 4   OD1 ? ? ? 1_555 E CA  .   CA  ? ? A ASP 412  A CA  1533 1_555 ? ? ? ? ? ? ? 2.597 ? ? 
metalc2  metalc ?   ? A ASP 4   OD2 ? ? ? 1_555 E CA  .   CA  ? ? A ASP 412  A CA  1533 1_555 ? ? ? ? ? ? ? 3.131 ? ? 
metalc3  metalc ?   ? A VAL 5   O   ? ? ? 1_555 E CA  .   CA  ? ? A VAL 413  A CA  1533 1_555 ? ? ? ? ? ? ? 2.468 ? ? 
metalc4  metalc ?   ? A GLU 7   OE1 ? ? ? 1_555 E CA  .   CA  ? ? A GLU 415  A CA  1533 1_555 ? ? ? ? ? ? ? 2.429 ? ? 
metalc5  metalc ?   ? A ASN 23  OD1 ? ? ? 1_555 E CA  .   CA  ? ? A ASN 431  A CA  1533 1_555 ? ? ? ? ? ? ? 2.309 ? ? 
metalc6  metalc ?   ? A THR 24  O   ? ? ? 1_555 E CA  .   CA  ? ? A THR 432  A CA  1533 1_555 ? ? ? ? ? ? ? 2.385 ? ? 
metalc7  metalc ?   ? A SER 27  O   ? ? ? 1_555 E CA  .   CA  ? ? A SER 435  A CA  1533 1_555 ? ? ? ? ? ? ? 2.408 ? ? 
metalc8  metalc ?   ? A ASP 44  OD1 ? ? ? 1_555 C CA  .   CA  ? ? A ASP 452  A CA  1531 1_555 ? ? ? ? ? ? ? 2.409 ? ? 
metalc9  metalc ?   ? A VAL 45  O   ? ? ? 1_555 C CA  .   CA  ? ? A VAL 453  A CA  1531 1_555 ? ? ? ? ? ? ? 2.292 ? ? 
metalc10 metalc ?   ? A GLU 47  OE1 ? ? ? 1_555 C CA  .   CA  ? ? A GLU 455  A CA  1531 1_555 ? ? ? ? ? ? ? 2.399 ? ? 
metalc11 metalc ?   ? A ASP 61  OD1 ? ? ? 1_555 C CA  .   CA  ? ? A ASP 469  A CA  1531 1_555 ? ? ? ? ? ? ? 2.422 ? ? 
metalc12 metalc ?   ? A GLN 62  O   ? ? ? 1_555 C CA  .   CA  ? ? A GLN 470  A CA  1531 1_555 ? ? ? ? ? ? ? 2.396 ? ? 
metalc13 metalc ?   ? A ASN 82  OD1 ? ? ? 1_555 D CA  .   CA  ? ? A ASN 490  A CA  1532 1_555 ? ? ? ? ? ? ? 2.314 ? ? 
metalc14 metalc ?   ? A THR 83  O   ? ? ? 1_555 D CA  .   CA  ? ? A THR 491  A CA  1532 1_555 ? ? ? ? ? ? ? 2.199 ? ? 
metalc15 metalc ?   ? A GLU 85  OE1 ? ? ? 1_555 D CA  .   CA  ? ? A GLU 493  A CA  1532 1_555 ? ? ? ? ? ? ? 2.337 ? ? 
metalc16 metalc ?   ? A ASP 99  OD1 ? ? ? 1_555 D CA  .   CA  ? ? A ASP 507  A CA  1532 1_555 ? ? ? ? ? ? ? 2.582 ? ? 
metalc17 metalc ?   ? A ASP 99  OD2 ? ? ? 1_555 D CA  .   CA  ? ? A ASP 507  A CA  1532 1_555 ? ? ? ? ? ? ? 2.484 ? ? 
metalc18 metalc ?   ? A LYS 100 O   ? ? ? 1_555 D CA  .   CA  ? ? A LYS 508  A CA  1532 1_555 ? ? ? ? ? ? ? 2.260 ? ? 
metalc19 metalc ?   ? A GLU 103 OE2 ? ? ? 1_555 F CA  .   CA  ? ? A GLU 511  A CA  1534 1_555 ? ? ? ? ? ? ? 2.355 ? ? 
metalc20 metalc ?   ? A GLU 103 OE2 ? ? ? 4_645 F CA  .   CA  ? ? A GLU 511  A CA  1534 1_555 ? ? ? ? ? ? ? 2.357 ? ? 
metalc21 metalc ?   ? A GLU 103 OE1 ? ? ? 4_645 F CA  .   CA  ? ? A GLU 511  A CA  1534 1_555 ? ? ? ? ? ? ? 3.151 ? ? 
metalc22 metalc ?   ? A GLU 103 OE1 ? ? ? 1_555 F CA  .   CA  ? ? A GLU 511  A CA  1534 1_555 ? ? ? ? ? ? ? 3.151 ? ? 
metalc23 metalc ?   ? A HIS 115 NE2 ? ? ? 1_555 F CA  .   CA  ? ? A HIS 523  A CA  1534 1_555 ? ? ? ? ? ? ? 2.682 ? ? 
metalc24 metalc ?   ? A HIS 115 NE2 ? ? ? 4_645 F CA  .   CA  ? ? A HIS 523  A CA  1534 1_555 ? ? ? ? ? ? ? 2.683 ? ? 
metalc25 metalc ?   ? C CA  .   CA  ? ? ? 1_555 G HOH .   O   ? ? A CA  1531 A HOH 2012 1_555 ? ? ? ? ? ? ? 2.409 ? ? 
metalc26 metalc ?   ? C CA  .   CA  ? ? ? 1_555 G HOH .   O   ? ? A CA  1531 A HOH 2015 1_555 ? ? ? ? ? ? ? 2.520 ? ? 
metalc27 metalc ?   ? D CA  .   CA  ? ? ? 1_555 G HOH .   O   ? ? A CA  1532 A HOH 2032 1_555 ? ? ? ? ? ? ? 2.402 ? ? 
metalc28 metalc ?   ? E CA  .   CA  ? ? ? 1_555 G HOH .   O   ? ? A CA  1533 A HOH 2004 1_555 ? ? ? ? ? ? ? 2.459 ? ? 
# 
loop_
_struct_conn_type.id 
_struct_conn_type.criteria 
_struct_conn_type.reference 
disulf ? ? 
covale ? ? 
metalc ? ? 
# 
loop_
_pdbx_struct_conn_angle.id 
_pdbx_struct_conn_angle.ptnr1_label_atom_id 
_pdbx_struct_conn_angle.ptnr1_label_alt_id 
_pdbx_struct_conn_angle.ptnr1_label_asym_id 
_pdbx_struct_conn_angle.ptnr1_label_comp_id 
_pdbx_struct_conn_angle.ptnr1_label_seq_id 
_pdbx_struct_conn_angle.ptnr1_auth_atom_id 
_pdbx_struct_conn_angle.ptnr1_auth_asym_id 
_pdbx_struct_conn_angle.ptnr1_auth_comp_id 
_pdbx_struct_conn_angle.ptnr1_auth_seq_id 
_pdbx_struct_conn_angle.ptnr1_PDB_ins_code 
_pdbx_struct_conn_angle.ptnr1_symmetry 
_pdbx_struct_conn_angle.ptnr2_label_atom_id 
_pdbx_struct_conn_angle.ptnr2_label_alt_id 
_pdbx_struct_conn_angle.ptnr2_label_asym_id 
_pdbx_struct_conn_angle.ptnr2_label_comp_id 
_pdbx_struct_conn_angle.ptnr2_label_seq_id 
_pdbx_struct_conn_angle.ptnr2_auth_atom_id 
_pdbx_struct_conn_angle.ptnr2_auth_asym_id 
_pdbx_struct_conn_angle.ptnr2_auth_comp_id 
_pdbx_struct_conn_angle.ptnr2_auth_seq_id 
_pdbx_struct_conn_angle.ptnr2_PDB_ins_code 
_pdbx_struct_conn_angle.ptnr2_symmetry 
_pdbx_struct_conn_angle.ptnr3_label_atom_id 
_pdbx_struct_conn_angle.ptnr3_label_alt_id 
_pdbx_struct_conn_angle.ptnr3_label_asym_id 
_pdbx_struct_conn_angle.ptnr3_label_comp_id 
_pdbx_struct_conn_angle.ptnr3_label_seq_id 
_pdbx_struct_conn_angle.ptnr3_auth_atom_id 
_pdbx_struct_conn_angle.ptnr3_auth_asym_id 
_pdbx_struct_conn_angle.ptnr3_auth_comp_id 
_pdbx_struct_conn_angle.ptnr3_auth_seq_id 
_pdbx_struct_conn_angle.ptnr3_PDB_ins_code 
_pdbx_struct_conn_angle.ptnr3_symmetry 
_pdbx_struct_conn_angle.value 
_pdbx_struct_conn_angle.value_esd 
1  OD1 ? A ASP 4   ? A ASP 412  ? 1_555 CA ? E CA . ? A CA 1533 ? 1_555 OD2 ? A ASP 4   ? A ASP 412  ? 1_555 43.6  ? 
2  OD1 ? A ASP 4   ? A ASP 412  ? 1_555 CA ? E CA . ? A CA 1533 ? 1_555 O   ? A VAL 5   ? A VAL 413  ? 1_555 79.2  ? 
3  OD2 ? A ASP 4   ? A ASP 412  ? 1_555 CA ? E CA . ? A CA 1533 ? 1_555 O   ? A VAL 5   ? A VAL 413  ? 1_555 72.8  ? 
4  OD1 ? A ASP 4   ? A ASP 412  ? 1_555 CA ? E CA . ? A CA 1533 ? 1_555 OE1 ? A GLU 7   ? A GLU 415  ? 1_555 136.9 ? 
5  OD2 ? A ASP 4   ? A ASP 412  ? 1_555 CA ? E CA . ? A CA 1533 ? 1_555 OE1 ? A GLU 7   ? A GLU 415  ? 1_555 139.2 ? 
6  O   ? A VAL 5   ? A VAL 413  ? 1_555 CA ? E CA . ? A CA 1533 ? 1_555 OE1 ? A GLU 7   ? A GLU 415  ? 1_555 69.0  ? 
7  OD1 ? A ASP 4   ? A ASP 412  ? 1_555 CA ? E CA . ? A CA 1533 ? 1_555 OD1 ? A ASN 23  ? A ASN 431  ? 1_555 123.9 ? 
8  OD2 ? A ASP 4   ? A ASP 412  ? 1_555 CA ? E CA . ? A CA 1533 ? 1_555 OD1 ? A ASN 23  ? A ASN 431  ? 1_555 80.6  ? 
9  O   ? A VAL 5   ? A VAL 413  ? 1_555 CA ? E CA . ? A CA 1533 ? 1_555 OD1 ? A ASN 23  ? A ASN 431  ? 1_555 91.4  ? 
10 OE1 ? A GLU 7   ? A GLU 415  ? 1_555 CA ? E CA . ? A CA 1533 ? 1_555 OD1 ? A ASN 23  ? A ASN 431  ? 1_555 86.2  ? 
11 OD1 ? A ASP 4   ? A ASP 412  ? 1_555 CA ? E CA . ? A CA 1533 ? 1_555 O   ? A THR 24  ? A THR 432  ? 1_555 78.6  ? 
12 OD2 ? A ASP 4   ? A ASP 412  ? 1_555 CA ? E CA . ? A CA 1533 ? 1_555 O   ? A THR 24  ? A THR 432  ? 1_555 72.5  ? 
13 O   ? A VAL 5   ? A VAL 413  ? 1_555 CA ? E CA . ? A CA 1533 ? 1_555 O   ? A THR 24  ? A THR 432  ? 1_555 145.1 ? 
14 OE1 ? A GLU 7   ? A GLU 415  ? 1_555 CA ? E CA . ? A CA 1533 ? 1_555 O   ? A THR 24  ? A THR 432  ? 1_555 142.2 ? 
15 OD1 ? A ASN 23  ? A ASN 431  ? 1_555 CA ? E CA . ? A CA 1533 ? 1_555 O   ? A THR 24  ? A THR 432  ? 1_555 79.1  ? 
16 OD1 ? A ASP 4   ? A ASP 412  ? 1_555 CA ? E CA . ? A CA 1533 ? 1_555 O   ? A SER 27  ? A SER 435  ? 1_555 130.6 ? 
17 OD2 ? A ASP 4   ? A ASP 412  ? 1_555 CA ? E CA . ? A CA 1533 ? 1_555 O   ? A SER 27  ? A SER 435  ? 1_555 144.2 ? 
18 O   ? A VAL 5   ? A VAL 413  ? 1_555 CA ? E CA . ? A CA 1533 ? 1_555 O   ? A SER 27  ? A SER 435  ? 1_555 141.9 ? 
19 OE1 ? A GLU 7   ? A GLU 415  ? 1_555 CA ? E CA . ? A CA 1533 ? 1_555 O   ? A SER 27  ? A SER 435  ? 1_555 73.0  ? 
20 OD1 ? A ASN 23  ? A ASN 431  ? 1_555 CA ? E CA . ? A CA 1533 ? 1_555 O   ? A SER 27  ? A SER 435  ? 1_555 88.6  ? 
21 O   ? A THR 24  ? A THR 432  ? 1_555 CA ? E CA . ? A CA 1533 ? 1_555 O   ? A SER 27  ? A SER 435  ? 1_555 72.0  ? 
22 OD1 ? A ASP 4   ? A ASP 412  ? 1_555 CA ? E CA . ? A CA 1533 ? 1_555 O   ? G HOH .   ? A HOH 2004 ? 1_555 67.1  ? 
23 OD2 ? A ASP 4   ? A ASP 412  ? 1_555 CA ? E CA . ? A CA 1533 ? 1_555 O   ? G HOH .   ? A HOH 2004 ? 1_555 109.1 ? 
24 O   ? A VAL 5   ? A VAL 413  ? 1_555 CA ? E CA . ? A CA 1533 ? 1_555 O   ? G HOH .   ? A HOH 2004 ? 1_555 83.3  ? 
25 OE1 ? A GLU 7   ? A GLU 415  ? 1_555 CA ? E CA . ? A CA 1533 ? 1_555 O   ? G HOH .   ? A HOH 2004 ? 1_555 80.6  ? 
26 OD1 ? A ASN 23  ? A ASN 431  ? 1_555 CA ? E CA . ? A CA 1533 ? 1_555 O   ? G HOH .   ? A HOH 2004 ? 1_555 166.8 ? 
27 O   ? A THR 24  ? A THR 432  ? 1_555 CA ? E CA . ? A CA 1533 ? 1_555 O   ? G HOH .   ? A HOH 2004 ? 1_555 112.0 ? 
28 O   ? A SER 27  ? A SER 435  ? 1_555 CA ? E CA . ? A CA 1533 ? 1_555 O   ? G HOH .   ? A HOH 2004 ? 1_555 88.2  ? 
29 OD1 ? A ASP 44  ? A ASP 452  ? 1_555 CA ? C CA . ? A CA 1531 ? 1_555 O   ? A VAL 45  ? A VAL 453  ? 1_555 76.9  ? 
30 OD1 ? A ASP 44  ? A ASP 452  ? 1_555 CA ? C CA . ? A CA 1531 ? 1_555 OE1 ? A GLU 47  ? A GLU 455  ? 1_555 143.5 ? 
31 O   ? A VAL 45  ? A VAL 453  ? 1_555 CA ? C CA . ? A CA 1531 ? 1_555 OE1 ? A GLU 47  ? A GLU 455  ? 1_555 77.2  ? 
32 OD1 ? A ASP 44  ? A ASP 452  ? 1_555 CA ? C CA . ? A CA 1531 ? 1_555 OD1 ? A ASP 61  ? A ASP 469  ? 1_555 128.0 ? 
33 O   ? A VAL 45  ? A VAL 453  ? 1_555 CA ? C CA . ? A CA 1531 ? 1_555 OD1 ? A ASP 61  ? A ASP 469  ? 1_555 86.5  ? 
34 OE1 ? A GLU 47  ? A GLU 455  ? 1_555 CA ? C CA . ? A CA 1531 ? 1_555 OD1 ? A ASP 61  ? A ASP 469  ? 1_555 75.2  ? 
35 OD1 ? A ASP 44  ? A ASP 452  ? 1_555 CA ? C CA . ? A CA 1531 ? 1_555 O   ? A GLN 62  ? A GLN 470  ? 1_555 123.3 ? 
36 O   ? A VAL 45  ? A VAL 453  ? 1_555 CA ? C CA . ? A CA 1531 ? 1_555 O   ? A GLN 62  ? A GLN 470  ? 1_555 149.2 ? 
37 OE1 ? A GLU 47  ? A GLU 455  ? 1_555 CA ? C CA . ? A CA 1531 ? 1_555 O   ? A GLN 62  ? A GLN 470  ? 1_555 73.6  ? 
38 OD1 ? A ASP 61  ? A ASP 469  ? 1_555 CA ? C CA . ? A CA 1531 ? 1_555 O   ? A GLN 62  ? A GLN 470  ? 1_555 95.3  ? 
39 OD1 ? A ASP 44  ? A ASP 452  ? 1_555 CA ? C CA . ? A CA 1531 ? 1_555 O   ? G HOH .   ? A HOH 2012 ? 1_555 74.7  ? 
40 O   ? A VAL 45  ? A VAL 453  ? 1_555 CA ? C CA . ? A CA 1531 ? 1_555 O   ? G HOH .   ? A HOH 2012 ? 1_555 86.4  ? 
41 OE1 ? A GLU 47  ? A GLU 455  ? 1_555 CA ? C CA . ? A CA 1531 ? 1_555 O   ? G HOH .   ? A HOH 2012 ? 1_555 78.3  ? 
42 OD1 ? A ASP 61  ? A ASP 469  ? 1_555 CA ? C CA . ? A CA 1531 ? 1_555 O   ? G HOH .   ? A HOH 2012 ? 1_555 153.5 ? 
43 O   ? A GLN 62  ? A GLN 470  ? 1_555 CA ? C CA . ? A CA 1531 ? 1_555 O   ? G HOH .   ? A HOH 2012 ? 1_555 78.3  ? 
44 OD1 ? A ASP 44  ? A ASP 452  ? 1_555 CA ? C CA . ? A CA 1531 ? 1_555 O   ? G HOH .   ? A HOH 2015 ? 1_555 76.0  ? 
45 O   ? A VAL 45  ? A VAL 453  ? 1_555 CA ? C CA . ? A CA 1531 ? 1_555 O   ? G HOH .   ? A HOH 2015 ? 1_555 132.2 ? 
46 OE1 ? A GLU 47  ? A GLU 455  ? 1_555 CA ? C CA . ? A CA 1531 ? 1_555 O   ? G HOH .   ? A HOH 2015 ? 1_555 140.2 ? 
47 OD1 ? A ASP 61  ? A ASP 469  ? 1_555 CA ? C CA . ? A CA 1531 ? 1_555 O   ? G HOH .   ? A HOH 2015 ? 1_555 80.2  ? 
48 O   ? A GLN 62  ? A GLN 470  ? 1_555 CA ? C CA . ? A CA 1531 ? 1_555 O   ? G HOH .   ? A HOH 2015 ? 1_555 78.2  ? 
49 O   ? G HOH .   ? A HOH 2012 ? 1_555 CA ? C CA . ? A CA 1531 ? 1_555 O   ? G HOH .   ? A HOH 2015 ? 1_555 122.5 ? 
50 OD1 ? A ASN 82  ? A ASN 490  ? 1_555 CA ? D CA . ? A CA 1532 ? 1_555 O   ? A THR 83  ? A THR 491  ? 1_555 85.1  ? 
51 OD1 ? A ASN 82  ? A ASN 490  ? 1_555 CA ? D CA . ? A CA 1532 ? 1_555 OE1 ? A GLU 85  ? A GLU 493  ? 1_555 152.8 ? 
52 O   ? A THR 83  ? A THR 491  ? 1_555 CA ? D CA . ? A CA 1532 ? 1_555 OE1 ? A GLU 85  ? A GLU 493  ? 1_555 84.2  ? 
53 OD1 ? A ASN 82  ? A ASN 490  ? 1_555 CA ? D CA . ? A CA 1532 ? 1_555 OD1 ? A ASP 99  ? A ASP 507  ? 1_555 133.3 ? 
54 O   ? A THR 83  ? A THR 491  ? 1_555 CA ? D CA . ? A CA 1532 ? 1_555 OD1 ? A ASP 99  ? A ASP 507  ? 1_555 86.2  ? 
55 OE1 ? A GLU 85  ? A GLU 493  ? 1_555 CA ? D CA . ? A CA 1532 ? 1_555 OD1 ? A ASP 99  ? A ASP 507  ? 1_555 70.7  ? 
56 OD1 ? A ASN 82  ? A ASN 490  ? 1_555 CA ? D CA . ? A CA 1532 ? 1_555 OD2 ? A ASP 99  ? A ASP 507  ? 1_555 85.2  ? 
57 O   ? A THR 83  ? A THR 491  ? 1_555 CA ? D CA . ? A CA 1532 ? 1_555 OD2 ? A ASP 99  ? A ASP 507  ? 1_555 98.4  ? 
58 OE1 ? A GLU 85  ? A GLU 493  ? 1_555 CA ? D CA . ? A CA 1532 ? 1_555 OD2 ? A ASP 99  ? A ASP 507  ? 1_555 121.1 ? 
59 OD1 ? A ASP 99  ? A ASP 507  ? 1_555 CA ? D CA . ? A CA 1532 ? 1_555 OD2 ? A ASP 99  ? A ASP 507  ? 1_555 51.0  ? 
60 OD1 ? A ASN 82  ? A ASN 490  ? 1_555 CA ? D CA . ? A CA 1532 ? 1_555 O   ? A LYS 100 ? A LYS 508  ? 1_555 103.6 ? 
61 O   ? A THR 83  ? A THR 491  ? 1_555 CA ? D CA . ? A CA 1532 ? 1_555 O   ? A LYS 100 ? A LYS 508  ? 1_555 168.3 ? 
62 OE1 ? A GLU 85  ? A GLU 493  ? 1_555 CA ? D CA . ? A CA 1532 ? 1_555 O   ? A LYS 100 ? A LYS 508  ? 1_555 84.5  ? 
63 OD1 ? A ASP 99  ? A ASP 507  ? 1_555 CA ? D CA . ? A CA 1532 ? 1_555 O   ? A LYS 100 ? A LYS 508  ? 1_555 93.2  ? 
64 OD2 ? A ASP 99  ? A ASP 507  ? 1_555 CA ? D CA . ? A CA 1532 ? 1_555 O   ? A LYS 100 ? A LYS 508  ? 1_555 90.2  ? 
65 OD1 ? A ASN 82  ? A ASN 490  ? 1_555 CA ? D CA . ? A CA 1532 ? 1_555 O   ? G HOH .   ? A HOH 2032 ? 1_555 79.7  ? 
66 O   ? A THR 83  ? A THR 491  ? 1_555 CA ? D CA . ? A CA 1532 ? 1_555 O   ? G HOH .   ? A HOH 2032 ? 1_555 84.2  ? 
67 OE1 ? A GLU 85  ? A GLU 493  ? 1_555 CA ? D CA . ? A CA 1532 ? 1_555 O   ? G HOH .   ? A HOH 2032 ? 1_555 74.4  ? 
68 OD1 ? A ASP 99  ? A ASP 507  ? 1_555 CA ? D CA . ? A CA 1532 ? 1_555 O   ? G HOH .   ? A HOH 2032 ? 1_555 144.6 ? 
69 OD2 ? A ASP 99  ? A ASP 507  ? 1_555 CA ? D CA . ? A CA 1532 ? 1_555 O   ? G HOH .   ? A HOH 2032 ? 1_555 164.4 ? 
70 O   ? A LYS 100 ? A LYS 508  ? 1_555 CA ? D CA . ? A CA 1532 ? 1_555 O   ? G HOH .   ? A HOH 2032 ? 1_555 89.7  ? 
71 OE2 ? A GLU 103 ? A GLU 511  ? 1_555 CA ? F CA . ? A CA 1534 ? 1_555 OE2 ? A GLU 103 ? A GLU 511  ? 4_645 134.9 ? 
72 OE2 ? A GLU 103 ? A GLU 511  ? 1_555 CA ? F CA . ? A CA 1534 ? 1_555 OE1 ? A GLU 103 ? A GLU 511  ? 4_645 93.6  ? 
73 OE2 ? A GLU 103 ? A GLU 511  ? 4_645 CA ? F CA . ? A CA 1534 ? 1_555 OE1 ? A GLU 103 ? A GLU 511  ? 4_645 44.2  ? 
74 OE2 ? A GLU 103 ? A GLU 511  ? 1_555 CA ? F CA . ? A CA 1534 ? 1_555 OE1 ? A GLU 103 ? A GLU 511  ? 1_555 44.2  ? 
75 OE2 ? A GLU 103 ? A GLU 511  ? 4_645 CA ? F CA . ? A CA 1534 ? 1_555 OE1 ? A GLU 103 ? A GLU 511  ? 1_555 93.6  ? 
76 OE1 ? A GLU 103 ? A GLU 511  ? 4_645 CA ? F CA . ? A CA 1534 ? 1_555 OE1 ? A GLU 103 ? A GLU 511  ? 1_555 62.9  ? 
77 OE2 ? A GLU 103 ? A GLU 511  ? 1_555 CA ? F CA . ? A CA 1534 ? 1_555 NE2 ? A HIS 115 ? A HIS 523  ? 1_555 97.4  ? 
78 OE2 ? A GLU 103 ? A GLU 511  ? 4_645 CA ? F CA . ? A CA 1534 ? 1_555 NE2 ? A HIS 115 ? A HIS 523  ? 1_555 95.2  ? 
79 OE1 ? A GLU 103 ? A GLU 511  ? 4_645 CA ? F CA . ? A CA 1534 ? 1_555 NE2 ? A HIS 115 ? A HIS 523  ? 1_555 86.6  ? 
80 OE1 ? A GLU 103 ? A GLU 511  ? 1_555 CA ? F CA . ? A CA 1534 ? 1_555 NE2 ? A HIS 115 ? A HIS 523  ? 1_555 123.1 ? 
81 OE2 ? A GLU 103 ? A GLU 511  ? 1_555 CA ? F CA . ? A CA 1534 ? 1_555 NE2 ? A HIS 115 ? A HIS 523  ? 4_645 95.2  ? 
82 OE2 ? A GLU 103 ? A GLU 511  ? 4_645 CA ? F CA . ? A CA 1534 ? 1_555 NE2 ? A HIS 115 ? A HIS 523  ? 4_645 97.4  ? 
83 OE1 ? A GLU 103 ? A GLU 511  ? 4_645 CA ? F CA . ? A CA 1534 ? 1_555 NE2 ? A HIS 115 ? A HIS 523  ? 4_645 123.0 ? 
84 OE1 ? A GLU 103 ? A GLU 511  ? 1_555 CA ? F CA . ? A CA 1534 ? 1_555 NE2 ? A HIS 115 ? A HIS 523  ? 4_645 86.6  ? 
85 NE2 ? A HIS 115 ? A HIS 523  ? 1_555 CA ? F CA . ? A CA 1534 ? 1_555 NE2 ? A HIS 115 ? A HIS 523  ? 4_645 146.8 ? 
# 
loop_
_pdbx_modification_feature.ordinal 
_pdbx_modification_feature.label_comp_id 
_pdbx_modification_feature.label_asym_id 
_pdbx_modification_feature.label_seq_id 
_pdbx_modification_feature.label_alt_id 
_pdbx_modification_feature.modified_residue_label_comp_id 
_pdbx_modification_feature.modified_residue_label_asym_id 
_pdbx_modification_feature.modified_residue_label_seq_id 
_pdbx_modification_feature.modified_residue_label_alt_id 
_pdbx_modification_feature.auth_comp_id 
_pdbx_modification_feature.auth_asym_id 
_pdbx_modification_feature.auth_seq_id 
_pdbx_modification_feature.PDB_ins_code 
_pdbx_modification_feature.symmetry 
_pdbx_modification_feature.modified_residue_auth_comp_id 
_pdbx_modification_feature.modified_residue_auth_asym_id 
_pdbx_modification_feature.modified_residue_auth_seq_id 
_pdbx_modification_feature.modified_residue_PDB_ins_code 
_pdbx_modification_feature.modified_residue_symmetry 
_pdbx_modification_feature.comp_id_linking_atom 
_pdbx_modification_feature.modified_residue_id_linking_atom 
_pdbx_modification_feature.modified_residue_id 
_pdbx_modification_feature.ref_pcm_id 
_pdbx_modification_feature.ref_comp_id 
_pdbx_modification_feature.type 
_pdbx_modification_feature.category 
1  FUC B .   ? THR A 58  ? FUC A 1   ? 1_555 THR A 466 ? 1_555 C1 OG1 THR 2 FUC O-Glycosylation Carbohydrate       
2  CYS A 8   ? CYS A 21  ? CYS A 416 ? 1_555 CYS A 429 ? 1_555 SG SG  .   . .   None            'Disulfide bridge' 
3  CYS A 15  ? CYS A 30  ? CYS A 423 ? 1_555 CYS A 438 ? 1_555 SG SG  .   . .   None            'Disulfide bridge' 
4  CYS A 32  ? CYS A 41  ? CYS A 440 ? 1_555 CYS A 449 ? 1_555 SG SG  .   . .   None            'Disulfide bridge' 
5  CYS A 48  ? CYS A 59  ? CYS A 456 ? 1_555 CYS A 467 ? 1_555 SG SG  .   . .   None            'Disulfide bridge' 
6  CYS A 53  ? CYS A 68  ? CYS A 461 ? 1_555 CYS A 476 ? 1_555 SG SG  .   . .   None            'Disulfide bridge' 
7  CYS A 70  ? CYS A 79  ? CYS A 478 ? 1_555 CYS A 487 ? 1_555 SG SG  .   . .   None            'Disulfide bridge' 
8  CYS A 86  ? CYS A 97  ? CYS A 494 ? 1_555 CYS A 505 ? 1_555 SG SG  .   . .   None            'Disulfide bridge' 
9  CYS A 91  ? CYS A 106 ? CYS A 499 ? 1_555 CYS A 514 ? 1_555 SG SG  .   . .   None            'Disulfide bridge' 
10 CYS A 108 ? CYS A 117 ? CYS A 516 ? 1_555 CYS A 525 ? 1_555 SG SG  .   . .   None            'Disulfide bridge' 
# 
loop_
_struct_sheet.id 
_struct_sheet.type 
_struct_sheet.number_strands 
_struct_sheet.details 
AA ? 2 ? 
AB ? 2 ? 
AC ? 2 ? 
AD ? 2 ? 
AE ? 2 ? 
AF ? 2 ? 
# 
loop_
_struct_sheet_order.sheet_id 
_struct_sheet_order.range_id_1 
_struct_sheet_order.range_id_2 
_struct_sheet_order.offset 
_struct_sheet_order.sense 
AA 1 2 ? anti-parallel 
AB 1 2 ? anti-parallel 
AC 1 2 ? anti-parallel 
AD 1 2 ? anti-parallel 
AE 1 2 ? anti-parallel 
AF 1 2 ? anti-parallel 
# 
loop_
_struct_sheet_range.sheet_id 
_struct_sheet_range.id 
_struct_sheet_range.beg_label_comp_id 
_struct_sheet_range.beg_label_asym_id 
_struct_sheet_range.beg_label_seq_id 
_struct_sheet_range.pdbx_beg_PDB_ins_code 
_struct_sheet_range.end_label_comp_id 
_struct_sheet_range.end_label_asym_id 
_struct_sheet_range.end_label_seq_id 
_struct_sheet_range.pdbx_end_PDB_ins_code 
_struct_sheet_range.beg_auth_comp_id 
_struct_sheet_range.beg_auth_asym_id 
_struct_sheet_range.beg_auth_seq_id 
_struct_sheet_range.end_auth_comp_id 
_struct_sheet_range.end_auth_asym_id 
_struct_sheet_range.end_auth_seq_id 
AA 1 LYS A 20  ? ASN A 23  ? LYS A 428 ASN A 431 
AA 2 PHE A 28  ? GLN A 31  ? PHE A 436 GLN A 439 
AB 1 TYR A 36  ? THR A 37  ? TYR A 444 THR A 445 
AB 2 ILE A 43  ? ASP A 44  ? ILE A 451 ASP A 452 
AC 1 THR A 58  ? GLN A 62  ? THR A 466 GLN A 470 
AC 2 GLU A 65  ? ILE A 69  ? GLU A 473 ILE A 477 
AD 1 TYR A 74  ? GLU A 75  ? TYR A 482 GLU A 483 
AD 2 VAL A 81  ? ASN A 82  ? VAL A 489 ASN A 490 
AE 1 ARG A 96  ? ASP A 99  ? ARG A 504 ASP A 507 
AE 2 PHE A 104 ? GLU A 107 ? PHE A 512 GLU A 515 
AF 1 PHE A 112 ? THR A 113 ? PHE A 520 THR A 521 
AF 2 VAL A 119 ? ASP A 120 ? VAL A 527 ASP A 528 
# 
loop_
_pdbx_struct_sheet_hbond.sheet_id 
_pdbx_struct_sheet_hbond.range_id_1 
_pdbx_struct_sheet_hbond.range_id_2 
_pdbx_struct_sheet_hbond.range_1_label_atom_id 
_pdbx_struct_sheet_hbond.range_1_label_comp_id 
_pdbx_struct_sheet_hbond.range_1_label_asym_id 
_pdbx_struct_sheet_hbond.range_1_label_seq_id 
_pdbx_struct_sheet_hbond.range_1_PDB_ins_code 
_pdbx_struct_sheet_hbond.range_1_auth_atom_id 
_pdbx_struct_sheet_hbond.range_1_auth_comp_id 
_pdbx_struct_sheet_hbond.range_1_auth_asym_id 
_pdbx_struct_sheet_hbond.range_1_auth_seq_id 
_pdbx_struct_sheet_hbond.range_2_label_atom_id 
_pdbx_struct_sheet_hbond.range_2_label_comp_id 
_pdbx_struct_sheet_hbond.range_2_label_asym_id 
_pdbx_struct_sheet_hbond.range_2_label_seq_id 
_pdbx_struct_sheet_hbond.range_2_PDB_ins_code 
_pdbx_struct_sheet_hbond.range_2_auth_atom_id 
_pdbx_struct_sheet_hbond.range_2_auth_comp_id 
_pdbx_struct_sheet_hbond.range_2_auth_asym_id 
_pdbx_struct_sheet_hbond.range_2_auth_seq_id 
AA 1 2 N ILE A 22  ? N ILE A 430 O GLU A 29  ? O GLU A 437 
AB 1 2 N THR A 37  ? N THR A 445 O ILE A 43  ? O ILE A 451 
AC 1 2 N GLN A 62  ? N GLN A 470 O GLU A 65  ? O GLU A 473 
AD 1 2 N GLU A 75  ? N GLU A 483 O VAL A 81  ? O VAL A 489 
AE 1 2 N LEU A 98  ? N LEU A 506 O GLN A 105 ? O GLN A 513 
AF 1 2 N THR A 113 ? N THR A 521 O VAL A 119 ? O VAL A 527 
# 
_pdbx_entry_details.entry_id                   4CUD 
_pdbx_entry_details.compound_details           ? 
_pdbx_entry_details.source_details             ? 
_pdbx_entry_details.nonpolymer_details         ? 
_pdbx_entry_details.sequence_details           ? 
_pdbx_entry_details.has_ligand_of_interest     ? 
_pdbx_entry_details.has_protein_modification   Y 
# 
loop_
_pdbx_validate_torsion.id 
_pdbx_validate_torsion.PDB_model_num 
_pdbx_validate_torsion.auth_comp_id 
_pdbx_validate_torsion.auth_asym_id 
_pdbx_validate_torsion.auth_seq_id 
_pdbx_validate_torsion.PDB_ins_code 
_pdbx_validate_torsion.label_alt_id 
_pdbx_validate_torsion.phi 
_pdbx_validate_torsion.psi 
1 1 SER A 435 ? ? -149.78 -151.16 
2 1 LYS A 508 ? ? -129.28 -162.62 
# 
_pdbx_struct_mod_residue.id               1 
_pdbx_struct_mod_residue.label_asym_id    A 
_pdbx_struct_mod_residue.label_comp_id    THR 
_pdbx_struct_mod_residue.label_seq_id     58 
_pdbx_struct_mod_residue.auth_asym_id     A 
_pdbx_struct_mod_residue.auth_comp_id     THR 
_pdbx_struct_mod_residue.auth_seq_id      466 
_pdbx_struct_mod_residue.PDB_ins_code     ? 
_pdbx_struct_mod_residue.parent_comp_id   THR 
_pdbx_struct_mod_residue.details          'GLYCOSYLATION SITE' 
# 
_pdbx_struct_special_symmetry.id              1 
_pdbx_struct_special_symmetry.PDB_model_num   1 
_pdbx_struct_special_symmetry.auth_asym_id    A 
_pdbx_struct_special_symmetry.auth_comp_id    CA 
_pdbx_struct_special_symmetry.auth_seq_id     1534 
_pdbx_struct_special_symmetry.PDB_ins_code    ? 
_pdbx_struct_special_symmetry.label_asym_id   F 
_pdbx_struct_special_symmetry.label_comp_id   CA 
_pdbx_struct_special_symmetry.label_seq_id    . 
# 
loop_
_pdbx_unobs_or_zero_occ_residues.id 
_pdbx_unobs_or_zero_occ_residues.PDB_model_num 
_pdbx_unobs_or_zero_occ_residues.polymer_flag 
_pdbx_unobs_or_zero_occ_residues.occupancy_flag 
_pdbx_unobs_or_zero_occ_residues.auth_asym_id 
_pdbx_unobs_or_zero_occ_residues.auth_comp_id 
_pdbx_unobs_or_zero_occ_residues.auth_seq_id 
_pdbx_unobs_or_zero_occ_residues.PDB_ins_code 
_pdbx_unobs_or_zero_occ_residues.label_asym_id 
_pdbx_unobs_or_zero_occ_residues.label_comp_id 
_pdbx_unobs_or_zero_occ_residues.label_seq_id 
1  1 Y 1 A SER 409 ? A SER 1   
2  1 Y 1 A ALA 410 ? A ALA 2   
3  1 Y 1 A GLN 411 ? A GLN 3   
4  1 Y 1 A ASP 534 ? A ASP 126 
5  1 Y 1 A ALA 535 ? A ALA 127 
6  1 Y 1 A GLN 536 ? A GLN 128 
7  1 Y 1 A LYS 537 ? A LYS 129 
8  1 Y 1 A MET 538 ? A MET 130 
9  1 Y 1 A VAL 539 ? A VAL 131 
10 1 Y 1 A TRP 540 ? A TRP 132 
11 1 Y 1 A ASN 541 ? A ASN 133 
12 1 Y 1 A HIS 542 ? A HIS 134 
13 1 Y 1 A ARG 543 ? A ARG 135 
# 
loop_
_chem_comp_atom.comp_id 
_chem_comp_atom.atom_id 
_chem_comp_atom.type_symbol 
_chem_comp_atom.pdbx_aromatic_flag 
_chem_comp_atom.pdbx_stereo_config 
_chem_comp_atom.pdbx_ordinal 
ALA N    N  N N 1   
ALA CA   C  N S 2   
ALA C    C  N N 3   
ALA O    O  N N 4   
ALA CB   C  N N 5   
ALA OXT  O  N N 6   
ALA H    H  N N 7   
ALA H2   H  N N 8   
ALA HA   H  N N 9   
ALA HB1  H  N N 10  
ALA HB2  H  N N 11  
ALA HB3  H  N N 12  
ALA HXT  H  N N 13  
ARG N    N  N N 14  
ARG CA   C  N S 15  
ARG C    C  N N 16  
ARG O    O  N N 17  
ARG CB   C  N N 18  
ARG CG   C  N N 19  
ARG CD   C  N N 20  
ARG NE   N  N N 21  
ARG CZ   C  N N 22  
ARG NH1  N  N N 23  
ARG NH2  N  N N 24  
ARG OXT  O  N N 25  
ARG H    H  N N 26  
ARG H2   H  N N 27  
ARG HA   H  N N 28  
ARG HB2  H  N N 29  
ARG HB3  H  N N 30  
ARG HG2  H  N N 31  
ARG HG3  H  N N 32  
ARG HD2  H  N N 33  
ARG HD3  H  N N 34  
ARG HE   H  N N 35  
ARG HH11 H  N N 36  
ARG HH12 H  N N 37  
ARG HH21 H  N N 38  
ARG HH22 H  N N 39  
ARG HXT  H  N N 40  
ASN N    N  N N 41  
ASN CA   C  N S 42  
ASN C    C  N N 43  
ASN O    O  N N 44  
ASN CB   C  N N 45  
ASN CG   C  N N 46  
ASN OD1  O  N N 47  
ASN ND2  N  N N 48  
ASN OXT  O  N N 49  
ASN H    H  N N 50  
ASN H2   H  N N 51  
ASN HA   H  N N 52  
ASN HB2  H  N N 53  
ASN HB3  H  N N 54  
ASN HD21 H  N N 55  
ASN HD22 H  N N 56  
ASN HXT  H  N N 57  
ASP N    N  N N 58  
ASP CA   C  N S 59  
ASP C    C  N N 60  
ASP O    O  N N 61  
ASP CB   C  N N 62  
ASP CG   C  N N 63  
ASP OD1  O  N N 64  
ASP OD2  O  N N 65  
ASP OXT  O  N N 66  
ASP H    H  N N 67  
ASP H2   H  N N 68  
ASP HA   H  N N 69  
ASP HB2  H  N N 70  
ASP HB3  H  N N 71  
ASP HD2  H  N N 72  
ASP HXT  H  N N 73  
CA  CA   CA N N 74  
CYS N    N  N N 75  
CYS CA   C  N R 76  
CYS C    C  N N 77  
CYS O    O  N N 78  
CYS CB   C  N N 79  
CYS SG   S  N N 80  
CYS OXT  O  N N 81  
CYS H    H  N N 82  
CYS H2   H  N N 83  
CYS HA   H  N N 84  
CYS HB2  H  N N 85  
CYS HB3  H  N N 86  
CYS HG   H  N N 87  
CYS HXT  H  N N 88  
FUC C1   C  N R 89  
FUC C2   C  N S 90  
FUC C3   C  N R 91  
FUC C4   C  N S 92  
FUC C5   C  N S 93  
FUC C6   C  N N 94  
FUC O1   O  N N 95  
FUC O2   O  N N 96  
FUC O3   O  N N 97  
FUC O4   O  N N 98  
FUC O5   O  N N 99  
FUC H1   H  N N 100 
FUC H2   H  N N 101 
FUC H3   H  N N 102 
FUC H4   H  N N 103 
FUC H5   H  N N 104 
FUC H61  H  N N 105 
FUC H62  H  N N 106 
FUC H63  H  N N 107 
FUC HO1  H  N N 108 
FUC HO2  H  N N 109 
FUC HO3  H  N N 110 
FUC HO4  H  N N 111 
GLN N    N  N N 112 
GLN CA   C  N S 113 
GLN C    C  N N 114 
GLN O    O  N N 115 
GLN CB   C  N N 116 
GLN CG   C  N N 117 
GLN CD   C  N N 118 
GLN OE1  O  N N 119 
GLN NE2  N  N N 120 
GLN OXT  O  N N 121 
GLN H    H  N N 122 
GLN H2   H  N N 123 
GLN HA   H  N N 124 
GLN HB2  H  N N 125 
GLN HB3  H  N N 126 
GLN HG2  H  N N 127 
GLN HG3  H  N N 128 
GLN HE21 H  N N 129 
GLN HE22 H  N N 130 
GLN HXT  H  N N 131 
GLU N    N  N N 132 
GLU CA   C  N S 133 
GLU C    C  N N 134 
GLU O    O  N N 135 
GLU CB   C  N N 136 
GLU CG   C  N N 137 
GLU CD   C  N N 138 
GLU OE1  O  N N 139 
GLU OE2  O  N N 140 
GLU OXT  O  N N 141 
GLU H    H  N N 142 
GLU H2   H  N N 143 
GLU HA   H  N N 144 
GLU HB2  H  N N 145 
GLU HB3  H  N N 146 
GLU HG2  H  N N 147 
GLU HG3  H  N N 148 
GLU HE2  H  N N 149 
GLU HXT  H  N N 150 
GLY N    N  N N 151 
GLY CA   C  N N 152 
GLY C    C  N N 153 
GLY O    O  N N 154 
GLY OXT  O  N N 155 
GLY H    H  N N 156 
GLY H2   H  N N 157 
GLY HA2  H  N N 158 
GLY HA3  H  N N 159 
GLY HXT  H  N N 160 
HIS N    N  N N 161 
HIS CA   C  N S 162 
HIS C    C  N N 163 
HIS O    O  N N 164 
HIS CB   C  N N 165 
HIS CG   C  Y N 166 
HIS ND1  N  Y N 167 
HIS CD2  C  Y N 168 
HIS CE1  C  Y N 169 
HIS NE2  N  Y N 170 
HIS OXT  O  N N 171 
HIS H    H  N N 172 
HIS H2   H  N N 173 
HIS HA   H  N N 174 
HIS HB2  H  N N 175 
HIS HB3  H  N N 176 
HIS HD1  H  N N 177 
HIS HD2  H  N N 178 
HIS HE1  H  N N 179 
HIS HE2  H  N N 180 
HIS HXT  H  N N 181 
HOH O    O  N N 182 
HOH H1   H  N N 183 
HOH H2   H  N N 184 
ILE N    N  N N 185 
ILE CA   C  N S 186 
ILE C    C  N N 187 
ILE O    O  N N 188 
ILE CB   C  N S 189 
ILE CG1  C  N N 190 
ILE CG2  C  N N 191 
ILE CD1  C  N N 192 
ILE OXT  O  N N 193 
ILE H    H  N N 194 
ILE H2   H  N N 195 
ILE HA   H  N N 196 
ILE HB   H  N N 197 
ILE HG12 H  N N 198 
ILE HG13 H  N N 199 
ILE HG21 H  N N 200 
ILE HG22 H  N N 201 
ILE HG23 H  N N 202 
ILE HD11 H  N N 203 
ILE HD12 H  N N 204 
ILE HD13 H  N N 205 
ILE HXT  H  N N 206 
LEU N    N  N N 207 
LEU CA   C  N S 208 
LEU C    C  N N 209 
LEU O    O  N N 210 
LEU CB   C  N N 211 
LEU CG   C  N N 212 
LEU CD1  C  N N 213 
LEU CD2  C  N N 214 
LEU OXT  O  N N 215 
LEU H    H  N N 216 
LEU H2   H  N N 217 
LEU HA   H  N N 218 
LEU HB2  H  N N 219 
LEU HB3  H  N N 220 
LEU HG   H  N N 221 
LEU HD11 H  N N 222 
LEU HD12 H  N N 223 
LEU HD13 H  N N 224 
LEU HD21 H  N N 225 
LEU HD22 H  N N 226 
LEU HD23 H  N N 227 
LEU HXT  H  N N 228 
LYS N    N  N N 229 
LYS CA   C  N S 230 
LYS C    C  N N 231 
LYS O    O  N N 232 
LYS CB   C  N N 233 
LYS CG   C  N N 234 
LYS CD   C  N N 235 
LYS CE   C  N N 236 
LYS NZ   N  N N 237 
LYS OXT  O  N N 238 
LYS H    H  N N 239 
LYS H2   H  N N 240 
LYS HA   H  N N 241 
LYS HB2  H  N N 242 
LYS HB3  H  N N 243 
LYS HG2  H  N N 244 
LYS HG3  H  N N 245 
LYS HD2  H  N N 246 
LYS HD3  H  N N 247 
LYS HE2  H  N N 248 
LYS HE3  H  N N 249 
LYS HZ1  H  N N 250 
LYS HZ2  H  N N 251 
LYS HZ3  H  N N 252 
LYS HXT  H  N N 253 
MET N    N  N N 254 
MET CA   C  N S 255 
MET C    C  N N 256 
MET O    O  N N 257 
MET CB   C  N N 258 
MET CG   C  N N 259 
MET SD   S  N N 260 
MET CE   C  N N 261 
MET OXT  O  N N 262 
MET H    H  N N 263 
MET H2   H  N N 264 
MET HA   H  N N 265 
MET HB2  H  N N 266 
MET HB3  H  N N 267 
MET HG2  H  N N 268 
MET HG3  H  N N 269 
MET HE1  H  N N 270 
MET HE2  H  N N 271 
MET HE3  H  N N 272 
MET HXT  H  N N 273 
PHE N    N  N N 274 
PHE CA   C  N S 275 
PHE C    C  N N 276 
PHE O    O  N N 277 
PHE CB   C  N N 278 
PHE CG   C  Y N 279 
PHE CD1  C  Y N 280 
PHE CD2  C  Y N 281 
PHE CE1  C  Y N 282 
PHE CE2  C  Y N 283 
PHE CZ   C  Y N 284 
PHE OXT  O  N N 285 
PHE H    H  N N 286 
PHE H2   H  N N 287 
PHE HA   H  N N 288 
PHE HB2  H  N N 289 
PHE HB3  H  N N 290 
PHE HD1  H  N N 291 
PHE HD2  H  N N 292 
PHE HE1  H  N N 293 
PHE HE2  H  N N 294 
PHE HZ   H  N N 295 
PHE HXT  H  N N 296 
PRO N    N  N N 297 
PRO CA   C  N S 298 
PRO C    C  N N 299 
PRO O    O  N N 300 
PRO CB   C  N N 301 
PRO CG   C  N N 302 
PRO CD   C  N N 303 
PRO OXT  O  N N 304 
PRO H    H  N N 305 
PRO HA   H  N N 306 
PRO HB2  H  N N 307 
PRO HB3  H  N N 308 
PRO HG2  H  N N 309 
PRO HG3  H  N N 310 
PRO HD2  H  N N 311 
PRO HD3  H  N N 312 
PRO HXT  H  N N 313 
SER N    N  N N 314 
SER CA   C  N S 315 
SER C    C  N N 316 
SER O    O  N N 317 
SER CB   C  N N 318 
SER OG   O  N N 319 
SER OXT  O  N N 320 
SER H    H  N N 321 
SER H2   H  N N 322 
SER HA   H  N N 323 
SER HB2  H  N N 324 
SER HB3  H  N N 325 
SER HG   H  N N 326 
SER HXT  H  N N 327 
THR N    N  N N 328 
THR CA   C  N S 329 
THR C    C  N N 330 
THR O    O  N N 331 
THR CB   C  N R 332 
THR OG1  O  N N 333 
THR CG2  C  N N 334 
THR OXT  O  N N 335 
THR H    H  N N 336 
THR H2   H  N N 337 
THR HA   H  N N 338 
THR HB   H  N N 339 
THR HG1  H  N N 340 
THR HG21 H  N N 341 
THR HG22 H  N N 342 
THR HG23 H  N N 343 
THR HXT  H  N N 344 
TRP N    N  N N 345 
TRP CA   C  N S 346 
TRP C    C  N N 347 
TRP O    O  N N 348 
TRP CB   C  N N 349 
TRP CG   C  Y N 350 
TRP CD1  C  Y N 351 
TRP CD2  C  Y N 352 
TRP NE1  N  Y N 353 
TRP CE2  C  Y N 354 
TRP CE3  C  Y N 355 
TRP CZ2  C  Y N 356 
TRP CZ3  C  Y N 357 
TRP CH2  C  Y N 358 
TRP OXT  O  N N 359 
TRP H    H  N N 360 
TRP H2   H  N N 361 
TRP HA   H  N N 362 
TRP HB2  H  N N 363 
TRP HB3  H  N N 364 
TRP HD1  H  N N 365 
TRP HE1  H  N N 366 
TRP HE3  H  N N 367 
TRP HZ2  H  N N 368 
TRP HZ3  H  N N 369 
TRP HH2  H  N N 370 
TRP HXT  H  N N 371 
TYR N    N  N N 372 
TYR CA   C  N S 373 
TYR C    C  N N 374 
TYR O    O  N N 375 
TYR CB   C  N N 376 
TYR CG   C  Y N 377 
TYR CD1  C  Y N 378 
TYR CD2  C  Y N 379 
TYR CE1  C  Y N 380 
TYR CE2  C  Y N 381 
TYR CZ   C  Y N 382 
TYR OH   O  N N 383 
TYR OXT  O  N N 384 
TYR H    H  N N 385 
TYR H2   H  N N 386 
TYR HA   H  N N 387 
TYR HB2  H  N N 388 
TYR HB3  H  N N 389 
TYR HD1  H  N N 390 
TYR HD2  H  N N 391 
TYR HE1  H  N N 392 
TYR HE2  H  N N 393 
TYR HH   H  N N 394 
TYR HXT  H  N N 395 
VAL N    N  N N 396 
VAL CA   C  N S 397 
VAL C    C  N N 398 
VAL O    O  N N 399 
VAL CB   C  N N 400 
VAL CG1  C  N N 401 
VAL CG2  C  N N 402 
VAL OXT  O  N N 403 
VAL H    H  N N 404 
VAL H2   H  N N 405 
VAL HA   H  N N 406 
VAL HB   H  N N 407 
VAL HG11 H  N N 408 
VAL HG12 H  N N 409 
VAL HG13 H  N N 410 
VAL HG21 H  N N 411 
VAL HG22 H  N N 412 
VAL HG23 H  N N 413 
VAL HXT  H  N N 414 
# 
loop_
_chem_comp_bond.comp_id 
_chem_comp_bond.atom_id_1 
_chem_comp_bond.atom_id_2 
_chem_comp_bond.value_order 
_chem_comp_bond.pdbx_aromatic_flag 
_chem_comp_bond.pdbx_stereo_config 
_chem_comp_bond.pdbx_ordinal 
ALA N   CA   sing N N 1   
ALA N   H    sing N N 2   
ALA N   H2   sing N N 3   
ALA CA  C    sing N N 4   
ALA CA  CB   sing N N 5   
ALA CA  HA   sing N N 6   
ALA C   O    doub N N 7   
ALA C   OXT  sing N N 8   
ALA CB  HB1  sing N N 9   
ALA CB  HB2  sing N N 10  
ALA CB  HB3  sing N N 11  
ALA OXT HXT  sing N N 12  
ARG N   CA   sing N N 13  
ARG N   H    sing N N 14  
ARG N   H2   sing N N 15  
ARG CA  C    sing N N 16  
ARG CA  CB   sing N N 17  
ARG CA  HA   sing N N 18  
ARG C   O    doub N N 19  
ARG C   OXT  sing N N 20  
ARG CB  CG   sing N N 21  
ARG CB  HB2  sing N N 22  
ARG CB  HB3  sing N N 23  
ARG CG  CD   sing N N 24  
ARG CG  HG2  sing N N 25  
ARG CG  HG3  sing N N 26  
ARG CD  NE   sing N N 27  
ARG CD  HD2  sing N N 28  
ARG CD  HD3  sing N N 29  
ARG NE  CZ   sing N N 30  
ARG NE  HE   sing N N 31  
ARG CZ  NH1  sing N N 32  
ARG CZ  NH2  doub N N 33  
ARG NH1 HH11 sing N N 34  
ARG NH1 HH12 sing N N 35  
ARG NH2 HH21 sing N N 36  
ARG NH2 HH22 sing N N 37  
ARG OXT HXT  sing N N 38  
ASN N   CA   sing N N 39  
ASN N   H    sing N N 40  
ASN N   H2   sing N N 41  
ASN CA  C    sing N N 42  
ASN CA  CB   sing N N 43  
ASN CA  HA   sing N N 44  
ASN C   O    doub N N 45  
ASN C   OXT  sing N N 46  
ASN CB  CG   sing N N 47  
ASN CB  HB2  sing N N 48  
ASN CB  HB3  sing N N 49  
ASN CG  OD1  doub N N 50  
ASN CG  ND2  sing N N 51  
ASN ND2 HD21 sing N N 52  
ASN ND2 HD22 sing N N 53  
ASN OXT HXT  sing N N 54  
ASP N   CA   sing N N 55  
ASP N   H    sing N N 56  
ASP N   H2   sing N N 57  
ASP CA  C    sing N N 58  
ASP CA  CB   sing N N 59  
ASP CA  HA   sing N N 60  
ASP C   O    doub N N 61  
ASP C   OXT  sing N N 62  
ASP CB  CG   sing N N 63  
ASP CB  HB2  sing N N 64  
ASP CB  HB3  sing N N 65  
ASP CG  OD1  doub N N 66  
ASP CG  OD2  sing N N 67  
ASP OD2 HD2  sing N N 68  
ASP OXT HXT  sing N N 69  
CYS N   CA   sing N N 70  
CYS N   H    sing N N 71  
CYS N   H2   sing N N 72  
CYS CA  C    sing N N 73  
CYS CA  CB   sing N N 74  
CYS CA  HA   sing N N 75  
CYS C   O    doub N N 76  
CYS C   OXT  sing N N 77  
CYS CB  SG   sing N N 78  
CYS CB  HB2  sing N N 79  
CYS CB  HB3  sing N N 80  
CYS SG  HG   sing N N 81  
CYS OXT HXT  sing N N 82  
FUC C1  C2   sing N N 83  
FUC C1  O1   sing N N 84  
FUC C1  O5   sing N N 85  
FUC C1  H1   sing N N 86  
FUC C2  C3   sing N N 87  
FUC C2  O2   sing N N 88  
FUC C2  H2   sing N N 89  
FUC C3  C4   sing N N 90  
FUC C3  O3   sing N N 91  
FUC C3  H3   sing N N 92  
FUC C4  C5   sing N N 93  
FUC C4  O4   sing N N 94  
FUC C4  H4   sing N N 95  
FUC C5  C6   sing N N 96  
FUC C5  O5   sing N N 97  
FUC C5  H5   sing N N 98  
FUC C6  H61  sing N N 99  
FUC C6  H62  sing N N 100 
FUC C6  H63  sing N N 101 
FUC O1  HO1  sing N N 102 
FUC O2  HO2  sing N N 103 
FUC O3  HO3  sing N N 104 
FUC O4  HO4  sing N N 105 
GLN N   CA   sing N N 106 
GLN N   H    sing N N 107 
GLN N   H2   sing N N 108 
GLN CA  C    sing N N 109 
GLN CA  CB   sing N N 110 
GLN CA  HA   sing N N 111 
GLN C   O    doub N N 112 
GLN C   OXT  sing N N 113 
GLN CB  CG   sing N N 114 
GLN CB  HB2  sing N N 115 
GLN CB  HB3  sing N N 116 
GLN CG  CD   sing N N 117 
GLN CG  HG2  sing N N 118 
GLN CG  HG3  sing N N 119 
GLN CD  OE1  doub N N 120 
GLN CD  NE2  sing N N 121 
GLN NE2 HE21 sing N N 122 
GLN NE2 HE22 sing N N 123 
GLN OXT HXT  sing N N 124 
GLU N   CA   sing N N 125 
GLU N   H    sing N N 126 
GLU N   H2   sing N N 127 
GLU CA  C    sing N N 128 
GLU CA  CB   sing N N 129 
GLU CA  HA   sing N N 130 
GLU C   O    doub N N 131 
GLU C   OXT  sing N N 132 
GLU CB  CG   sing N N 133 
GLU CB  HB2  sing N N 134 
GLU CB  HB3  sing N N 135 
GLU CG  CD   sing N N 136 
GLU CG  HG2  sing N N 137 
GLU CG  HG3  sing N N 138 
GLU CD  OE1  doub N N 139 
GLU CD  OE2  sing N N 140 
GLU OE2 HE2  sing N N 141 
GLU OXT HXT  sing N N 142 
GLY N   CA   sing N N 143 
GLY N   H    sing N N 144 
GLY N   H2   sing N N 145 
GLY CA  C    sing N N 146 
GLY CA  HA2  sing N N 147 
GLY CA  HA3  sing N N 148 
GLY C   O    doub N N 149 
GLY C   OXT  sing N N 150 
GLY OXT HXT  sing N N 151 
HIS N   CA   sing N N 152 
HIS N   H    sing N N 153 
HIS N   H2   sing N N 154 
HIS CA  C    sing N N 155 
HIS CA  CB   sing N N 156 
HIS CA  HA   sing N N 157 
HIS C   O    doub N N 158 
HIS C   OXT  sing N N 159 
HIS CB  CG   sing N N 160 
HIS CB  HB2  sing N N 161 
HIS CB  HB3  sing N N 162 
HIS CG  ND1  sing Y N 163 
HIS CG  CD2  doub Y N 164 
HIS ND1 CE1  doub Y N 165 
HIS ND1 HD1  sing N N 166 
HIS CD2 NE2  sing Y N 167 
HIS CD2 HD2  sing N N 168 
HIS CE1 NE2  sing Y N 169 
HIS CE1 HE1  sing N N 170 
HIS NE2 HE2  sing N N 171 
HIS OXT HXT  sing N N 172 
HOH O   H1   sing N N 173 
HOH O   H2   sing N N 174 
ILE N   CA   sing N N 175 
ILE N   H    sing N N 176 
ILE N   H2   sing N N 177 
ILE CA  C    sing N N 178 
ILE CA  CB   sing N N 179 
ILE CA  HA   sing N N 180 
ILE C   O    doub N N 181 
ILE C   OXT  sing N N 182 
ILE CB  CG1  sing N N 183 
ILE CB  CG2  sing N N 184 
ILE CB  HB   sing N N 185 
ILE CG1 CD1  sing N N 186 
ILE CG1 HG12 sing N N 187 
ILE CG1 HG13 sing N N 188 
ILE CG2 HG21 sing N N 189 
ILE CG2 HG22 sing N N 190 
ILE CG2 HG23 sing N N 191 
ILE CD1 HD11 sing N N 192 
ILE CD1 HD12 sing N N 193 
ILE CD1 HD13 sing N N 194 
ILE OXT HXT  sing N N 195 
LEU N   CA   sing N N 196 
LEU N   H    sing N N 197 
LEU N   H2   sing N N 198 
LEU CA  C    sing N N 199 
LEU CA  CB   sing N N 200 
LEU CA  HA   sing N N 201 
LEU C   O    doub N N 202 
LEU C   OXT  sing N N 203 
LEU CB  CG   sing N N 204 
LEU CB  HB2  sing N N 205 
LEU CB  HB3  sing N N 206 
LEU CG  CD1  sing N N 207 
LEU CG  CD2  sing N N 208 
LEU CG  HG   sing N N 209 
LEU CD1 HD11 sing N N 210 
LEU CD1 HD12 sing N N 211 
LEU CD1 HD13 sing N N 212 
LEU CD2 HD21 sing N N 213 
LEU CD2 HD22 sing N N 214 
LEU CD2 HD23 sing N N 215 
LEU OXT HXT  sing N N 216 
LYS N   CA   sing N N 217 
LYS N   H    sing N N 218 
LYS N   H2   sing N N 219 
LYS CA  C    sing N N 220 
LYS CA  CB   sing N N 221 
LYS CA  HA   sing N N 222 
LYS C   O    doub N N 223 
LYS C   OXT  sing N N 224 
LYS CB  CG   sing N N 225 
LYS CB  HB2  sing N N 226 
LYS CB  HB3  sing N N 227 
LYS CG  CD   sing N N 228 
LYS CG  HG2  sing N N 229 
LYS CG  HG3  sing N N 230 
LYS CD  CE   sing N N 231 
LYS CD  HD2  sing N N 232 
LYS CD  HD3  sing N N 233 
LYS CE  NZ   sing N N 234 
LYS CE  HE2  sing N N 235 
LYS CE  HE3  sing N N 236 
LYS NZ  HZ1  sing N N 237 
LYS NZ  HZ2  sing N N 238 
LYS NZ  HZ3  sing N N 239 
LYS OXT HXT  sing N N 240 
MET N   CA   sing N N 241 
MET N   H    sing N N 242 
MET N   H2   sing N N 243 
MET CA  C    sing N N 244 
MET CA  CB   sing N N 245 
MET CA  HA   sing N N 246 
MET C   O    doub N N 247 
MET C   OXT  sing N N 248 
MET CB  CG   sing N N 249 
MET CB  HB2  sing N N 250 
MET CB  HB3  sing N N 251 
MET CG  SD   sing N N 252 
MET CG  HG2  sing N N 253 
MET CG  HG3  sing N N 254 
MET SD  CE   sing N N 255 
MET CE  HE1  sing N N 256 
MET CE  HE2  sing N N 257 
MET CE  HE3  sing N N 258 
MET OXT HXT  sing N N 259 
PHE N   CA   sing N N 260 
PHE N   H    sing N N 261 
PHE N   H2   sing N N 262 
PHE CA  C    sing N N 263 
PHE CA  CB   sing N N 264 
PHE CA  HA   sing N N 265 
PHE C   O    doub N N 266 
PHE C   OXT  sing N N 267 
PHE CB  CG   sing N N 268 
PHE CB  HB2  sing N N 269 
PHE CB  HB3  sing N N 270 
PHE CG  CD1  doub Y N 271 
PHE CG  CD2  sing Y N 272 
PHE CD1 CE1  sing Y N 273 
PHE CD1 HD1  sing N N 274 
PHE CD2 CE2  doub Y N 275 
PHE CD2 HD2  sing N N 276 
PHE CE1 CZ   doub Y N 277 
PHE CE1 HE1  sing N N 278 
PHE CE2 CZ   sing Y N 279 
PHE CE2 HE2  sing N N 280 
PHE CZ  HZ   sing N N 281 
PHE OXT HXT  sing N N 282 
PRO N   CA   sing N N 283 
PRO N   CD   sing N N 284 
PRO N   H    sing N N 285 
PRO CA  C    sing N N 286 
PRO CA  CB   sing N N 287 
PRO CA  HA   sing N N 288 
PRO C   O    doub N N 289 
PRO C   OXT  sing N N 290 
PRO CB  CG   sing N N 291 
PRO CB  HB2  sing N N 292 
PRO CB  HB3  sing N N 293 
PRO CG  CD   sing N N 294 
PRO CG  HG2  sing N N 295 
PRO CG  HG3  sing N N 296 
PRO CD  HD2  sing N N 297 
PRO CD  HD3  sing N N 298 
PRO OXT HXT  sing N N 299 
SER N   CA   sing N N 300 
SER N   H    sing N N 301 
SER N   H2   sing N N 302 
SER CA  C    sing N N 303 
SER CA  CB   sing N N 304 
SER CA  HA   sing N N 305 
SER C   O    doub N N 306 
SER C   OXT  sing N N 307 
SER CB  OG   sing N N 308 
SER CB  HB2  sing N N 309 
SER CB  HB3  sing N N 310 
SER OG  HG   sing N N 311 
SER OXT HXT  sing N N 312 
THR N   CA   sing N N 313 
THR N   H    sing N N 314 
THR N   H2   sing N N 315 
THR CA  C    sing N N 316 
THR CA  CB   sing N N 317 
THR CA  HA   sing N N 318 
THR C   O    doub N N 319 
THR C   OXT  sing N N 320 
THR CB  OG1  sing N N 321 
THR CB  CG2  sing N N 322 
THR CB  HB   sing N N 323 
THR OG1 HG1  sing N N 324 
THR CG2 HG21 sing N N 325 
THR CG2 HG22 sing N N 326 
THR CG2 HG23 sing N N 327 
THR OXT HXT  sing N N 328 
TRP N   CA   sing N N 329 
TRP N   H    sing N N 330 
TRP N   H2   sing N N 331 
TRP CA  C    sing N N 332 
TRP CA  CB   sing N N 333 
TRP CA  HA   sing N N 334 
TRP C   O    doub N N 335 
TRP C   OXT  sing N N 336 
TRP CB  CG   sing N N 337 
TRP CB  HB2  sing N N 338 
TRP CB  HB3  sing N N 339 
TRP CG  CD1  doub Y N 340 
TRP CG  CD2  sing Y N 341 
TRP CD1 NE1  sing Y N 342 
TRP CD1 HD1  sing N N 343 
TRP CD2 CE2  doub Y N 344 
TRP CD2 CE3  sing Y N 345 
TRP NE1 CE2  sing Y N 346 
TRP NE1 HE1  sing N N 347 
TRP CE2 CZ2  sing Y N 348 
TRP CE3 CZ3  doub Y N 349 
TRP CE3 HE3  sing N N 350 
TRP CZ2 CH2  doub Y N 351 
TRP CZ2 HZ2  sing N N 352 
TRP CZ3 CH2  sing Y N 353 
TRP CZ3 HZ3  sing N N 354 
TRP CH2 HH2  sing N N 355 
TRP OXT HXT  sing N N 356 
TYR N   CA   sing N N 357 
TYR N   H    sing N N 358 
TYR N   H2   sing N N 359 
TYR CA  C    sing N N 360 
TYR CA  CB   sing N N 361 
TYR CA  HA   sing N N 362 
TYR C   O    doub N N 363 
TYR C   OXT  sing N N 364 
TYR CB  CG   sing N N 365 
TYR CB  HB2  sing N N 366 
TYR CB  HB3  sing N N 367 
TYR CG  CD1  doub Y N 368 
TYR CG  CD2  sing Y N 369 
TYR CD1 CE1  sing Y N 370 
TYR CD1 HD1  sing N N 371 
TYR CD2 CE2  doub Y N 372 
TYR CD2 HD2  sing N N 373 
TYR CE1 CZ   doub Y N 374 
TYR CE1 HE1  sing N N 375 
TYR CE2 CZ   sing Y N 376 
TYR CE2 HE2  sing N N 377 
TYR CZ  OH   sing N N 378 
TYR OH  HH   sing N N 379 
TYR OXT HXT  sing N N 380 
VAL N   CA   sing N N 381 
VAL N   H    sing N N 382 
VAL N   H2   sing N N 383 
VAL CA  C    sing N N 384 
VAL CA  CB   sing N N 385 
VAL CA  HA   sing N N 386 
VAL C   O    doub N N 387 
VAL C   OXT  sing N N 388 
VAL CB  CG1  sing N N 389 
VAL CB  CG2  sing N N 390 
VAL CB  HB   sing N N 391 
VAL CG1 HG11 sing N N 392 
VAL CG1 HG12 sing N N 393 
VAL CG1 HG13 sing N N 394 
VAL CG2 HG21 sing N N 395 
VAL CG2 HG22 sing N N 396 
VAL CG2 HG23 sing N N 397 
VAL OXT HXT  sing N N 398 
# 
_pdbx_initial_refinement_model.id               1 
_pdbx_initial_refinement_model.entity_id_list   ? 
_pdbx_initial_refinement_model.type             'experimental model' 
_pdbx_initial_refinement_model.source_name      PDB 
_pdbx_initial_refinement_model.accession_code   2VJ3 
_pdbx_initial_refinement_model.details          'PDB ENTRY 2VJ3' 
# 
_atom_sites.entry_id                    4CUD 
_atom_sites.fract_transf_matrix[1][1]   -0.02957372 
_atom_sites.fract_transf_matrix[1][2]   0.00973958 
_atom_sites.fract_transf_matrix[1][3]   -0.02639134 
_atom_sites.fract_transf_matrix[2][1]   -0.01133271 
_atom_sites.fract_transf_matrix[2][2]   -0.02670027 
_atom_sites.fract_transf_matrix[2][3]   -0.02871747 
_atom_sites.fract_transf_matrix[3][1]   -0.00241312 
_atom_sites.fract_transf_matrix[3][2]   -0.00134880 
_atom_sites.fract_transf_matrix[3][3]   0.00220634 
_atom_sites.fract_transf_vector[1]      0.473857 
_atom_sites.fract_transf_vector[2]      -0.281832 
_atom_sites.fract_transf_vector[3]      0.085472 
# 
loop_
_atom_type.symbol 
C  
CA 
N  
O  
S  
# 
loop_
_atom_site.group_PDB 
_atom_site.id 
_atom_site.type_symbol 
_atom_site.label_atom_id 
_atom_site.label_alt_id 
_atom_site.label_comp_id 
_atom_site.label_asym_id 
_atom_site.label_entity_id 
_atom_site.label_seq_id 
_atom_site.pdbx_PDB_ins_code 
_atom_site.Cartn_x 
_atom_site.Cartn_y 
_atom_site.Cartn_z 
_atom_site.occupancy 
_atom_site.B_iso_or_equiv 
_atom_site.pdbx_formal_charge 
_atom_site.auth_seq_id 
_atom_site.auth_comp_id 
_atom_site.auth_asym_id 
_atom_site.auth_atom_id 
_atom_site.pdbx_PDB_model_num 
ATOM   1   N  N   . ASP A 1 4   ? -29.636 -21.891 32.457  1.00 32.74 ? 412  ASP A N   1 
ATOM   2   C  CA  . ASP A 1 4   ? -28.764 -21.027 31.605  1.00 32.42 ? 412  ASP A CA  1 
ATOM   3   C  C   . ASP A 1 4   ? -29.193 -19.559 31.620  1.00 31.54 ? 412  ASP A C   1 
ATOM   4   O  O   . ASP A 1 4   ? -30.387 -19.248 31.595  1.00 33.20 ? 412  ASP A O   1 
ATOM   5   C  CB  . ASP A 1 4   ? -28.757 -21.541 30.158  1.00 32.71 ? 412  ASP A CB  1 
ATOM   6   C  CG  . ASP A 1 4   ? -27.854 -20.719 29.248  1.00 31.93 ? 412  ASP A CG  1 
ATOM   7   O  OD1 . ASP A 1 4   ? -26.653 -20.581 29.557  1.00 31.77 ? 412  ASP A OD1 1 
ATOM   8   O  OD2 . ASP A 1 4   ? -28.344 -20.202 28.225  1.00 30.68 ? 412  ASP A OD2 1 
ATOM   9   N  N   . VAL A 1 5   ? -28.203 -18.671 31.662  1.00 30.27 ? 413  VAL A N   1 
ATOM   10  C  CA  . VAL A 1 5   ? -28.404 -17.240 31.449  1.00 27.84 ? 413  VAL A CA  1 
ATOM   11  C  C   . VAL A 1 5   ? -28.070 -16.942 29.988  1.00 26.88 ? 413  VAL A C   1 
ATOM   12  O  O   . VAL A 1 5   ? -27.029 -17.373 29.487  1.00 25.41 ? 413  VAL A O   1 
ATOM   13  C  CB  . VAL A 1 5   ? -27.515 -16.399 32.402  1.00 28.35 ? 413  VAL A CB  1 
ATOM   14  C  CG1 . VAL A 1 5   ? -27.260 -15.001 31.859  1.00 28.83 ? 413  VAL A CG1 1 
ATOM   15  C  CG2 . VAL A 1 5   ? -28.137 -16.324 33.792  1.00 29.21 ? 413  VAL A CG2 1 
ATOM   16  N  N   . ASP A 1 6   ? -28.964 -16.237 29.297  1.00 24.23 ? 414  ASP A N   1 
ATOM   17  C  CA  . ASP A 1 6   ? -28.660 -15.722 27.970  1.00 23.85 ? 414  ASP A CA  1 
ATOM   18  C  C   . ASP A 1 6   ? -27.826 -14.441 28.095  1.00 22.98 ? 414  ASP A C   1 
ATOM   19  O  O   . ASP A 1 6   ? -28.372 -13.356 28.305  1.00 22.16 ? 414  ASP A O   1 
ATOM   20  C  CB  . ASP A 1 6   ? -29.952 -15.457 27.180  1.00 23.51 ? 414  ASP A CB  1 
ATOM   21  C  CG  . ASP A 1 6   ? -29.694 -15.027 25.738  1.00 23.65 ? 414  ASP A CG  1 
ATOM   22  O  OD1 . ASP A 1 6   ? -28.530 -14.762 25.369  1.00 23.55 ? 414  ASP A OD1 1 
ATOM   23  O  OD2 . ASP A 1 6   ? -30.665 -14.962 24.955  1.00 24.14 ? 414  ASP A OD2 1 
ATOM   24  N  N   . GLU A 1 7   ? -26.507 -14.563 27.939  1.00 21.91 ? 415  GLU A N   1 
ATOM   25  C  CA  . GLU A 1 7   ? -25.631 -13.394 28.052  1.00 21.65 ? 415  GLU A CA  1 
ATOM   26  C  C   . GLU A 1 7   ? -25.831 -12.381 26.931  1.00 21.40 ? 415  GLU A C   1 
ATOM   27  O  O   . GLU A 1 7   ? -25.381 -11.247 27.052  1.00 22.03 ? 415  GLU A O   1 
ATOM   28  C  CB  . GLU A 1 7   ? -24.149 -13.782 28.158  1.00 22.46 ? 415  GLU A CB  1 
ATOM   29  C  CG  . GLU A 1 7   ? -23.770 -14.558 29.411  1.00 22.27 ? 415  GLU A CG  1 
ATOM   30  C  CD  . GLU A 1 7   ? -23.869 -16.066 29.232  1.00 22.70 ? 415  GLU A CD  1 
ATOM   31  O  OE1 . GLU A 1 7   ? -24.635 -16.538 28.359  1.00 21.81 ? 415  GLU A OE1 1 
ATOM   32  O  OE2 . GLU A 1 7   ? -23.169 -16.790 29.967  1.00 23.41 ? 415  GLU A OE2 1 
ATOM   33  N  N   . CYS A 1 8   ? -26.506 -12.788 25.853  1.00 21.12 ? 416  CYS A N   1 
ATOM   34  C  CA  . CYS A 1 8   ? -26.824 -11.886 24.730  1.00 22.90 ? 416  CYS A CA  1 
ATOM   35  C  C   . CYS A 1 8   ? -28.142 -11.133 24.905  1.00 23.72 ? 416  CYS A C   1 
ATOM   36  O  O   . CYS A 1 8   ? -28.569 -10.414 24.000  1.00 24.48 ? 416  CYS A O   1 
ATOM   37  C  CB  . CYS A 1 8   ? -26.878 -12.657 23.413  1.00 22.53 ? 416  CYS A CB  1 
ATOM   38  S  SG  . CYS A 1 8   ? -25.442 -13.700 23.152  1.00 23.08 ? 416  CYS A SG  1 
ATOM   39  N  N   . SER A 1 9   ? -28.775 -11.298 26.062  1.00 24.10 ? 417  SER A N   1 
ATOM   40  C  CA  . SER A 1 9   ? -30.016 -10.595 26.384  1.00 25.75 ? 417  SER A CA  1 
ATOM   41  C  C   . SER A 1 9   ? -29.918 -9.958  27.754  1.00 26.22 ? 417  SER A C   1 
ATOM   42  O  O   . SER A 1 9   ? -30.878 -9.970  28.525  1.00 27.68 ? 417  SER A O   1 
ATOM   43  C  CB  . SER A 1 9   ? -31.206 -11.552 26.363  1.00 26.40 ? 417  SER A CB  1 
ATOM   44  O  OG  . SER A 1 9   ? -31.546 -11.885 25.036  1.00 28.85 ? 417  SER A OG  1 
ATOM   45  N  N   . LEU A 1 10  ? -28.750 -9.425  28.070  1.00 25.12 ? 418  LEU A N   1 
ATOM   46  C  CA  . LEU A 1 10  ? -28.582 -8.687  29.300  1.00 25.38 ? 418  LEU A CA  1 
ATOM   47  C  C   . LEU A 1 10  ? -28.551 -7.210  28.908  1.00 24.99 ? 418  LEU A C   1 
ATOM   48  O  O   . LEU A 1 10  ? -28.850 -6.873  27.761  1.00 25.64 ? 418  LEU A O   1 
ATOM   49  C  CB  . LEU A 1 10  ? -27.319 -9.134  30.043  1.00 25.97 ? 418  LEU A CB  1 
ATOM   50  C  CG  . LEU A 1 10  ? -27.135 -10.639 30.306  1.00 25.95 ? 418  LEU A CG  1 
ATOM   51  C  CD1 . LEU A 1 10  ? -25.740 -10.900 30.860  1.00 26.60 ? 418  LEU A CD1 1 
ATOM   52  C  CD2 . LEU A 1 10  ? -28.193 -11.212 31.242  1.00 25.96 ? 418  LEU A CD2 1 
ATOM   53  N  N   . GLY A 1 11  ? -28.208 -6.336  29.848  1.00 24.69 ? 419  GLY A N   1 
ATOM   54  C  CA  . GLY A 1 11  ? -28.186 -4.895  29.585  1.00 22.85 ? 419  GLY A CA  1 
ATOM   55  C  C   . GLY A 1 11  ? -27.240 -4.477  28.475  1.00 22.51 ? 419  GLY A C   1 
ATOM   56  O  O   . GLY A 1 11  ? -27.591 -3.640  27.642  1.00 22.88 ? 419  GLY A O   1 
ATOM   57  N  N   . ALA A 1 12  ? -26.044 -5.066  28.451  1.00 22.26 ? 420  ALA A N   1 
ATOM   58  C  CA  . ALA A 1 12  ? -25.037 -4.729  27.444  1.00 21.75 ? 420  ALA A CA  1 
ATOM   59  C  C   . ALA A 1 12  ? -24.653 -5.922  26.573  1.00 22.44 ? 420  ALA A C   1 
ATOM   60  O  O   . ALA A 1 12  ? -24.625 -7.054  27.045  1.00 22.31 ? 420  ALA A O   1 
ATOM   61  C  CB  . ALA A 1 12  ? -23.799 -4.165  28.118  1.00 21.76 ? 420  ALA A CB  1 
ATOM   62  N  N   . ASN A 1 13  ? -24.357 -5.656  25.304  1.00 21.73 ? 421  ASN A N   1 
ATOM   63  C  CA  . ASN A 1 13  ? -23.764 -6.661  24.436  1.00 21.91 ? 421  ASN A CA  1 
ATOM   64  C  C   . ASN A 1 13  ? -22.348 -6.939  24.930  1.00 21.04 ? 421  ASN A C   1 
ATOM   65  O  O   . ASN A 1 13  ? -21.506 -6.037  24.956  1.00 20.55 ? 421  ASN A O   1 
ATOM   66  C  CB  . ASN A 1 13  ? -23.772 -6.188  22.973  1.00 23.47 ? 421  ASN A CB  1 
ATOM   67  C  CG  . ASN A 1 13  ? -23.138 -7.188  22.009  1.00 23.97 ? 421  ASN A CG  1 
ATOM   68  O  OD1 . ASN A 1 13  ? -22.746 -8.296  22.385  1.00 24.17 ? 421  ASN A OD1 1 
ATOM   69  N  ND2 . ASN A 1 13  ? -23.036 -6.788  20.742  1.00 24.69 ? 421  ASN A ND2 1 
ATOM   70  N  N   . PRO A 1 14  ? -22.082 -8.190  25.343  1.00 20.49 ? 422  PRO A N   1 
ATOM   71  C  CA  . PRO A 1 14  ? -20.748 -8.533  25.834  1.00 20.33 ? 422  PRO A CA  1 
ATOM   72  C  C   . PRO A 1 14  ? -19.693 -8.544  24.723  1.00 20.65 ? 422  PRO A C   1 
ATOM   73  O  O   . PRO A 1 14  ? -18.497 -8.512  25.012  1.00 21.50 ? 422  PRO A O   1 
ATOM   74  C  CB  . PRO A 1 14  ? -20.931 -9.923  26.449  1.00 20.60 ? 422  PRO A CB  1 
ATOM   75  C  CG  . PRO A 1 14  ? -22.180 -10.469 25.868  1.00 20.51 ? 422  PRO A CG  1 
ATOM   76  C  CD  . PRO A 1 14  ? -22.995 -9.347  25.308  1.00 20.25 ? 422  PRO A CD  1 
ATOM   77  N  N   . CYS A 1 15  ? -20.134 -8.562  23.467  1.00 20.78 ? 423  CYS A N   1 
ATOM   78  C  CA  . CYS A 1 15  ? -19.212 -8.510  22.338  1.00 21.12 ? 423  CYS A CA  1 
ATOM   79  C  C   . CYS A 1 15  ? -18.922 -7.055  21.968  1.00 22.22 ? 423  CYS A C   1 
ATOM   80  O  O   . CYS A 1 15  ? -19.846 -6.251  21.791  1.00 22.58 ? 423  CYS A O   1 
ATOM   81  C  CB  . CYS A 1 15  ? -19.773 -9.286  21.147  1.00 20.30 ? 423  CYS A CB  1 
ATOM   82  S  SG  . CYS A 1 15  ? -20.370 -10.932 21.589  1.00 19.48 ? 423  CYS A SG  1 
ATOM   83  N  N   . GLU A 1 16  ? -17.633 -6.733  21.879  1.00 22.36 ? 424  GLU A N   1 
ATOM   84  C  CA  . GLU A 1 16  ? -17.168 -5.392  21.551  1.00 24.20 ? 424  GLU A CA  1 
ATOM   85  C  C   . GLU A 1 16  ? -17.200 -5.150  20.052  1.00 24.06 ? 424  GLU A C   1 
ATOM   86  O  O   . GLU A 1 16  ? -17.357 -6.093  19.255  1.00 22.37 ? 424  GLU A O   1 
ATOM   87  C  CB  . GLU A 1 16  ? -15.737 -5.178  22.053  1.00 26.12 ? 424  GLU A CB  1 
ATOM   88  C  CG  . GLU A 1 16  ? -15.487 -5.591  23.493  1.00 29.69 ? 424  GLU A CG  1 
ATOM   89  C  CD  . GLU A 1 16  ? -15.742 -4.476  24.475  1.00 33.76 ? 424  GLU A CD  1 
ATOM   90  O  OE1 . GLU A 1 16  ? -15.026 -3.450  24.406  1.00 36.69 ? 424  GLU A OE1 1 
ATOM   91  O  OE2 . GLU A 1 16  ? -16.643 -4.631  25.329  1.00 35.82 ? 424  GLU A OE2 1 
ATOM   92  N  N   . HIS A 1 17  ? -17.048 -3.878  19.680  1.00 23.53 ? 425  HIS A N   1 
ATOM   93  C  CA  . HIS A 1 17  ? -16.912 -3.456  18.283  1.00 23.64 ? 425  HIS A CA  1 
ATOM   94  C  C   . HIS A 1 17  ? -17.982 -4.025  17.402  1.00 23.42 ? 425  HIS A C   1 
ATOM   95  O  O   . HIS A 1 17  ? -17.718 -4.433  16.269  1.00 22.34 ? 425  HIS A O   1 
ATOM   96  C  CB  . HIS A 1 17  ? -15.514 -3.776  17.750  1.00 23.32 ? 425  HIS A CB  1 
ATOM   97  C  CG  . HIS A 1 17  ? -14.407 -3.105  18.527  1.00 24.18 ? 425  HIS A CG  1 
ATOM   98  N  ND1 . HIS A 1 17  ? -14.231 -1.766  18.528  1.00 24.89 ? 425  HIS A ND1 1 
ATOM   99  C  CD2 . HIS A 1 17  ? -13.411 -3.631  19.337  1.00 24.03 ? 425  HIS A CD2 1 
ATOM   100 C  CE1 . HIS A 1 17  ? -13.175 -1.457  19.301  1.00 24.71 ? 425  HIS A CE1 1 
ATOM   101 N  NE2 . HIS A 1 17  ? -12.676 -2.597  19.796  1.00 25.95 ? 425  HIS A NE2 1 
ATOM   102 N  N   . ALA A 1 18  ? -19.202 -4.052  17.949  1.00 23.67 ? 426  ALA A N   1 
ATOM   103 C  CA  . ALA A 1 18  ? -20.415 -4.460  17.246  1.00 23.50 ? 426  ALA A CA  1 
ATOM   104 C  C   . ALA A 1 18  ? -20.387 -5.909  16.749  1.00 23.53 ? 426  ALA A C   1 
ATOM   105 O  O   . ALA A 1 18  ? -21.045 -6.244  15.768  1.00 23.18 ? 426  ALA A O   1 
ATOM   106 C  CB  . ALA A 1 18  ? -20.737 -3.487  16.113  1.00 24.42 ? 426  ALA A CB  1 
ATOM   107 N  N   . GLY A 1 19  ? -19.626 -6.765  17.429  1.00 23.06 ? 427  GLY A N   1 
ATOM   108 C  CA  . GLY A 1 19  ? -19.674 -8.207  17.161  1.00 22.74 ? 427  GLY A CA  1 
ATOM   109 C  C   . GLY A 1 19  ? -21.046 -8.771  17.499  1.00 22.32 ? 427  GLY A C   1 
ATOM   110 O  O   . GLY A 1 19  ? -21.791 -8.181  18.291  1.00 22.51 ? 427  GLY A O   1 
ATOM   111 N  N   . LYS A 1 20  ? -21.380 -9.906  16.891  1.00 21.96 ? 428  LYS A N   1 
ATOM   112 C  CA  . LYS A 1 20  ? -22.668 -10.558 17.116  1.00 21.84 ? 428  LYS A CA  1 
ATOM   113 C  C   . LYS A 1 20  ? -22.586 -11.532 18.285  1.00 21.19 ? 428  LYS A C   1 
ATOM   114 O  O   . LYS A 1 20  ? -21.777 -12.472 18.276  1.00 20.53 ? 428  LYS A O   1 
ATOM   115 C  CB  . LYS A 1 20  ? -23.143 -11.281 15.850  1.00 23.10 ? 428  LYS A CB  1 
ATOM   116 C  CG  . LYS A 1 20  ? -24.487 -11.974 16.016  1.00 24.11 ? 428  LYS A CG  1 
ATOM   117 C  CD  . LYS A 1 20  ? -24.987 -12.557 14.707  1.00 26.16 ? 428  LYS A CD  1 
ATOM   118 C  CE  . LYS A 1 20  ? -26.300 -13.298 14.921  1.00 26.86 ? 428  LYS A CE  1 
ATOM   119 N  NZ  . LYS A 1 20  ? -26.854 -13.833 13.644  1.00 28.14 ? 428  LYS A NZ  1 
ATOM   120 N  N   . CYS A 1 21  ? -23.414 -11.292 19.297  1.00 20.93 ? 429  CYS A N   1 
ATOM   121 C  CA  . CYS A 1 21  ? -23.483 -12.184 20.446  1.00 20.97 ? 429  CYS A CA  1 
ATOM   122 C  C   . CYS A 1 21  ? -24.328 -13.405 20.129  1.00 21.06 ? 429  CYS A C   1 
ATOM   123 O  O   . CYS A 1 21  ? -25.452 -13.290 19.622  1.00 20.32 ? 429  CYS A O   1 
ATOM   124 C  CB  . CYS A 1 21  ? -24.025 -11.454 21.679  1.00 21.68 ? 429  CYS A CB  1 
ATOM   125 S  SG  . CYS A 1 21  ? -23.871 -12.396 23.222  1.00 21.67 ? 429  CYS A SG  1 
ATOM   126 N  N   . ILE A 1 22  ? -23.777 -14.574 20.433  1.00 20.71 ? 430  ILE A N   1 
ATOM   127 C  CA  . ILE A 1 22  ? -24.467 -15.846 20.256  1.00 21.10 ? 430  ILE A CA  1 
ATOM   128 C  C   . ILE A 1 22  ? -24.526 -16.596 21.587  1.00 21.98 ? 430  ILE A C   1 
ATOM   129 O  O   . ILE A 1 22  ? -23.490 -16.954 22.158  1.00 21.08 ? 430  ILE A O   1 
ATOM   130 C  CB  . ILE A 1 22  ? -23.773 -16.709 19.179  1.00 22.11 ? 430  ILE A CB  1 
ATOM   131 C  CG1 . ILE A 1 22  ? -23.935 -16.060 17.794  1.00 23.03 ? 430  ILE A CG1 1 
ATOM   132 C  CG2 . ILE A 1 22  ? -24.326 -18.130 19.191  1.00 22.48 ? 430  ILE A CG2 1 
ATOM   133 C  CD1 . ILE A 1 22  ? -22.986 -16.583 16.739  1.00 23.22 ? 430  ILE A CD1 1 
ATOM   134 N  N   . ASN A 1 23  ? -25.739 -16.832 22.087  1.00 22.00 ? 431  ASN A N   1 
ATOM   135 C  CA  . ASN A 1 23  ? -25.901 -17.563 23.344  1.00 21.86 ? 431  ASN A CA  1 
ATOM   136 C  C   . ASN A 1 23  ? -25.593 -19.052 23.216  1.00 21.84 ? 431  ASN A C   1 
ATOM   137 O  O   . ASN A 1 23  ? -25.952 -19.691 22.218  1.00 21.37 ? 431  ASN A O   1 
ATOM   138 C  CB  . ASN A 1 23  ? -27.312 -17.376 23.925  1.00 22.37 ? 431  ASN A CB  1 
ATOM   139 C  CG  . ASN A 1 23  ? -27.462 -17.991 25.312  1.00 22.28 ? 431  ASN A CG  1 
ATOM   140 O  OD1 . ASN A 1 23  ? -26.552 -17.916 26.143  1.00 21.39 ? 431  ASN A OD1 1 
ATOM   141 N  ND2 . ASN A 1 23  ? -28.611 -18.608 25.567  1.00 22.80 ? 431  ASN A ND2 1 
ATOM   142 N  N   . THR A 1 24  ? -24.918 -19.598 24.225  1.00 21.68 ? 432  THR A N   1 
ATOM   143 C  CA  . THR A 1 24  ? -24.774 -21.054 24.354  1.00 22.07 ? 432  THR A CA  1 
ATOM   144 C  C   . THR A 1 24  ? -25.244 -21.495 25.743  1.00 22.61 ? 432  THR A C   1 
ATOM   145 O  O   . THR A 1 24  ? -25.477 -20.663 26.625  1.00 21.71 ? 432  THR A O   1 
ATOM   146 C  CB  . THR A 1 24  ? -23.331 -21.550 24.104  1.00 21.83 ? 432  THR A CB  1 
ATOM   147 O  OG1 . THR A 1 24  ? -22.513 -21.246 25.238  1.00 21.95 ? 432  THR A OG1 1 
ATOM   148 C  CG2 . THR A 1 24  ? -22.723 -20.934 22.833  1.00 22.28 ? 432  THR A CG2 1 
ATOM   149 N  N   . LEU A 1 25  ? -25.373 -22.799 25.945  1.00 23.65 ? 433  LEU A N   1 
ATOM   150 C  CA  . LEU A 1 25  ? -25.805 -23.306 27.246  1.00 24.54 ? 433  LEU A CA  1 
ATOM   151 C  C   . LEU A 1 25  ? -24.621 -23.332 28.211  1.00 24.16 ? 433  LEU A C   1 
ATOM   152 O  O   . LEU A 1 25  ? -23.728 -24.157 28.080  1.00 26.29 ? 433  LEU A O   1 
ATOM   153 C  CB  . LEU A 1 25  ? -26.473 -24.685 27.099  1.00 24.80 ? 433  LEU A CB  1 
ATOM   154 C  CG  . LEU A 1 25  ? -27.609 -24.753 26.060  1.00 25.98 ? 433  LEU A CG  1 
ATOM   155 C  CD1 . LEU A 1 25  ? -28.095 -26.179 25.841  1.00 26.35 ? 433  LEU A CD1 1 
ATOM   156 C  CD2 . LEU A 1 25  ? -28.775 -23.840 26.429  1.00 26.19 ? 433  LEU A CD2 1 
ATOM   157 N  N   . GLY A 1 26  ? -24.606 -22.406 29.164  1.00 24.20 ? 434  GLY A N   1 
ATOM   158 C  CA  . GLY A 1 26  ? -23.493 -22.309 30.117  1.00 23.20 ? 434  GLY A CA  1 
ATOM   159 C  C   . GLY A 1 26  ? -22.464 -21.247 29.774  1.00 22.70 ? 434  GLY A C   1 
ATOM   160 O  O   . GLY A 1 26  ? -21.665 -20.847 30.630  1.00 23.10 ? 434  GLY A O   1 
ATOM   161 N  N   . SER A 1 27  ? -22.469 -20.781 28.525  1.00 21.13 ? 435  SER A N   1 
ATOM   162 C  CA  . SER A 1 27  ? -21.598 -19.677 28.141  1.00 20.63 ? 435  SER A CA  1 
ATOM   163 C  C   . SER A 1 27  ? -22.221 -18.833 27.015  1.00 20.30 ? 435  SER A C   1 
ATOM   164 O  O   . SER A 1 27  ? -23.452 -18.725 26.913  1.00 20.44 ? 435  SER A O   1 
ATOM   165 C  CB  . SER A 1 27  ? -20.209 -20.217 27.770  1.00 20.74 ? 435  SER A CB  1 
ATOM   166 O  OG  . SER A 1 27  ? -19.246 -19.187 27.732  1.00 20.36 ? 435  SER A OG  1 
ATOM   167 N  N   . PHE A 1 28  ? -21.375 -18.219 26.195  1.00 19.78 ? 436  PHE A N   1 
ATOM   168 C  CA  . PHE A 1 28  ? -21.807 -17.525 24.974  1.00 19.07 ? 436  PHE A CA  1 
ATOM   169 C  C   . PHE A 1 28  ? -20.584 -17.415 24.073  1.00 19.13 ? 436  PHE A C   1 
ATOM   170 O  O   . PHE A 1 28  ? -19.475 -17.752 24.496  1.00 18.16 ? 436  PHE A O   1 
ATOM   171 C  CB  . PHE A 1 28  ? -22.373 -16.119 25.290  1.00 18.97 ? 436  PHE A CB  1 
ATOM   172 C  CG  . PHE A 1 28  ? -21.338 -15.143 25.779  1.00 19.46 ? 436  PHE A CG  1 
ATOM   173 C  CD1 . PHE A 1 28  ? -20.952 -15.126 27.120  1.00 19.55 ? 436  PHE A CD1 1 
ATOM   174 C  CD2 . PHE A 1 28  ? -20.737 -14.245 24.907  1.00 19.11 ? 436  PHE A CD2 1 
ATOM   175 C  CE1 . PHE A 1 28  ? -19.978 -14.244 27.570  1.00 19.17 ? 436  PHE A CE1 1 
ATOM   176 C  CE2 . PHE A 1 28  ? -19.764 -13.355 25.358  1.00 19.42 ? 436  PHE A CE2 1 
ATOM   177 C  CZ  . PHE A 1 28  ? -19.388 -13.356 26.690  1.00 19.29 ? 436  PHE A CZ  1 
ATOM   178 N  N   . GLU A 1 29  ? -20.785 -16.946 22.844  1.00 18.94 ? 437  GLU A N   1 
ATOM   179 C  CA  . GLU A 1 29  ? -19.684 -16.697 21.916  1.00 21.26 ? 437  GLU A CA  1 
ATOM   180 C  C   . GLU A 1 29  ? -19.913 -15.423 21.106  1.00 20.87 ? 437  GLU A C   1 
ATOM   181 O  O   . GLU A 1 29  ? -21.055 -14.981 20.930  1.00 20.98 ? 437  GLU A O   1 
ATOM   182 C  CB  . GLU A 1 29  ? -19.444 -17.911 20.994  1.00 23.62 ? 437  GLU A CB  1 
ATOM   183 C  CG  . GLU A 1 29  ? -20.573 -18.198 20.014  1.00 25.67 ? 437  GLU A CG  1 
ATOM   184 C  CD  . GLU A 1 29  ? -20.474 -19.573 19.356  1.00 28.50 ? 437  GLU A CD  1 
ATOM   185 O  OE1 . GLU A 1 29  ? -19.548 -20.347 19.682  1.00 30.31 ? 437  GLU A OE1 1 
ATOM   186 O  OE2 . GLU A 1 29  ? -21.332 -19.881 18.501  1.00 29.22 ? 437  GLU A OE2 1 
ATOM   187 N  N   . CYS A 1 30  ? -18.823 -14.832 20.624  1.00 20.59 ? 438  CYS A N   1 
ATOM   188 C  CA  . CYS A 1 30  ? -18.896 -13.610 19.829  1.00 20.15 ? 438  CYS A CA  1 
ATOM   189 C  C   . CYS A 1 30  ? -18.448 -13.845 18.396  1.00 20.18 ? 438  CYS A C   1 
ATOM   190 O  O   . CYS A 1 30  ? -17.398 -14.439 18.136  1.00 19.69 ? 438  CYS A O   1 
ATOM   191 C  CB  . CYS A 1 30  ? -18.060 -12.490 20.458  1.00 19.82 ? 438  CYS A CB  1 
ATOM   192 S  SG  . CYS A 1 30  ? -18.661 -11.928 22.062  1.00 19.12 ? 438  CYS A SG  1 
ATOM   193 N  N   . GLN A 1 31  ? -19.264 -13.376 17.466  1.00 20.57 ? 439  GLN A N   1 
ATOM   194 C  CA  . GLN A 1 31  ? -18.919 -13.417 16.059  1.00 20.69 ? 439  GLN A CA  1 
ATOM   195 C  C   . GLN A 1 31  ? -18.450 -12.015 15.678  1.00 20.75 ? 439  GLN A C   1 
ATOM   196 O  O   . GLN A 1 31  ? -19.254 -11.087 15.516  1.00 19.21 ? 439  GLN A O   1 
ATOM   197 C  CB  . GLN A 1 31  ? -20.132 -13.859 15.257  1.00 21.63 ? 439  GLN A CB  1 
ATOM   198 C  CG  . GLN A 1 31  ? -19.915 -13.962 13.764  1.00 23.08 ? 439  GLN A CG  1 
ATOM   199 C  CD  . GLN A 1 31  ? -21.156 -14.451 13.073  1.00 23.93 ? 439  GLN A CD  1 
ATOM   200 O  OE1 . GLN A 1 31  ? -21.289 -15.642 12.784  1.00 26.15 ? 439  GLN A OE1 1 
ATOM   201 N  NE2 . GLN A 1 31  ? -22.095 -13.546 12.839  1.00 24.13 ? 439  GLN A NE2 1 
ATOM   202 N  N   . CYS A 1 32  ? -17.136 -11.868 15.557  1.00 20.89 ? 440  CYS A N   1 
ATOM   203 C  CA  . CYS A 1 32  ? -16.517 -10.556 15.389  1.00 21.70 ? 440  CYS A CA  1 
ATOM   204 C  C   . CYS A 1 32  ? -16.626 -10.029 13.962  1.00 22.47 ? 440  CYS A C   1 
ATOM   205 O  O   . CYS A 1 32  ? -16.622 -10.802 13.000  1.00 22.09 ? 440  CYS A O   1 
ATOM   206 C  CB  . CYS A 1 32  ? -15.046 -10.606 15.817  1.00 21.73 ? 440  CYS A CB  1 
ATOM   207 S  SG  . CYS A 1 32  ? -14.793 -11.091 17.539  1.00 23.38 ? 440  CYS A SG  1 
ATOM   208 N  N   . LEU A 1 33  ? -16.703 -8.708  13.833  1.00 22.32 ? 441  LEU A N   1 
ATOM   209 C  CA  . LEU A 1 33  ? -16.618 -8.066  12.529  1.00 23.31 ? 441  LEU A CA  1 
ATOM   210 C  C   . LEU A 1 33  ? -15.195 -8.237  12.009  1.00 23.60 ? 441  LEU A C   1 
ATOM   211 O  O   . LEU A 1 33  ? -14.271 -8.481  12.788  1.00 23.36 ? 441  LEU A O   1 
ATOM   212 C  CB  . LEU A 1 33  ? -16.993 -6.578  12.616  1.00 24.23 ? 441  LEU A CB  1 
ATOM   213 C  CG  . LEU A 1 33  ? -18.386 -6.152  13.118  1.00 25.09 ? 441  LEU A CG  1 
ATOM   214 C  CD1 . LEU A 1 33  ? -18.578 -4.650  12.927  1.00 24.53 ? 441  LEU A CD1 1 
ATOM   215 C  CD2 . LEU A 1 33  ? -19.519 -6.904  12.429  1.00 24.94 ? 441  LEU A CD2 1 
ATOM   216 N  N   . GLN A 1 34  ? -15.022 -8.139  10.695  1.00 23.64 ? 442  GLN A N   1 
ATOM   217 C  CA  . GLN A 1 34  ? -13.699 -8.273  10.102  1.00 23.90 ? 442  GLN A CA  1 
ATOM   218 C  C   . GLN A 1 34  ? -12.743 -7.237  10.687  1.00 22.27 ? 442  GLN A C   1 
ATOM   219 O  O   . GLN A 1 34  ? -13.084 -6.064  10.784  1.00 22.35 ? 442  GLN A O   1 
ATOM   220 C  CB  . GLN A 1 34  ? -13.777 -8.137  8.585   1.00 25.08 ? 442  GLN A CB  1 
ATOM   221 C  CG  . GLN A 1 34  ? -12.433 -8.312  7.889   1.00 28.39 ? 442  GLN A CG  1 
ATOM   222 C  CD  . GLN A 1 34  ? -12.568 -8.981  6.535   1.00 29.99 ? 442  GLN A CD  1 
ATOM   223 O  OE1 . GLN A 1 34  ? -13.660 -9.031  5.962   1.00 33.29 ? 442  GLN A OE1 1 
ATOM   224 N  NE2 . GLN A 1 34  ? -11.463 -9.508  6.022   1.00 29.79 ? 442  GLN A NE2 1 
ATOM   225 N  N   . GLY A 1 35  ? -11.563 -7.686  11.107  1.00 21.23 ? 443  GLY A N   1 
ATOM   226 C  CA  . GLY A 1 35  ? -10.548 -6.786  11.666  1.00 20.02 ? 443  GLY A CA  1 
ATOM   227 C  C   . GLY A 1 35  ? -10.542 -6.720  13.180  1.00 19.45 ? 443  GLY A C   1 
ATOM   228 O  O   . GLY A 1 35  ? -9.739  -6.005  13.770  1.00 19.71 ? 443  GLY A O   1 
ATOM   229 N  N   . TYR A 1 36  ? -11.438 -7.470  13.810  1.00 19.07 ? 444  TYR A N   1 
ATOM   230 C  CA  . TYR A 1 36  ? -11.480 -7.558  15.262  1.00 19.25 ? 444  TYR A CA  1 
ATOM   231 C  C   . TYR A 1 36  ? -11.214 -8.977  15.776  1.00 19.99 ? 444  TYR A C   1 
ATOM   232 O  O   . TYR A 1 36  ? -11.718 -9.949  15.225  1.00 19.38 ? 444  TYR A O   1 
ATOM   233 C  CB  . TYR A 1 36  ? -12.811 -7.011  15.778  1.00 18.94 ? 444  TYR A CB  1 
ATOM   234 C  CG  . TYR A 1 36  ? -12.964 -5.540  15.477  1.00 18.58 ? 444  TYR A CG  1 
ATOM   235 C  CD1 . TYR A 1 36  ? -12.248 -4.593  16.203  1.00 19.13 ? 444  TYR A CD1 1 
ATOM   236 C  CD2 . TYR A 1 36  ? -13.796 -5.096  14.445  1.00 18.70 ? 444  TYR A CD2 1 
ATOM   237 C  CE1 . TYR A 1 36  ? -12.365 -3.243  15.924  1.00 18.97 ? 444  TYR A CE1 1 
ATOM   238 C  CE2 . TYR A 1 36  ? -13.932 -3.737  14.168  1.00 18.57 ? 444  TYR A CE2 1 
ATOM   239 C  CZ  . TYR A 1 36  ? -13.210 -2.821  14.912  1.00 19.20 ? 444  TYR A CZ  1 
ATOM   240 O  OH  . TYR A 1 36  ? -13.322 -1.469  14.651  1.00 19.98 ? 444  TYR A OH  1 
ATOM   241 N  N   . THR A 1 37  ? -10.405 -9.083  16.824  1.00 21.42 ? 445  THR A N   1 
ATOM   242 C  CA  . THR A 1 37  ? -10.082 -10.386 17.399  1.00 22.67 ? 445  THR A CA  1 
ATOM   243 C  C   . THR A 1 37  ? -10.255 -10.424 18.924  1.00 23.17 ? 445  THR A C   1 
ATOM   244 O  O   . THR A 1 37  ? -10.427 -9.378  19.570  1.00 22.17 ? 445  THR A O   1 
ATOM   245 C  CB  . THR A 1 37  ? -8.676  -10.866 16.971  1.00 23.53 ? 445  THR A CB  1 
ATOM   246 O  OG1 . THR A 1 37  ? -8.545  -12.265 17.252  1.00 25.58 ? 445  THR A OG1 1 
ATOM   247 C  CG2 . THR A 1 37  ? -7.571  -10.096 17.686  1.00 23.77 ? 445  THR A CG2 1 
ATOM   248 N  N   . GLY A 1 38  ? -10.207 -11.633 19.485  1.00 23.60 ? 446  GLY A N   1 
ATOM   249 C  CA  . GLY A 1 38  ? -10.378 -11.830 20.918  1.00 24.44 ? 446  GLY A CA  1 
ATOM   250 C  C   . GLY A 1 38  ? -11.737 -12.421 21.235  1.00 24.47 ? 446  GLY A C   1 
ATOM   251 O  O   . GLY A 1 38  ? -12.656 -12.323 20.420  1.00 25.27 ? 446  GLY A O   1 
ATOM   252 N  N   . PRO A 1 39  ? -11.880 -13.038 22.424  1.00 24.84 ? 447  PRO A N   1 
ATOM   253 C  CA  . PRO A 1 39  ? -13.114 -13.743 22.786  1.00 25.26 ? 447  PRO A CA  1 
ATOM   254 C  C   . PRO A 1 39  ? -14.335 -12.835 22.735  1.00 24.14 ? 447  PRO A C   1 
ATOM   255 O  O   . PRO A 1 39  ? -15.433 -13.302 22.439  1.00 24.44 ? 447  PRO A O   1 
ATOM   256 C  CB  . PRO A 1 39  ? -12.859 -14.208 24.227  1.00 25.23 ? 447  PRO A CB  1 
ATOM   257 C  CG  . PRO A 1 39  ? -11.381 -14.183 24.386  1.00 25.26 ? 447  PRO A CG  1 
ATOM   258 C  CD  . PRO A 1 39  ? -10.897 -13.060 23.523  1.00 25.27 ? 447  PRO A CD  1 
ATOM   259 N  N   . ARG A 1 40  ? -14.131 -11.549 23.011  1.00 23.81 ? 448  ARG A N   1 
ATOM   260 C  CA  . ARG A 1 40  ? -15.208 -10.567 22.931  1.00 23.54 ? 448  ARG A CA  1 
ATOM   261 C  C   . ARG A 1 40  ? -14.920 -9.473  21.896  1.00 22.35 ? 448  ARG A C   1 
ATOM   262 O  O   . ARG A 1 40  ? -15.460 -8.378  21.985  1.00 22.44 ? 448  ARG A O   1 
ATOM   263 C  CB  . ARG A 1 40  ? -15.475 -9.959  24.312  1.00 25.14 ? 448  ARG A CB  1 
ATOM   264 C  CG  . ARG A 1 40  ? -15.871 -10.975 25.376  1.00 26.20 ? 448  ARG A CG  1 
ATOM   265 C  CD  . ARG A 1 40  ? -16.226 -10.319 26.707  1.00 28.35 ? 448  ARG A CD  1 
ATOM   266 N  NE  . ARG A 1 40  ? -15.181 -9.421  27.195  1.00 29.03 ? 448  ARG A NE  1 
ATOM   267 C  CZ  . ARG A 1 40  ? -15.236 -8.089  27.135  1.00 32.08 ? 448  ARG A CZ  1 
ATOM   268 N  NH1 . ARG A 1 40  ? -16.292 -7.474  26.606  1.00 32.28 ? 448  ARG A NH1 1 
ATOM   269 N  NH2 . ARG A 1 40  ? -14.228 -7.366  27.604  1.00 33.26 ? 448  ARG A NH2 1 
ATOM   270 N  N   . CYS A 1 41  ? -14.075 -9.781  20.910  1.00 22.13 ? 449  CYS A N   1 
ATOM   271 C  CA  . CYS A 1 41  ? -13.749 -8.844  19.821  1.00 22.07 ? 449  CYS A CA  1 
ATOM   272 C  C   . CYS A 1 41  ? -13.058 -7.581  20.319  1.00 22.43 ? 449  CYS A C   1 
ATOM   273 O  O   . CYS A 1 41  ? -13.190 -6.516  19.704  1.00 21.38 ? 449  CYS A O   1 
ATOM   274 C  CB  . CYS A 1 41  ? -15.014 -8.471  19.028  1.00 22.46 ? 449  CYS A CB  1 
ATOM   275 S  SG  . CYS A 1 41  ? -16.055 -9.889  18.602  1.00 22.36 ? 449  CYS A SG  1 
ATOM   276 N  N   . GLU A 1 42  ? -12.309 -7.706  21.417  1.00 23.32 ? 450  GLU A N   1 
ATOM   277 C  CA  . GLU A 1 42  ? -11.717 -6.545  22.099  1.00 24.80 ? 450  GLU A CA  1 
ATOM   278 C  C   . GLU A 1 42  ? -10.567 -5.915  21.331  1.00 24.84 ? 450  GLU A C   1 
ATOM   279 O  O   . GLU A 1 42  ? -10.260 -4.734  21.524  1.00 25.95 ? 450  GLU A O   1 
ATOM   280 C  CB  . GLU A 1 42  ? -11.196 -6.912  23.498  1.00 26.88 ? 450  GLU A CB  1 
ATOM   281 C  CG  . GLU A 1 42  ? -12.134 -7.717  24.376  1.00 28.29 ? 450  GLU A CG  1 
ATOM   282 C  CD  . GLU A 1 42  ? -11.845 -9.207  24.350  1.00 28.18 ? 450  GLU A CD  1 
ATOM   283 O  OE1 . GLU A 1 42  ? -11.578 -9.758  23.261  1.00 28.86 ? 450  GLU A OE1 1 
ATOM   284 O  OE2 . GLU A 1 42  ? -11.913 -9.837  25.423  1.00 29.12 ? 450  GLU A OE2 1 
ATOM   285 N  N   . ILE A 1 43  ? -9.918  -6.703  20.480  1.00 23.81 ? 451  ILE A N   1 
ATOM   286 C  CA  . ILE A 1 43  ? -8.701  -6.246  19.832  1.00 22.94 ? 451  ILE A CA  1 
ATOM   287 C  C   . ILE A 1 43  ? -8.926  -5.844  18.387  1.00 21.62 ? 451  ILE A C   1 
ATOM   288 O  O   . ILE A 1 43  ? -9.452  -6.612  17.580  1.00 21.15 ? 451  ILE A O   1 
ATOM   289 C  CB  . ILE A 1 43  ? -7.570  -7.288  19.910  1.00 24.13 ? 451  ILE A CB  1 
ATOM   290 C  CG1 . ILE A 1 43  ? -7.360  -7.735  21.363  1.00 24.27 ? 451  ILE A CG1 1 
ATOM   291 C  CG2 . ILE A 1 43  ? -6.281  -6.710  19.342  1.00 24.00 ? 451  ILE A CG2 1 
ATOM   292 C  CD1 . ILE A 1 43  ? -6.499  -8.968  21.487  1.00 25.70 ? 451  ILE A CD1 1 
ATOM   293 N  N   . ASP A 1 44  ? -8.533  -4.617  18.087  1.00 20.39 ? 452  ASP A N   1 
ATOM   294 C  CA  . ASP A 1 44  ? -8.446  -4.140  16.727  1.00 20.51 ? 452  ASP A CA  1 
ATOM   295 C  C   . ASP A 1 44  ? -7.119  -4.677  16.208  1.00 20.00 ? 452  ASP A C   1 
ATOM   296 O  O   . ASP A 1 44  ? -6.055  -4.200  16.600  1.00 19.02 ? 452  ASP A O   1 
ATOM   297 C  CB  . ASP A 1 44  ? -8.437  -2.614  16.741  1.00 20.34 ? 452  ASP A CB  1 
ATOM   298 C  CG  . ASP A 1 44  ? -8.170  -2.002  15.373  1.00 20.67 ? 452  ASP A CG  1 
ATOM   299 O  OD1 . ASP A 1 44  ? -7.939  -2.740  14.386  1.00 20.80 ? 452  ASP A OD1 1 
ATOM   300 O  OD2 . ASP A 1 44  ? -8.200  -0.754  15.294  1.00 20.89 ? 452  ASP A OD2 1 
ATOM   301 N  N   . VAL A 1 45  ? -7.197  -5.688  15.345  1.00 19.74 ? 453  VAL A N   1 
ATOM   302 C  CA  . VAL A 1 45  ? -6.010  -6.288  14.721  1.00 19.96 ? 453  VAL A CA  1 
ATOM   303 C  C   . VAL A 1 45  ? -5.127  -5.205  14.099  1.00 19.96 ? 453  VAL A C   1 
ATOM   304 O  O   . VAL A 1 45  ? -5.630  -4.282  13.469  1.00 19.14 ? 453  VAL A O   1 
ATOM   305 C  CB  . VAL A 1 45  ? -6.406  -7.307  13.630  1.00 19.40 ? 453  VAL A CB  1 
ATOM   306 C  CG1 . VAL A 1 45  ? -5.193  -7.748  12.815  1.00 20.21 ? 453  VAL A CG1 1 
ATOM   307 C  CG2 . VAL A 1 45  ? -7.108  -8.512  14.237  1.00 19.61 ? 453  VAL A CG2 1 
ATOM   308 N  N   . ASN A 1 46  ? -3.816  -5.297  14.311  1.00 20.48 ? 454  ASN A N   1 
ATOM   309 C  CA  . ASN A 1 46  ? -2.887  -4.426  13.608  1.00 19.82 ? 454  ASN A CA  1 
ATOM   310 C  C   . ASN A 1 46  ? -2.452  -5.047  12.285  1.00 19.46 ? 454  ASN A C   1 
ATOM   311 O  O   . ASN A 1 46  ? -1.549  -5.894  12.250  1.00 19.36 ? 454  ASN A O   1 
ATOM   312 C  CB  . ASN A 1 46  ? -1.666  -4.109  14.477  1.00 21.05 ? 454  ASN A CB  1 
ATOM   313 C  CG  . ASN A 1 46  ? -0.731  -3.102  13.822  1.00 20.78 ? 454  ASN A CG  1 
ATOM   314 O  OD1 . ASN A 1 46  ? -0.984  -2.631  12.714  1.00 21.58 ? 454  ASN A OD1 1 
ATOM   315 N  ND2 . ASN A 1 46  ? 0.361   -2.787  14.495  1.00 21.23 ? 454  ASN A ND2 1 
ATOM   316 N  N   . GLU A 1 47  ? -3.071  -4.620  11.187  1.00 18.59 ? 455  GLU A N   1 
ATOM   317 C  CA  . GLU A 1 47  ? -2.714  -5.176  9.871   1.00 19.21 ? 455  GLU A CA  1 
ATOM   318 C  C   . GLU A 1 47  ? -1.306  -4.779  9.401   1.00 19.59 ? 455  GLU A C   1 
ATOM   319 O  O   . GLU A 1 47  ? -0.808  -5.319  8.413   1.00 19.70 ? 455  GLU A O   1 
ATOM   320 C  CB  . GLU A 1 47  ? -3.761  -4.819  8.813   1.00 18.98 ? 455  GLU A CB  1 
ATOM   321 C  CG  . GLU A 1 47  ? -5.060  -5.607  8.943   1.00 19.00 ? 455  GLU A CG  1 
ATOM   322 C  CD  . GLU A 1 47  ? -5.981  -5.101  10.044  1.00 18.72 ? 455  GLU A CD  1 
ATOM   323 O  OE1 . GLU A 1 47  ? -5.773  -3.974  10.561  1.00 18.72 ? 455  GLU A OE1 1 
ATOM   324 O  OE2 . GLU A 1 47  ? -6.934  -5.835  10.395  1.00 18.55 ? 455  GLU A OE2 1 
ATOM   325 N  N   . CYS A 1 48  ? -0.688  -3.836  10.119  1.00 19.63 ? 456  CYS A N   1 
ATOM   326 C  CA  . CYS A 1 48  ? 0.657   -3.335  9.809   1.00 20.70 ? 456  CYS A CA  1 
ATOM   327 C  C   . CYS A 1 48  ? 1.775   -4.036  10.594  1.00 20.88 ? 456  CYS A C   1 
ATOM   328 O  O   . CYS A 1 48  ? 2.954   -3.765  10.359  1.00 21.25 ? 456  CYS A O   1 
ATOM   329 C  CB  . CYS A 1 48  ? 0.727   -1.828  10.088  1.00 20.72 ? 456  CYS A CB  1 
ATOM   330 S  SG  . CYS A 1 48  ? -0.316  -0.841  8.991   1.00 21.11 ? 456  CYS A SG  1 
ATOM   331 N  N   . VAL A 1 49  ? 1.404   -4.915  11.524  1.00 22.26 ? 457  VAL A N   1 
ATOM   332 C  CA  . VAL A 1 49  ? 2.366   -5.530  12.457  1.00 23.34 ? 457  VAL A CA  1 
ATOM   333 C  C   . VAL A 1 49  ? 3.478   -6.356  11.786  1.00 24.19 ? 457  VAL A C   1 
ATOM   334 O  O   . VAL A 1 49  ? 4.567   -6.523  12.358  1.00 25.32 ? 457  VAL A O   1 
ATOM   335 C  CB  . VAL A 1 49  ? 1.653   -6.344  13.569  1.00 23.58 ? 457  VAL A CB  1 
ATOM   336 C  CG1 . VAL A 1 49  ? 1.209   -7.711  13.059  1.00 23.89 ? 457  VAL A CG1 1 
ATOM   337 C  CG2 . VAL A 1 49  ? 2.543   -6.478  14.803  1.00 23.92 ? 457  VAL A CG2 1 
ATOM   338 N  N   . SER A 1 50  ? 3.224   -6.860  10.581  1.00 24.06 ? 458  SER A N   1 
ATOM   339 C  CA  . SER A 1 50  ? 4.259   -7.604  9.851   1.00 23.84 ? 458  SER A CA  1 
ATOM   340 C  C   . SER A 1 50  ? 4.940   -6.757  8.769   1.00 23.03 ? 458  SER A C   1 
ATOM   341 O  O   . SER A 1 50  ? 5.576   -7.294  7.856   1.00 22.45 ? 458  SER A O   1 
ATOM   342 C  CB  . SER A 1 50  ? 3.688   -8.898  9.269   1.00 25.12 ? 458  SER A CB  1 
ATOM   343 O  OG  . SER A 1 50  ? 3.177   -9.726  10.305  1.00 26.67 ? 458  SER A OG  1 
ATOM   344 N  N   . ASN A 1 51  ? 4.819   -5.435  8.896   1.00 21.18 ? 459  ASN A N   1 
ATOM   345 C  CA  . ASN A 1 51  ? 5.464   -4.478  7.987   1.00 21.16 ? 459  ASN A CA  1 
ATOM   346 C  C   . ASN A 1 51  ? 5.199   -4.790  6.506   1.00 20.49 ? 459  ASN A C   1 
ATOM   347 O  O   . ASN A 1 51  ? 6.117   -5.173  5.768   1.00 20.66 ? 459  ASN A O   1 
ATOM   348 C  CB  . ASN A 1 51  ? 6.971   -4.394  8.275   1.00 22.52 ? 459  ASN A CB  1 
ATOM   349 C  CG  . ASN A 1 51  ? 7.263   -3.918  9.683   1.00 23.71 ? 459  ASN A CG  1 
ATOM   350 O  OD1 . ASN A 1 51  ? 7.138   -2.732  9.980   1.00 24.83 ? 459  ASN A OD1 1 
ATOM   351 N  ND2 . ASN A 1 51  ? 7.638   -4.847  10.564  1.00 23.36 ? 459  ASN A ND2 1 
ATOM   352 N  N   . PRO A 1 52  ? 3.934   -4.638  6.070   1.00 19.18 ? 460  PRO A N   1 
ATOM   353 C  CA  . PRO A 1 52  ? 3.607   -4.986  4.690   1.00 18.79 ? 460  PRO A CA  1 
ATOM   354 C  C   . PRO A 1 52  ? 4.013   -3.902  3.690   1.00 18.55 ? 460  PRO A C   1 
ATOM   355 O  O   . PRO A 1 52  ? 4.130   -4.190  2.497   1.00 18.58 ? 460  PRO A O   1 
ATOM   356 C  CB  . PRO A 1 52  ? 2.088   -5.160  4.727   1.00 18.60 ? 460  PRO A CB  1 
ATOM   357 C  CG  . PRO A 1 52  ? 1.638   -4.252  5.816   1.00 18.79 ? 460  PRO A CG  1 
ATOM   358 C  CD  . PRO A 1 52  ? 2.738   -4.256  6.847   1.00 18.66 ? 460  PRO A CD  1 
ATOM   359 N  N   . CYS A 1 53  ? 4.235   -2.677  4.171   1.00 18.40 ? 461  CYS A N   1 
ATOM   360 C  CA  . CYS A 1 53  ? 4.566   -1.559  3.285   1.00 18.69 ? 461  CYS A CA  1 
ATOM   361 C  C   . CYS A 1 53  ? 6.073   -1.406  3.117   1.00 18.44 ? 461  CYS A C   1 
ATOM   362 O  O   . CYS A 1 53  ? 6.801   -1.164  4.081   1.00 18.03 ? 461  CYS A O   1 
ATOM   363 C  CB  . CYS A 1 53  ? 3.917   -0.264  3.768   1.00 18.58 ? 461  CYS A CB  1 
ATOM   364 S  SG  . CYS A 1 53  ? 2.126   -0.448  3.955   1.00 18.71 ? 461  CYS A SG  1 
ATOM   365 N  N   . GLN A 1 54  ? 6.520   -1.533  1.873   1.00 18.90 ? 462  GLN A N   1 
ATOM   366 C  CA  . GLN A 1 54  ? 7.945   -1.630  1.555   1.00 19.24 ? 462  GLN A CA  1 
ATOM   367 C  C   . GLN A 1 54  ? 8.577   -0.284  1.202   1.00 19.47 ? 462  GLN A C   1 
ATOM   368 O  O   . GLN A 1 54  ? 7.873   0.700   0.947   1.00 19.00 ? 462  GLN A O   1 
ATOM   369 C  CB  . GLN A 1 54  ? 8.138   -2.614  0.392   1.00 19.48 ? 462  GLN A CB  1 
ATOM   370 C  CG  . GLN A 1 54  ? 7.655   -4.031  0.683   1.00 20.47 ? 462  GLN A CG  1 
ATOM   371 C  CD  . GLN A 1 54  ? 7.966   -5.021  -0.438  1.00 21.65 ? 462  GLN A CD  1 
ATOM   372 O  OE1 . GLN A 1 54  ? 8.899   -4.827  -1.234  1.00 21.06 ? 462  GLN A OE1 1 
ATOM   373 N  NE2 . GLN A 1 54  ? 7.179   -6.094  -0.505  1.00 21.01 ? 462  GLN A NE2 1 
ATOM   374 N  N   . ASN A 1 55  ? 9.912   -0.256  1.178   1.00 19.16 ? 463  ASN A N   1 
ATOM   375 C  CA  . ASN A 1 55  ? 10.676  0.897   0.664   1.00 19.00 ? 463  ASN A CA  1 
ATOM   376 C  C   . ASN A 1 55  ? 10.366  2.222   1.376   1.00 19.68 ? 463  ASN A C   1 
ATOM   377 O  O   . ASN A 1 55  ? 10.145  3.258   0.735   1.00 19.13 ? 463  ASN A O   1 
ATOM   378 C  CB  . ASN A 1 55  ? 10.516  0.996   -0.866  1.00 18.31 ? 463  ASN A CB  1 
ATOM   379 C  CG  . ASN A 1 55  ? 10.926  -0.290  -1.570  1.00 18.23 ? 463  ASN A CG  1 
ATOM   380 O  OD1 . ASN A 1 55  ? 10.149  -0.880  -2.327  1.00 18.64 ? 463  ASN A OD1 1 
ATOM   381 N  ND2 . ASN A 1 55  ? 12.132  -0.755  -1.284  1.00 16.33 ? 463  ASN A ND2 1 
ATOM   382 N  N   . ASP A 1 56  ? 10.329  2.154   2.710   1.00 19.65 ? 464  ASP A N   1 
ATOM   383 C  CA  . ASP A 1 56  ? 10.113  3.320   3.580   1.00 21.49 ? 464  ASP A CA  1 
ATOM   384 C  C   . ASP A 1 56  ? 8.714   3.932   3.466   1.00 20.54 ? 464  ASP A C   1 
ATOM   385 O  O   . ASP A 1 56  ? 8.505   5.088   3.834   1.00 20.86 ? 464  ASP A O   1 
ATOM   386 C  CB  . ASP A 1 56  ? 11.199  4.389   3.354   1.00 22.82 ? 464  ASP A CB  1 
ATOM   387 C  CG  . ASP A 1 56  ? 12.588  3.914   3.782   1.00 25.13 ? 464  ASP A CG  1 
ATOM   388 O  OD1 . ASP A 1 56  ? 12.675  3.041   4.669   1.00 25.98 ? 464  ASP A OD1 1 
ATOM   389 O  OD2 . ASP A 1 56  ? 13.592  4.421   3.239   1.00 26.02 ? 464  ASP A OD2 1 
ATOM   390 N  N   . ALA A 1 57  ? 7.769   3.147   2.955   1.00 19.53 ? 465  ALA A N   1 
ATOM   391 C  CA  . ALA A 1 57  ? 6.369   3.547   2.886   1.00 19.93 ? 465  ALA A CA  1 
ATOM   392 C  C   . ALA A 1 57  ? 5.741   3.634   4.278   1.00 20.21 ? 465  ALA A C   1 
ATOM   393 O  O   . ALA A 1 57  ? 6.232   3.029   5.231   1.00 19.99 ? 465  ALA A O   1 
ATOM   394 C  CB  . ALA A 1 57  ? 5.587   2.579   2.004   1.00 18.58 ? 465  ALA A CB  1 
ATOM   395 N  N   . THR A 1 58  ? 4.659   4.395   4.385   1.00 20.39 ? 466  THR A N   1 
ATOM   396 C  CA  . THR A 1 58  ? 3.885   4.497   5.619   1.00 20.84 ? 466  THR A CA  1 
ATOM   397 C  C   . THR A 1 58  ? 2.720   3.516   5.549   1.00 20.59 ? 466  THR A C   1 
ATOM   398 O  O   . THR A 1 58  ? 1.999   3.473   4.543   1.00 20.79 ? 466  THR A O   1 
ATOM   399 C  CB  . THR A 1 58  ? 3.375   5.933   5.813   1.00 22.08 ? 466  THR A CB  1 
ATOM   400 O  OG1 . THR A 1 58  ? 4.490   6.768   6.154   1.00 23.94 ? 466  THR A OG1 1 
ATOM   401 C  CG2 . THR A 1 58  ? 2.300   6.004   6.915   1.00 21.80 ? 466  THR A CG2 1 
ATOM   402 N  N   . CYS A 1 59  ? 2.564   2.709   6.597   1.00 20.18 ? 467  CYS A N   1 
ATOM   403 C  CA  . CYS A 1 59  ? 1.451   1.766   6.691   1.00 20.08 ? 467  CYS A CA  1 
ATOM   404 C  C   . CYS A 1 59  ? 0.327   2.375   7.524   1.00 20.02 ? 467  CYS A C   1 
ATOM   405 O  O   . CYS A 1 59  ? 0.567   2.853   8.633   1.00 20.39 ? 467  CYS A O   1 
ATOM   406 C  CB  . CYS A 1 59  ? 1.898   0.453   7.338   1.00 20.10 ? 467  CYS A CB  1 
ATOM   407 S  SG  . CYS A 1 59  ? 0.685   -0.890  7.217   1.00 21.50 ? 467  CYS A SG  1 
ATOM   408 N  N   . LEU A 1 60  ? -0.892  2.349   6.990   1.00 18.95 ? 468  LEU A N   1 
ATOM   409 C  CA  . LEU A 1 60  ? -2.075  2.775   7.738   1.00 18.30 ? 468  LEU A CA  1 
ATOM   410 C  C   . LEU A 1 60  ? -2.808  1.549   8.270   1.00 18.54 ? 468  LEU A C   1 
ATOM   411 O  O   . LEU A 1 60  ? -3.221  0.675   7.499   1.00 17.84 ? 468  LEU A O   1 
ATOM   412 C  CB  . LEU A 1 60  ? -3.002  3.625   6.859   1.00 18.24 ? 468  LEU A CB  1 
ATOM   413 C  CG  . LEU A 1 60  ? -2.356  4.841   6.167   1.00 18.66 ? 468  LEU A CG  1 
ATOM   414 C  CD1 . LEU A 1 60  ? -3.281  5.411   5.093   1.00 19.81 ? 468  LEU A CD1 1 
ATOM   415 C  CD2 . LEU A 1 60  ? -1.956  5.925   7.166   1.00 18.95 ? 468  LEU A CD2 1 
ATOM   416 N  N   . ASP A 1 61  ? -2.940  1.486   9.593   1.00 17.64 ? 469  ASP A N   1 
ATOM   417 C  CA  . ASP A 1 61  ? -3.602  0.378   10.253  1.00 18.72 ? 469  ASP A CA  1 
ATOM   418 C  C   . ASP A 1 61  ? -5.101  0.694   10.378  1.00 18.36 ? 469  ASP A C   1 
ATOM   419 O  O   . ASP A 1 61  ? -5.514  1.509   11.204  1.00 18.37 ? 469  ASP A O   1 
ATOM   420 C  CB  . ASP A 1 61  ? -2.954  0.112   11.619  1.00 18.77 ? 469  ASP A CB  1 
ATOM   421 C  CG  . ASP A 1 61  ? -3.739  -0.877  12.465  1.00 19.08 ? 469  ASP A CG  1 
ATOM   422 O  OD1 . ASP A 1 61  ? -4.535  -1.673  11.910  1.00 19.09 ? 469  ASP A OD1 1 
ATOM   423 O  OD2 . ASP A 1 61  ? -3.560  -0.858  13.705  1.00 18.07 ? 469  ASP A OD2 1 
ATOM   424 N  N   . GLN A 1 62  ? -5.892  0.030   9.545   1.00 17.83 ? 470  GLN A N   1 
ATOM   425 C  CA  . GLN A 1 62  ? -7.304  0.351   9.384   1.00 17.65 ? 470  GLN A CA  1 
ATOM   426 C  C   . GLN A 1 62  ? -8.188  -0.793  9.855   1.00 17.30 ? 470  GLN A C   1 
ATOM   427 O  O   . GLN A 1 62  ? -7.684  -1.851  10.260  1.00 17.19 ? 470  GLN A O   1 
ATOM   428 C  CB  . GLN A 1 62  ? -7.589  0.720   7.922   1.00 18.03 ? 470  GLN A CB  1 
ATOM   429 C  CG  . GLN A 1 62  ? -6.761  1.901   7.419   1.00 18.46 ? 470  GLN A CG  1 
ATOM   430 C  CD  . GLN A 1 62  ? -6.767  2.039   5.909   1.00 18.50 ? 470  GLN A CD  1 
ATOM   431 O  OE1 . GLN A 1 62  ? -7.194  1.140   5.193   1.00 18.61 ? 470  GLN A OE1 1 
ATOM   432 N  NE2 . GLN A 1 62  ? -6.281  3.171   5.417   1.00 18.77 ? 470  GLN A NE2 1 
ATOM   433 N  N   . ILE A 1 63  ? -9.502  -0.581  9.832   1.00 16.94 ? 471  ILE A N   1 
ATOM   434 C  CA  . ILE A 1 63  ? -10.441 -1.621  10.241  1.00 17.61 ? 471  ILE A CA  1 
ATOM   435 C  C   . ILE A 1 63  ? -10.496 -2.723  9.190   1.00 17.78 ? 471  ILE A C   1 
ATOM   436 O  O   . ILE A 1 63  ? -11.043 -2.537  8.096   1.00 17.75 ? 471  ILE A O   1 
ATOM   437 C  CB  . ILE A 1 63  ? -11.856 -1.066  10.516  1.00 18.03 ? 471  ILE A CB  1 
ATOM   438 C  CG1 . ILE A 1 63  ? -11.791 0.074   11.542  1.00 18.56 ? 471  ILE A CG1 1 
ATOM   439 C  CG2 . ILE A 1 63  ? -12.772 -2.171  11.034  1.00 17.71 ? 471  ILE A CG2 1 
ATOM   440 C  CD1 . ILE A 1 63  ? -13.060 0.911   11.637  1.00 19.08 ? 471  ILE A CD1 1 
ATOM   441 N  N   . GLY A 1 64  ? -9.929  -3.875  9.530   1.00 18.16 ? 472  GLY A N   1 
ATOM   442 C  CA  . GLY A 1 64  ? -9.973  -5.032  8.644   1.00 18.01 ? 472  GLY A CA  1 
ATOM   443 C  C   . GLY A 1 64  ? -9.005  -4.981  7.476   1.00 19.02 ? 472  GLY A C   1 
ATOM   444 O  O   . GLY A 1 64  ? -9.031  -5.873  6.618   1.00 18.69 ? 472  GLY A O   1 
ATOM   445 N  N   . GLU A 1 65  ? -8.145  -3.960  7.440   1.00 19.16 ? 473  GLU A N   1 
ATOM   446 C  CA  . GLU A 1 65  ? -7.209  -3.771  6.323   1.00 20.44 ? 473  GLU A CA  1 
ATOM   447 C  C   . GLU A 1 65  ? -6.037  -2.844  6.629   1.00 19.61 ? 473  GLU A C   1 
ATOM   448 O  O   . GLU A 1 65  ? -6.040  -2.133  7.636   1.00 19.83 ? 473  GLU A O   1 
ATOM   449 C  CB  . GLU A 1 65  ? -7.950  -3.286  5.064   1.00 21.99 ? 473  GLU A CB  1 
ATOM   450 C  CG  . GLU A 1 65  ? -8.739  -1.997  5.217   1.00 23.98 ? 473  GLU A CG  1 
ATOM   451 C  CD  . GLU A 1 65  ? -9.616  -1.700  4.007   1.00 25.29 ? 473  GLU A CD  1 
ATOM   452 O  OE1 . GLU A 1 65  ? -9.136  -1.823  2.863   1.00 26.33 ? 473  GLU A OE1 1 
ATOM   453 O  OE2 . GLU A 1 65  ? -10.792 -1.330  4.198   1.00 28.28 ? 473  GLU A OE2 1 
ATOM   454 N  N   . PHE A 1 66  ? -5.018  -2.893  5.773   1.00 19.07 ? 474  PHE A N   1 
ATOM   455 C  CA  . PHE A 1 66  ? -3.972  -1.875  5.750   1.00 19.08 ? 474  PHE A CA  1 
ATOM   456 C  C   . PHE A 1 66  ? -3.983  -1.165  4.404   1.00 18.92 ? 474  PHE A C   1 
ATOM   457 O  O   . PHE A 1 66  ? -4.498  -1.703  3.419   1.00 18.54 ? 474  PHE A O   1 
ATOM   458 C  CB  . PHE A 1 66  ? -2.584  -2.469  6.036   1.00 18.70 ? 474  PHE A CB  1 
ATOM   459 C  CG  . PHE A 1 66  ? -2.046  -3.350  4.929   1.00 18.80 ? 474  PHE A CG  1 
ATOM   460 C  CD1 . PHE A 1 66  ? -1.309  -2.808  3.874   1.00 18.97 ? 474  PHE A CD1 1 
ATOM   461 C  CD2 . PHE A 1 66  ? -2.256  -4.723  4.955   1.00 19.26 ? 474  PHE A CD2 1 
ATOM   462 C  CE1 . PHE A 1 66  ? -0.811  -3.615  2.860   1.00 19.33 ? 474  PHE A CE1 1 
ATOM   463 C  CE2 . PHE A 1 66  ? -1.756  -5.539  3.950   1.00 20.08 ? 474  PHE A CE2 1 
ATOM   464 C  CZ  . PHE A 1 66  ? -1.033  -4.986  2.899   1.00 19.47 ? 474  PHE A CZ  1 
ATOM   465 N  N   . GLN A 1 67  ? -3.427  0.045   4.380   1.00 19.27 ? 475  GLN A N   1 
ATOM   466 C  CA  . GLN A 1 67  ? -3.129  0.772   3.148   1.00 19.79 ? 475  GLN A CA  1 
ATOM   467 C  C   . GLN A 1 67  ? -1.712  1.323   3.271   1.00 19.10 ? 475  GLN A C   1 
ATOM   468 O  O   . GLN A 1 67  ? -1.287  1.707   4.363   1.00 19.63 ? 475  GLN A O   1 
ATOM   469 C  CB  . GLN A 1 67  ? -4.131  1.916   2.913   1.00 21.04 ? 475  GLN A CB  1 
ATOM   470 C  CG  . GLN A 1 67  ? -5.483  1.462   2.361   1.00 23.24 ? 475  GLN A CG  1 
ATOM   471 C  CD  . GLN A 1 67  ? -6.428  2.605   1.975   1.00 24.30 ? 475  GLN A CD  1 
ATOM   472 O  OE1 . GLN A 1 67  ? -6.517  3.631   2.659   1.00 24.36 ? 475  GLN A OE1 1 
ATOM   473 N  NE2 . GLN A 1 67  ? -7.159  2.416   0.875   1.00 25.34 ? 475  GLN A NE2 1 
ATOM   474 N  N   . CYS A 1 68  ? -0.981  1.337   2.158   1.00 18.55 ? 476  CYS A N   1 
ATOM   475 C  CA  . CYS A 1 68  ? 0.393   1.860   2.123   1.00 18.61 ? 476  CYS A CA  1 
ATOM   476 C  C   . CYS A 1 68  ? 0.424   3.201   1.414   1.00 18.31 ? 476  CYS A C   1 
ATOM   477 O  O   . CYS A 1 68  ? -0.233  3.379   0.387   1.00 18.27 ? 476  CYS A O   1 
ATOM   478 C  CB  . CYS A 1 68  ? 1.331   0.893   1.383   1.00 18.84 ? 476  CYS A CB  1 
ATOM   479 S  SG  . CYS A 1 68  ? 1.430   -0.764  2.085   1.00 19.36 ? 476  CYS A SG  1 
ATOM   480 N  N   . ILE A 1 69  ? 1.182   4.139   1.972   1.00 18.11 ? 477  ILE A N   1 
ATOM   481 C  CA  . ILE A 1 69  ? 1.474   5.416   1.319   1.00 18.41 ? 477  ILE A CA  1 
ATOM   482 C  C   . ILE A 1 69  ? 2.930   5.353   0.873   1.00 17.73 ? 477  ILE A C   1 
ATOM   483 O  O   . ILE A 1 69  ? 3.839   5.288   1.702   1.00 16.96 ? 477  ILE A O   1 
ATOM   484 C  CB  . ILE A 1 69  ? 1.301   6.618   2.282   1.00 19.32 ? 477  ILE A CB  1 
ATOM   485 C  CG1 . ILE A 1 69  ? -0.115  6.656   2.866   1.00 19.77 ? 477  ILE A CG1 1 
ATOM   486 C  CG2 . ILE A 1 69  ? 1.650   7.924   1.577   1.00 19.29 ? 477  ILE A CG2 1 
ATOM   487 C  CD1 . ILE A 1 69  ? -0.237  7.503   4.121   1.00 20.95 ? 477  ILE A CD1 1 
ATOM   488 N  N   . CYS A 1 70  ? 3.146   5.364   -0.438  1.00 18.16 ? 478  CYS A N   1 
ATOM   489 C  CA  . CYS A 1 70  ? 4.473   5.086   -0.999  1.00 18.35 ? 478  CYS A CA  1 
ATOM   490 C  C   . CYS A 1 70  ? 5.364   6.308   -1.001  1.00 18.76 ? 478  CYS A C   1 
ATOM   491 O  O   . CYS A 1 70  ? 4.882   7.432   -1.145  1.00 18.45 ? 478  CYS A O   1 
ATOM   492 C  CB  . CYS A 1 70  ? 4.352   4.557   -2.427  1.00 18.53 ? 478  CYS A CB  1 
ATOM   493 S  SG  . CYS A 1 70  ? 3.362   3.056   -2.614  1.00 17.59 ? 478  CYS A SG  1 
ATOM   494 N  N   . MET A 1 71  ? 6.668   6.079   -0.831  1.00 18.80 ? 479  MET A N   1 
ATOM   495 C  CA  . MET A 1 71  ? 7.670   7.107   -1.109  1.00 19.05 ? 479  MET A CA  1 
ATOM   496 C  C   . MET A 1 71  ? 7.655   7.426   -2.612  1.00 19.25 ? 479  MET A C   1 
ATOM   497 O  O   . MET A 1 71  ? 7.247   6.575   -3.421  1.00 18.76 ? 479  MET A O   1 
ATOM   498 C  CB  . MET A 1 71  ? 9.054   6.627   -0.678  1.00 19.75 ? 479  MET A CB  1 
ATOM   499 C  CG  . MET A 1 71  ? 9.248   6.549   0.827   1.00 20.79 ? 479  MET A CG  1 
ATOM   500 S  SD  . MET A 1 71  ? 9.399   8.172   1.595   1.00 22.80 ? 479  MET A SD  1 
ATOM   501 C  CE  . MET A 1 71  ? 11.056  8.630   1.095   1.00 22.23 ? 479  MET A CE  1 
ATOM   502 N  N   . PRO A 1 72  ? 8.090   8.645   -2.999  1.00 19.65 ? 480  PRO A N   1 
ATOM   503 C  CA  . PRO A 1 72  ? 8.104   8.954   -4.432  1.00 19.21 ? 480  PRO A CA  1 
ATOM   504 C  C   . PRO A 1 72  ? 8.971   7.967   -5.217  1.00 18.46 ? 480  PRO A C   1 
ATOM   505 O  O   . PRO A 1 72  ? 10.040  7.562   -4.753  1.00 17.81 ? 480  PRO A O   1 
ATOM   506 C  CB  . PRO A 1 72  ? 8.686   10.371  -4.488  1.00 20.06 ? 480  PRO A CB  1 
ATOM   507 C  CG  . PRO A 1 72  ? 8.382   10.954  -3.141  1.00 20.41 ? 480  PRO A CG  1 
ATOM   508 C  CD  . PRO A 1 72  ? 8.505   9.807   -2.184  1.00 19.97 ? 480  PRO A CD  1 
ATOM   509 N  N   . GLY A 1 73  ? 8.482   7.556   -6.380  1.00 17.96 ? 481  GLY A N   1 
ATOM   510 C  CA  . GLY A 1 73  ? 9.188   6.573   -7.196  1.00 18.33 ? 481  GLY A CA  1 
ATOM   511 C  C   . GLY A 1 73  ? 8.696   5.153   -7.011  1.00 18.21 ? 481  GLY A C   1 
ATOM   512 O  O   . GLY A 1 73  ? 9.048   4.272   -7.796  1.00 19.59 ? 481  GLY A O   1 
ATOM   513 N  N   . TYR A 1 74  ? 7.873   4.931   -5.987  1.00 18.08 ? 482  TYR A N   1 
ATOM   514 C  CA  . TYR A 1 74  ? 7.329   3.603   -5.699  1.00 17.93 ? 482  TYR A CA  1 
ATOM   515 C  C   . TYR A 1 74  ? 5.816   3.542   -5.821  1.00 17.62 ? 482  TYR A C   1 
ATOM   516 O  O   . TYR A 1 74  ? 5.124   4.529   -5.570  1.00 16.97 ? 482  TYR A O   1 
ATOM   517 C  CB  . TYR A 1 74  ? 7.772   3.128   -4.311  1.00 19.21 ? 482  TYR A CB  1 
ATOM   518 C  CG  . TYR A 1 74  ? 9.268   3.023   -4.200  1.00 19.86 ? 482  TYR A CG  1 
ATOM   519 C  CD1 . TYR A 1 74  ? 9.936   1.870   -4.606  1.00 19.84 ? 482  TYR A CD1 1 
ATOM   520 C  CD2 . TYR A 1 74  ? 10.024  4.099   -3.717  1.00 20.55 ? 482  TYR A CD2 1 
ATOM   521 C  CE1 . TYR A 1 74  ? 11.320  1.785   -4.523  1.00 20.99 ? 482  TYR A CE1 1 
ATOM   522 C  CE2 . TYR A 1 74  ? 11.404  4.020   -3.627  1.00 21.04 ? 482  TYR A CE2 1 
ATOM   523 C  CZ  . TYR A 1 74  ? 12.042  2.865   -4.031  1.00 21.03 ? 482  TYR A CZ  1 
ATOM   524 O  OH  . TYR A 1 74  ? 13.406  2.797   -3.943  1.00 23.31 ? 482  TYR A OH  1 
ATOM   525 N  N   . GLU A 1 75  ? 5.317   2.369   -6.203  1.00 17.06 ? 483  GLU A N   1 
ATOM   526 C  CA  . GLU A 1 75  ? 3.884   2.129   -6.369  1.00 18.12 ? 483  GLU A CA  1 
ATOM   527 C  C   . GLU A 1 75  ? 3.531   0.681   -6.011  1.00 18.09 ? 483  GLU A C   1 
ATOM   528 O  O   . GLU A 1 75  ? 4.408   -0.139  -5.724  1.00 17.80 ? 483  GLU A O   1 
ATOM   529 C  CB  . GLU A 1 75  ? 3.456   2.452   -7.819  1.00 17.89 ? 483  GLU A CB  1 
ATOM   530 C  CG  . GLU A 1 75  ? 3.992   1.470   -8.859  1.00 18.28 ? 483  GLU A CG  1 
ATOM   531 C  CD  . GLU A 1 75  ? 3.603   1.830   -10.291 1.00 19.01 ? 483  GLU A CD  1 
ATOM   532 O  OE1 . GLU A 1 75  ? 4.310   2.625   -10.942 1.00 18.29 ? 483  GLU A OE1 1 
ATOM   533 O  OE2 . GLU A 1 75  ? 2.586   1.304   -10.773 1.00 19.59 ? 483  GLU A OE2 1 
ATOM   534 N  N   . GLY A 1 76  ? 2.239   0.371   -6.030  1.00 19.01 ? 484  GLY A N   1 
ATOM   535 C  CA  . GLY A 1 76  ? 1.766   -0.976  -5.752  1.00 19.41 ? 484  GLY A CA  1 
ATOM   536 C  C   . GLY A 1 76  ? 1.151   -1.093  -4.374  1.00 19.87 ? 484  GLY A C   1 
ATOM   537 O  O   . GLY A 1 76  ? 1.384   -0.253  -3.505  1.00 19.32 ? 484  GLY A O   1 
ATOM   538 N  N   . VAL A 1 77  ? 0.377   -2.153  -4.165  1.00 20.35 ? 485  VAL A N   1 
ATOM   539 C  CA  . VAL A 1 77  ? -0.297  -2.361  -2.876  1.00 20.86 ? 485  VAL A CA  1 
ATOM   540 C  C   . VAL A 1 77  ? 0.693   -2.354  -1.708  1.00 20.38 ? 485  VAL A C   1 
ATOM   541 O  O   . VAL A 1 77  ? 0.356   -1.882  -0.625  1.00 19.88 ? 485  VAL A O   1 
ATOM   542 C  CB  . VAL A 1 77  ? -1.128  -3.663  -2.855  1.00 21.18 ? 485  VAL A CB  1 
ATOM   543 C  CG1 . VAL A 1 77  ? -1.902  -3.777  -1.552  1.00 21.12 ? 485  VAL A CG1 1 
ATOM   544 C  CG2 . VAL A 1 77  ? -2.093  -3.708  -4.037  1.00 22.55 ? 485  VAL A CG2 1 
ATOM   545 N  N   . HIS A 1 78  ? 1.906   -2.865  -1.937  1.00 19.58 ? 486  HIS A N   1 
ATOM   546 C  CA  . HIS A 1 78  ? 2.945   -2.890  -0.899  1.00 19.94 ? 486  HIS A CA  1 
ATOM   547 C  C   . HIS A 1 78  ? 4.067   -1.909  -1.126  1.00 18.88 ? 486  HIS A C   1 
ATOM   548 O  O   . HIS A 1 78  ? 5.100   -2.006  -0.466  1.00 17.76 ? 486  HIS A O   1 
ATOM   549 C  CB  . HIS A 1 78  ? 3.554   -4.288  -0.775  1.00 20.85 ? 486  HIS A CB  1 
ATOM   550 C  CG  . HIS A 1 78  ? 2.571   -5.350  -0.380  1.00 22.20 ? 486  HIS A CG  1 
ATOM   551 N  ND1 . HIS A 1 78  ? 1.745   -5.927  -1.265  1.00 23.47 ? 486  HIS A ND1 1 
ATOM   552 C  CD2 . HIS A 1 78  ? 2.296   -5.928  0.855   1.00 23.08 ? 486  HIS A CD2 1 
ATOM   553 C  CE1 . HIS A 1 78  ? 0.973   -6.832  -0.628  1.00 23.73 ? 486  HIS A CE1 1 
ATOM   554 N  NE2 . HIS A 1 78  ? 1.317   -6.837  0.665   1.00 23.42 ? 486  HIS A NE2 1 
ATOM   555 N  N   . CYS A 1 79  ? 3.885   -0.976  -2.066  1.00 18.32 ? 487  CYS A N   1 
ATOM   556 C  CA  . CYS A 1 79  ? 4.949   -0.044  -2.500  1.00 17.90 ? 487  CYS A CA  1 
ATOM   557 C  C   . CYS A 1 79  ? 6.206   -0.799  -2.954  1.00 18.28 ? 487  CYS A C   1 
ATOM   558 O  O   . CYS A 1 79  ? 7.334   -0.343  -2.783  1.00 18.84 ? 487  CYS A O   1 
ATOM   559 C  CB  . CYS A 1 79  ? 5.242   1.000   -1.422  1.00 17.70 ? 487  CYS A CB  1 
ATOM   560 S  SG  . CYS A 1 79  ? 3.762   1.920   -0.961  1.00 17.68 ? 487  CYS A SG  1 
ATOM   561 N  N   . GLU A 1 80  ? 5.967   -1.955  -3.561  1.00 18.63 ? 488  GLU A N   1 
ATOM   562 C  CA  . GLU A 1 80  ? 7.004   -2.922  -3.905  1.00 18.41 ? 488  GLU A CA  1 
ATOM   563 C  C   . GLU A 1 80  ? 7.535   -2.688  -5.314  1.00 18.34 ? 488  GLU A C   1 
ATOM   564 O  O   . GLU A 1 80  ? 8.556   -3.249  -5.705  1.00 19.38 ? 488  GLU A O   1 
ATOM   565 C  CB  . GLU A 1 80  ? 6.441   -4.349  -3.766  1.00 19.14 ? 488  GLU A CB  1 
ATOM   566 C  CG  . GLU A 1 80  ? 5.564   -4.836  -4.925  1.00 19.52 ? 488  GLU A CG  1 
ATOM   567 C  CD  . GLU A 1 80  ? 4.105   -4.403  -4.857  1.00 20.46 ? 488  GLU A CD  1 
ATOM   568 O  OE1 . GLU A 1 80  ? 3.723   -3.657  -3.936  1.00 20.07 ? 488  GLU A OE1 1 
ATOM   569 O  OE2 . GLU A 1 80  ? 3.327   -4.804  -5.758  1.00 21.11 ? 488  GLU A OE2 1 
ATOM   570 N  N   . VAL A 1 81  ? 6.837   -1.854  -6.082  1.00 17.47 ? 489  VAL A N   1 
ATOM   571 C  CA  . VAL A 1 81  ? 7.224   -1.610  -7.465  1.00 17.13 ? 489  VAL A CA  1 
ATOM   572 C  C   . VAL A 1 81  ? 7.971   -0.295  -7.580  1.00 17.04 ? 489  VAL A C   1 
ATOM   573 O  O   . VAL A 1 81  ? 7.476   0.745   -7.144  1.00 16.31 ? 489  VAL A O   1 
ATOM   574 C  CB  . VAL A 1 81  ? 6.002   -1.616  -8.402  1.00 17.19 ? 489  VAL A CB  1 
ATOM   575 C  CG1 . VAL A 1 81  ? 6.385   -1.126  -9.797  1.00 17.49 ? 489  VAL A CG1 1 
ATOM   576 C  CG2 . VAL A 1 81  ? 5.402   -3.015  -8.459  1.00 17.80 ? 489  VAL A CG2 1 
ATOM   577 N  N   . ASN A 1 82  ? 9.178   -0.369  -8.136  1.00 16.88 ? 490  ASN A N   1 
ATOM   578 C  CA  . ASN A 1 82  ? 9.941   0.806   -8.526  1.00 17.09 ? 490  ASN A CA  1 
ATOM   579 C  C   . ASN A 1 82  ? 9.362   1.248   -9.870  1.00 16.78 ? 490  ASN A C   1 
ATOM   580 O  O   . ASN A 1 82  ? 9.577   0.601   -10.892 1.00 16.96 ? 490  ASN A O   1 
ATOM   581 C  CB  . ASN A 1 82  ? 11.436  0.451   -8.650  1.00 17.40 ? 490  ASN A CB  1 
ATOM   582 C  CG  . ASN A 1 82  ? 12.316  1.659   -8.963  1.00 18.12 ? 490  ASN A CG  1 
ATOM   583 O  OD1 . ASN A 1 82  ? 11.954  2.537   -9.750  1.00 18.25 ? 490  ASN A OD1 1 
ATOM   584 N  ND2 . ASN A 1 82  ? 13.489  1.699   -8.346  1.00 18.17 ? 490  ASN A ND2 1 
ATOM   585 N  N   . THR A 1 83  ? 8.597   2.333   -9.857  1.00 17.07 ? 491  THR A N   1 
ATOM   586 C  CA  . THR A 1 83  ? 7.961   2.834   -11.078 1.00 16.77 ? 491  THR A CA  1 
ATOM   587 C  C   . THR A 1 83  ? 9.001   2.983   -12.191 1.00 17.36 ? 491  THR A C   1 
ATOM   588 O  O   . THR A 1 83  ? 10.086  3.511   -11.960 1.00 17.32 ? 491  THR A O   1 
ATOM   589 C  CB  . THR A 1 83  ? 7.278   4.190   -10.837 1.00 16.05 ? 491  THR A CB  1 
ATOM   590 O  OG1 . THR A 1 83  ? 6.249   4.035   -9.851  1.00 15.70 ? 491  THR A OG1 1 
ATOM   591 C  CG2 . THR A 1 83  ? 6.660   4.719   -12.133 1.00 16.18 ? 491  THR A CG2 1 
ATOM   592 N  N   . ASP A 1 84  ? 8.688   2.480   -13.381 1.00 17.76 ? 492  ASP A N   1 
ATOM   593 C  CA  . ASP A 1 84  ? 9.596   2.611   -14.511 1.00 18.44 ? 492  ASP A CA  1 
ATOM   594 C  C   . ASP A 1 84  ? 9.322   3.940   -15.212 1.00 18.75 ? 492  ASP A C   1 
ATOM   595 O  O   . ASP A 1 84  ? 8.404   4.051   -16.013 1.00 18.15 ? 492  ASP A O   1 
ATOM   596 C  CB  . ASP A 1 84  ? 9.437   1.415   -15.464 1.00 19.74 ? 492  ASP A CB  1 
ATOM   597 C  CG  . ASP A 1 84  ? 10.411  1.446   -16.640 1.00 20.30 ? 492  ASP A CG  1 
ATOM   598 O  OD1 . ASP A 1 84  ? 11.352  2.269   -16.659 1.00 20.06 ? 492  ASP A OD1 1 
ATOM   599 O  OD2 . ASP A 1 84  ? 10.227  0.623   -17.561 1.00 20.83 ? 492  ASP A OD2 1 
ATOM   600 N  N   . GLU A 1 85  ? 10.115  4.961   -14.884 1.00 18.61 ? 493  GLU A N   1 
ATOM   601 C  CA  . GLU A 1 85  ? 9.970   6.265   -15.533 1.00 18.34 ? 493  GLU A CA  1 
ATOM   602 C  C   . GLU A 1 85  ? 10.310  6.223   -17.026 1.00 18.69 ? 493  GLU A C   1 
ATOM   603 O  O   . GLU A 1 85  ? 10.033  7.173   -17.756 1.00 18.20 ? 493  GLU A O   1 
ATOM   604 C  CB  . GLU A 1 85  ? 10.775  7.345   -14.805 1.00 18.17 ? 493  GLU A CB  1 
ATOM   605 C  CG  . GLU A 1 85  ? 10.120  7.841   -13.516 1.00 17.89 ? 493  GLU A CG  1 
ATOM   606 C  CD  . GLU A 1 85  ? 10.378  6.946   -12.315 1.00 17.90 ? 493  GLU A CD  1 
ATOM   607 O  OE1 . GLU A 1 85  ? 11.402  6.235   -12.291 1.00 17.08 ? 493  GLU A OE1 1 
ATOM   608 O  OE2 . GLU A 1 85  ? 9.567   6.962   -11.365 1.00 17.88 ? 493  GLU A OE2 1 
ATOM   609 N  N   . CYS A 1 86  ? 10.897  5.119   -17.477 1.00 18.33 ? 494  CYS A N   1 
ATOM   610 C  CA  . CYS A 1 86  ? 11.230  4.977   -18.890 1.00 19.10 ? 494  CYS A CA  1 
ATOM   611 C  C   . CYS A 1 86  ? 10.064  4.451   -19.719 1.00 18.70 ? 494  CYS A C   1 
ATOM   612 O  O   . CYS A 1 86  ? 10.108  4.499   -20.953 1.00 18.29 ? 494  CYS A O   1 
ATOM   613 C  CB  . CYS A 1 86  ? 12.481  4.114   -19.070 1.00 18.88 ? 494  CYS A CB  1 
ATOM   614 S  SG  . CYS A 1 86  ? 13.944  4.946   -18.411 1.00 20.98 ? 494  CYS A SG  1 
ATOM   615 N  N   . ALA A 1 87  ? 9.024   3.971   -19.039 1.00 18.81 ? 495  ALA A N   1 
ATOM   616 C  CA  . ALA A 1 87  ? 7.881   3.343   -19.696 1.00 20.02 ? 495  ALA A CA  1 
ATOM   617 C  C   . ALA A 1 87  ? 7.195   4.240   -20.742 1.00 21.05 ? 495  ALA A C   1 
ATOM   618 O  O   . ALA A 1 87  ? 6.705   3.738   -21.751 1.00 20.93 ? 495  ALA A O   1 
ATOM   619 C  CB  . ALA A 1 87  ? 6.876   2.848   -18.665 1.00 20.72 ? 495  ALA A CB  1 
ATOM   620 N  N   . SER A 1 88  ? 7.187   5.556   -20.517 1.00 21.84 ? 496  SER A N   1 
ATOM   621 C  CA  . SER A 1 88  ? 6.564   6.497   -21.465 1.00 22.64 ? 496  SER A CA  1 
ATOM   622 C  C   . SER A 1 88  ? 7.502   6.968   -22.592 1.00 22.86 ? 496  SER A C   1 
ATOM   623 O  O   . SER A 1 88  ? 7.140   7.849   -23.372 1.00 23.25 ? 496  SER A O   1 
ATOM   624 C  CB  . SER A 1 88  ? 5.969   7.704   -20.721 1.00 24.04 ? 496  SER A CB  1 
ATOM   625 O  OG  . SER A 1 88  ? 6.996   8.551   -20.217 1.00 24.68 ? 496  SER A OG  1 
ATOM   626 N  N   . SER A 1 89  ? 8.688   6.369   -22.679 1.00 22.87 ? 497  SER A N   1 
ATOM   627 C  CA  . SER A 1 89  ? 9.721   6.738   -23.672 1.00 23.02 ? 497  SER A CA  1 
ATOM   628 C  C   . SER A 1 89  ? 9.992   8.251   -23.694 1.00 22.02 ? 497  SER A C   1 
ATOM   629 O  O   . SER A 1 89  ? 9.785   8.909   -24.719 1.00 21.84 ? 497  SER A O   1 
ATOM   630 C  CB  . SER A 1 89  ? 9.360   6.249   -25.089 1.00 24.95 ? 497  SER A CB  1 
ATOM   631 O  OG  . SER A 1 89  ? 8.813   4.943   -25.092 1.00 25.93 ? 497  SER A OG  1 
ATOM   632 N  N   . PRO A 1 90  ? 10.453  8.813   -22.565 1.00 21.14 ? 498  PRO A N   1 
ATOM   633 C  CA  . PRO A 1 90  ? 10.644  10.268  -22.507 1.00 20.76 ? 498  PRO A CA  1 
ATOM   634 C  C   . PRO A 1 90  ? 11.863  10.772  -23.290 1.00 20.53 ? 498  PRO A C   1 
ATOM   635 O  O   . PRO A 1 90  ? 11.952  11.971  -23.575 1.00 20.49 ? 498  PRO A O   1 
ATOM   636 C  CB  . PRO A 1 90  ? 10.823  10.533  -21.014 1.00 20.49 ? 498  PRO A CB  1 
ATOM   637 C  CG  . PRO A 1 90  ? 11.390  9.269   -20.471 1.00 20.32 ? 498  PRO A CG  1 
ATOM   638 C  CD  . PRO A 1 90  ? 10.851  8.146   -21.309 1.00 21.11 ? 498  PRO A CD  1 
ATOM   639 N  N   . CYS A 1 91  ? 12.798  9.881   -23.615 1.00 19.95 ? 499  CYS A N   1 
ATOM   640 C  CA  . CYS A 1 91  ? 14.011  10.286  -24.333 1.00 20.97 ? 499  CYS A CA  1 
ATOM   641 C  C   . CYS A 1 91  ? 13.738  10.353  -25.825 1.00 21.32 ? 499  CYS A C   1 
ATOM   642 O  O   . CYS A 1 91  ? 13.327  9.354   -26.434 1.00 21.39 ? 499  CYS A O   1 
ATOM   643 C  CB  . CYS A 1 91  ? 15.172  9.330   -24.072 1.00 20.46 ? 499  CYS A CB  1 
ATOM   644 S  SG  . CYS A 1 91  ? 15.558  9.038   -22.335 1.00 20.52 ? 499  CYS A SG  1 
ATOM   645 N  N   . LEU A 1 92  ? 13.967  11.528  -26.399 1.00 21.36 ? 500  LEU A N   1 
ATOM   646 C  CA  . LEU A 1 92  ? 13.741  11.745  -27.827 1.00 22.37 ? 500  LEU A CA  1 
ATOM   647 C  C   . LEU A 1 92  ? 14.900  11.156  -28.622 1.00 22.01 ? 500  LEU A C   1 
ATOM   648 O  O   . LEU A 1 92  ? 15.962  10.865  -28.064 1.00 21.93 ? 500  LEU A O   1 
ATOM   649 C  CB  . LEU A 1 92  ? 13.569  13.245  -28.144 1.00 22.01 ? 500  LEU A CB  1 
ATOM   650 C  CG  . LEU A 1 92  ? 12.432  14.062  -27.499 1.00 22.92 ? 500  LEU A CG  1 
ATOM   651 C  CD1 . LEU A 1 92  ? 12.508  15.506  -27.972 1.00 23.39 ? 500  LEU A CD1 1 
ATOM   652 C  CD2 . LEU A 1 92  ? 11.051  13.480  -27.780 1.00 23.01 ? 500  LEU A CD2 1 
ATOM   653 N  N   . HIS A 1 93  ? 14.679  10.968  -29.923 1.00 22.69 ? 501  HIS A N   1 
ATOM   654 C  CA  . HIS A 1 93  ? 15.715  10.523  -30.867 1.00 22.93 ? 501  HIS A CA  1 
ATOM   655 C  C   . HIS A 1 93  ? 16.415  9.241   -30.502 1.00 23.91 ? 501  HIS A C   1 
ATOM   656 O  O   . HIS A 1 93  ? 17.632  9.114   -30.685 1.00 24.26 ? 501  HIS A O   1 
ATOM   657 C  CB  . HIS A 1 93  ? 16.721  11.643  -31.125 1.00 23.29 ? 501  HIS A CB  1 
ATOM   658 C  CG  . HIS A 1 93  ? 16.092  12.895  -31.680 1.00 22.83 ? 501  HIS A CG  1 
ATOM   659 N  ND1 . HIS A 1 93  ? 15.945  14.018  -30.952 1.00 23.16 ? 501  HIS A ND1 1 
ATOM   660 C  CD2 . HIS A 1 93  ? 15.541  13.163  -32.931 1.00 22.82 ? 501  HIS A CD2 1 
ATOM   661 C  CE1 . HIS A 1 93  ? 15.338  14.959  -31.697 1.00 22.95 ? 501  HIS A CE1 1 
ATOM   662 N  NE2 . HIS A 1 93  ? 15.084  14.433  -32.907 1.00 23.24 ? 501  HIS A NE2 1 
ATOM   663 N  N   . ASN A 1 94  ? 15.648  8.275   -30.000 1.00 23.14 ? 502  ASN A N   1 
ATOM   664 C  CA  . ASN A 1 94  ? 16.174  6.954   -29.651 1.00 24.18 ? 502  ASN A CA  1 
ATOM   665 C  C   . ASN A 1 94  ? 17.237  6.992   -28.564 1.00 23.57 ? 502  ASN A C   1 
ATOM   666 O  O   . ASN A 1 94  ? 18.100  6.123   -28.515 1.00 23.85 ? 502  ASN A O   1 
ATOM   667 C  CB  . ASN A 1 94  ? 16.720  6.232   -30.892 1.00 25.67 ? 502  ASN A CB  1 
ATOM   668 C  CG  . ASN A 1 94  ? 15.714  6.165   -32.016 1.00 26.12 ? 502  ASN A CG  1 
ATOM   669 O  OD1 . ASN A 1 94  ? 15.718  7.009   -32.915 1.00 27.38 ? 502  ASN A OD1 1 
ATOM   670 N  ND2 . ASN A 1 94  ? 14.823  5.180   -31.959 1.00 27.03 ? 502  ASN A ND2 1 
ATOM   671 N  N   . GLY A 1 95  ? 17.176  7.997   -27.692 1.00 22.96 ? 503  GLY A N   1 
ATOM   672 C  CA  . GLY A 1 95  ? 18.063  8.045   -26.527 1.00 22.60 ? 503  GLY A CA  1 
ATOM   673 C  C   . GLY A 1 95  ? 17.805  6.846   -25.635 1.00 23.11 ? 503  GLY A C   1 
ATOM   674 O  O   . GLY A 1 95  ? 16.664  6.402   -25.502 1.00 22.58 ? 503  GLY A O   1 
ATOM   675 N  N   . ARG A 1 96  ? 18.868  6.289   -25.060 1.00 23.55 ? 504  ARG A N   1 
ATOM   676 C  CA  . ARG A 1 96  ? 18.736  5.165   -24.143 1.00 23.42 ? 504  ARG A CA  1 
ATOM   677 C  C   . ARG A 1 96  ? 18.253  5.711   -22.801 1.00 22.52 ? 504  ARG A C   1 
ATOM   678 O  O   . ARG A 1 96  ? 18.885  6.604   -22.223 1.00 21.89 ? 504  ARG A O   1 
ATOM   679 C  CB  . ARG A 1 96  ? 20.076  4.434   -24.005 1.00 25.31 ? 504  ARG A CB  1 
ATOM   680 C  CG  . ARG A 1 96  ? 20.118  3.320   -22.970 1.00 27.99 ? 504  ARG A CG  1 
ATOM   681 C  CD  . ARG A 1 96  ? 21.466  2.613   -23.008 1.00 30.69 ? 504  ARG A CD  1 
ATOM   682 N  NE  . ARG A 1 96  ? 21.634  1.683   -21.894 1.00 34.09 ? 504  ARG A NE  1 
ATOM   683 C  CZ  . ARG A 1 96  ? 22.621  1.737   -20.997 1.00 34.88 ? 504  ARG A CZ  1 
ATOM   684 N  NH1 . ARG A 1 96  ? 23.555  2.685   -21.063 1.00 35.56 ? 504  ARG A NH1 1 
ATOM   685 N  NH2 . ARG A 1 96  ? 22.674  0.834   -20.030 1.00 35.06 ? 504  ARG A NH2 1 
ATOM   686 N  N   . CYS A 1 97  ? 17.124  5.192   -22.324 1.00 21.73 ? 505  CYS A N   1 
ATOM   687 C  CA  . CYS A 1 97  ? 16.559  5.648   -21.053 1.00 21.67 ? 505  CYS A CA  1 
ATOM   688 C  C   . CYS A 1 97  ? 17.030  4.764   -19.898 1.00 21.71 ? 505  CYS A C   1 
ATOM   689 O  O   . CYS A 1 97  ? 16.919  3.531   -19.948 1.00 22.21 ? 505  CYS A O   1 
ATOM   690 C  CB  . CYS A 1 97  ? 15.028  5.713   -21.122 1.00 21.06 ? 505  CYS A CB  1 
ATOM   691 S  SG  . CYS A 1 97  ? 14.233  6.501   -19.691 1.00 20.37 ? 505  CYS A SG  1 
ATOM   692 N  N   . LEU A 1 98  ? 17.568  5.403   -18.866 1.00 21.31 ? 506  LEU A N   1 
ATOM   693 C  CA  . LEU A 1 98  ? 18.006  4.701   -17.665 1.00 21.15 ? 506  LEU A CA  1 
ATOM   694 C  C   . LEU A 1 98  ? 17.052  5.026   -16.533 1.00 21.47 ? 506  LEU A C   1 
ATOM   695 O  O   . LEU A 1 98  ? 16.871  6.200   -16.195 1.00 20.72 ? 506  LEU A O   1 
ATOM   696 C  CB  . LEU A 1 98  ? 19.415  5.140   -17.273 1.00 22.05 ? 506  LEU A CB  1 
ATOM   697 C  CG  . LEU A 1 98  ? 20.512  5.174   -18.344 1.00 23.79 ? 506  LEU A CG  1 
ATOM   698 C  CD1 . LEU A 1 98  ? 21.794  5.735   -17.737 1.00 24.03 ? 506  LEU A CD1 1 
ATOM   699 C  CD2 . LEU A 1 98  ? 20.747  3.788   -18.913 1.00 23.15 ? 506  LEU A CD2 1 
ATOM   700 N  N   . ASP A 1 99  ? 16.450  3.995   -15.942 1.00 20.70 ? 507  ASP A N   1 
ATOM   701 C  CA  . ASP A 1 99  ? 15.495  4.207   -14.860 1.00 20.77 ? 507  ASP A CA  1 
ATOM   702 C  C   . ASP A 1 99  ? 16.197  4.449   -13.530 1.00 20.77 ? 507  ASP A C   1 
ATOM   703 O  O   . ASP A 1 99  ? 17.151  3.755   -13.193 1.00 20.60 ? 507  ASP A O   1 
ATOM   704 C  CB  . ASP A 1 99  ? 14.545  3.026   -14.713 1.00 20.93 ? 507  ASP A CB  1 
ATOM   705 C  CG  . ASP A 1 99  ? 13.473  3.284   -13.667 1.00 20.15 ? 507  ASP A CG  1 
ATOM   706 O  OD1 . ASP A 1 99  ? 12.661  4.211   -13.862 1.00 19.53 ? 507  ASP A OD1 1 
ATOM   707 O  OD2 . ASP A 1 99  ? 13.445  2.584   -12.637 1.00 20.37 ? 507  ASP A OD2 1 
ATOM   708 N  N   . LYS A 1 100 ? 15.717  5.438   -12.782 1.00 19.94 ? 508  LYS A N   1 
ATOM   709 C  CA  . LYS A 1 100 ? 16.228  5.710   -11.440 1.00 20.62 ? 508  LYS A CA  1 
ATOM   710 C  C   . LYS A 1 100 ? 15.046  5.802   -10.469 1.00 19.15 ? 508  LYS A C   1 
ATOM   711 O  O   . LYS A 1 100 ? 13.950  5.342   -10.782 1.00 18.76 ? 508  LYS A O   1 
ATOM   712 C  CB  . LYS A 1 100 ? 17.042  7.001   -11.431 1.00 21.22 ? 508  LYS A CB  1 
ATOM   713 C  CG  . LYS A 1 100 ? 18.240  7.008   -12.370 1.00 23.80 ? 508  LYS A CG  1 
ATOM   714 C  CD  . LYS A 1 100 ? 19.238  8.043   -11.888 1.00 26.46 ? 508  LYS A CD  1 
ATOM   715 C  CE  . LYS A 1 100 ? 20.527  7.995   -12.681 1.00 29.10 ? 508  LYS A CE  1 
ATOM   716 N  NZ  . LYS A 1 100 ? 21.547  8.887   -12.054 1.00 31.26 ? 508  LYS A NZ  1 
ATOM   717 N  N   . ILE A 1 101 ? 15.261  6.382   -9.295  1.00 19.14 ? 509  ILE A N   1 
ATOM   718 C  CA  . ILE A 1 101 ? 14.175  6.505   -8.320  1.00 19.08 ? 509  ILE A CA  1 
ATOM   719 C  C   . ILE A 1 101 ? 13.448  7.836   -8.531  1.00 18.45 ? 509  ILE A C   1 
ATOM   720 O  O   . ILE A 1 101 ? 14.028  8.906   -8.351  1.00 18.07 ? 509  ILE A O   1 
ATOM   721 C  CB  . ILE A 1 101 ? 14.659  6.335   -6.856  1.00 20.07 ? 509  ILE A CB  1 
ATOM   722 C  CG1 . ILE A 1 101 ? 15.319  4.959   -6.660  1.00 20.39 ? 509  ILE A CG1 1 
ATOM   723 C  CG2 . ILE A 1 101 ? 13.480  6.466   -5.899  1.00 19.27 ? 509  ILE A CG2 1 
ATOM   724 C  CD1 . ILE A 1 101 ? 16.035  4.792   -5.333  1.00 22.43 ? 509  ILE A CD1 1 
ATOM   725 N  N   . ASN A 1 102 ? 12.185  7.759   -8.951  1.00 18.51 ? 510  ASN A N   1 
ATOM   726 C  CA  . ASN A 1 102 ? 11.366  8.950   -9.275  1.00 18.75 ? 510  ASN A CA  1 
ATOM   727 C  C   . ASN A 1 102 ? 12.057  9.925   -10.241 1.00 19.06 ? 510  ASN A C   1 
ATOM   728 O  O   . ASN A 1 102 ? 11.829  11.147  -10.214 1.00 18.29 ? 510  ASN A O   1 
ATOM   729 C  CB  . ASN A 1 102 ? 10.893  9.667   -7.996  1.00 19.06 ? 510  ASN A CB  1 
ATOM   730 C  CG  . ASN A 1 102 ? 9.700   10.579  -8.244  1.00 19.50 ? 510  ASN A CG  1 
ATOM   731 O  OD1 . ASN A 1 102 ? 8.810   10.264  -9.042  1.00 19.93 ? 510  ASN A OD1 1 
ATOM   732 N  ND2 . ASN A 1 102 ? 9.684   11.719  -7.569  1.00 20.35 ? 510  ASN A ND2 1 
ATOM   733 N  N   . GLU A 1 103 ? 12.883  9.350   -11.110 1.00 19.35 ? 511  GLU A N   1 
ATOM   734 C  CA  . GLU A 1 103 ? 13.729  10.077  -12.035 1.00 19.21 ? 511  GLU A CA  1 
ATOM   735 C  C   . GLU A 1 103 ? 14.224  9.120   -13.116 1.00 18.91 ? 511  GLU A C   1 
ATOM   736 O  O   . GLU A 1 103 ? 14.121  7.901   -12.974 1.00 19.25 ? 511  GLU A O   1 
ATOM   737 C  CB  . GLU A 1 103 ? 14.914  10.704  -11.283 1.00 20.03 ? 511  GLU A CB  1 
ATOM   738 C  CG  . GLU A 1 103 ? 15.780  11.635  -12.114 1.00 21.74 ? 511  GLU A CG  1 
ATOM   739 C  CD  . GLU A 1 103 ? 14.974  12.742  -12.775 1.00 22.49 ? 511  GLU A CD  1 
ATOM   740 O  OE1 . GLU A 1 103 ? 14.697  13.763  -12.107 1.00 24.09 ? 511  GLU A OE1 1 
ATOM   741 O  OE2 . GLU A 1 103 ? 14.601  12.593  -13.965 1.00 22.20 ? 511  GLU A OE2 1 
ATOM   742 N  N   . PHE A 1 104 ? 14.748  9.682   -14.201 1.00 19.26 ? 512  PHE A N   1 
ATOM   743 C  CA  . PHE A 1 104 ? 15.343  8.907   -15.286 1.00 19.45 ? 512  PHE A CA  1 
ATOM   744 C  C   . PHE A 1 104 ? 16.477  9.719   -15.903 1.00 19.89 ? 512  PHE A C   1 
ATOM   745 O  O   . PHE A 1 104 ? 16.543  10.941  -15.730 1.00 18.68 ? 512  PHE A O   1 
ATOM   746 C  CB  . PHE A 1 104 ? 14.292  8.558   -16.358 1.00 19.47 ? 512  PHE A CB  1 
ATOM   747 C  CG  . PHE A 1 104 ? 13.734  9.764   -17.071 1.00 19.40 ? 512  PHE A CG  1 
ATOM   748 C  CD1 . PHE A 1 104 ? 14.344  10.247  -18.228 1.00 19.17 ? 512  PHE A CD1 1 
ATOM   749 C  CD2 . PHE A 1 104 ? 12.604  10.418  -16.583 1.00 19.64 ? 512  PHE A CD2 1 
ATOM   750 C  CE1 . PHE A 1 104 ? 13.851  11.371  -18.879 1.00 19.60 ? 512  PHE A CE1 1 
ATOM   751 C  CE2 . PHE A 1 104 ? 12.105  11.541  -17.226 1.00 19.75 ? 512  PHE A CE2 1 
ATOM   752 C  CZ  . PHE A 1 104 ? 12.728  12.020  -18.373 1.00 19.72 ? 512  PHE A CZ  1 
ATOM   753 N  N   . GLN A 1 105 ? 17.369  9.038   -16.613 1.00 21.62 ? 513  GLN A N   1 
ATOM   754 C  CA  . GLN A 1 105 ? 18.422  9.708   -17.370 1.00 22.77 ? 513  GLN A CA  1 
ATOM   755 C  C   . GLN A 1 105 ? 18.346  9.259   -18.816 1.00 21.97 ? 513  GLN A C   1 
ATOM   756 O  O   . GLN A 1 105 ? 17.965  8.130   -19.092 1.00 22.85 ? 513  GLN A O   1 
ATOM   757 C  CB  . GLN A 1 105 ? 19.801  9.366   -16.810 1.00 26.18 ? 513  GLN A CB  1 
ATOM   758 C  CG  . GLN A 1 105 ? 20.165  10.134  -15.546 1.00 29.58 ? 513  GLN A CG  1 
ATOM   759 C  CD  . GLN A 1 105 ? 21.642  10.041  -15.207 1.00 31.78 ? 513  GLN A CD  1 
ATOM   760 O  OE1 . GLN A 1 105 ? 22.271  8.983   -15.352 1.00 32.65 ? 513  GLN A OE1 1 
ATOM   761 N  NE2 . GLN A 1 105 ? 22.206  11.152  -14.745 1.00 32.81 ? 513  GLN A NE2 1 
ATOM   762 N  N   . CYS A 1 106 ? 18.719  10.144  -19.730 1.00 21.55 ? 514  CYS A N   1 
ATOM   763 C  CA  . CYS A 1 106 ? 18.799  9.797   -21.142 1.00 21.21 ? 514  CYS A CA  1 
ATOM   764 C  C   . CYS A 1 106 ? 20.253  9.823   -21.586 1.00 20.81 ? 514  CYS A C   1 
ATOM   765 O  O   . CYS A 1 106 ? 20.971  10.781  -21.324 1.00 19.75 ? 514  CYS A O   1 
ATOM   766 C  CB  . CYS A 1 106 ? 17.996  10.788  -21.984 1.00 20.42 ? 514  CYS A CB  1 
ATOM   767 S  SG  . CYS A 1 106 ? 16.222  10.823  -21.630 1.00 19.10 ? 514  CYS A SG  1 
ATOM   768 N  N   . GLU A 1 107 ? 20.689  8.764   -22.256 1.00 21.56 ? 515  GLU A N   1 
ATOM   769 C  CA  . GLU A 1 107 ? 21.986  8.789   -22.917 1.00 22.84 ? 515  GLU A CA  1 
ATOM   770 C  C   . GLU A 1 107 ? 21.713  8.981   -24.399 1.00 21.85 ? 515  GLU A C   1 
ATOM   771 O  O   . GLU A 1 107 ? 21.162  8.100   -25.069 1.00 20.65 ? 515  GLU A O   1 
ATOM   772 C  CB  . GLU A 1 107 ? 22.772  7.512   -22.637 1.00 25.52 ? 515  GLU A CB  1 
ATOM   773 C  CG  . GLU A 1 107 ? 22.946  7.225   -21.152 1.00 29.37 ? 515  GLU A CG  1 
ATOM   774 C  CD  . GLU A 1 107 ? 24.135  6.329   -20.862 1.00 31.74 ? 515  GLU A CD  1 
ATOM   775 O  OE1 . GLU A 1 107 ? 24.410  5.422   -21.674 1.00 35.36 ? 515  GLU A OE1 1 
ATOM   776 O  OE2 . GLU A 1 107 ? 24.798  6.540   -19.823 1.00 34.52 ? 515  GLU A OE2 1 
ATOM   777 N  N   . CYS A 1 108 ? 22.057  10.167  -24.885 1.00 21.12 ? 516  CYS A N   1 
ATOM   778 C  CA  . CYS A 1 108 ? 21.650  10.605  -26.217 1.00 20.98 ? 516  CYS A CA  1 
ATOM   779 C  C   . CYS A 1 108 ? 22.588  10.057  -27.274 1.00 20.43 ? 516  CYS A C   1 
ATOM   780 O  O   . CYS A 1 108 ? 23.767  9.869   -26.999 1.00 20.39 ? 516  CYS A O   1 
ATOM   781 C  CB  . CYS A 1 108 ? 21.666  12.123  -26.280 1.00 21.25 ? 516  CYS A CB  1 
ATOM   782 S  SG  . CYS A 1 108 ? 20.540  12.915  -25.115 1.00 20.94 ? 516  CYS A SG  1 
ATOM   783 N  N   . PRO A 1 109 ? 22.068  9.809   -28.490 1.00 20.16 ? 517  PRO A N   1 
ATOM   784 C  CA  . PRO A 1 109 ? 22.954  9.421   -29.579 1.00 20.44 ? 517  PRO A CA  1 
ATOM   785 C  C   . PRO A 1 109 ? 23.770  10.608  -30.086 1.00 20.04 ? 517  PRO A C   1 
ATOM   786 O  O   . PRO A 1 109 ? 23.524  11.764  -29.689 1.00 19.60 ? 517  PRO A O   1 
ATOM   787 C  CB  . PRO A 1 109 ? 21.981  8.952   -30.664 1.00 19.86 ? 517  PRO A CB  1 
ATOM   788 C  CG  . PRO A 1 109 ? 20.745  9.746   -30.405 1.00 19.71 ? 517  PRO A CG  1 
ATOM   789 C  CD  . PRO A 1 109 ? 20.654  9.799   -28.910 1.00 19.93 ? 517  PRO A CD  1 
ATOM   790 N  N   . THR A 1 110 ? 24.734  10.323  -30.957 1.00 19.81 ? 518  THR A N   1 
ATOM   791 C  CA  . THR A 1 110 ? 25.564  11.369  -31.540 1.00 20.11 ? 518  THR A CA  1 
ATOM   792 C  C   . THR A 1 110 ? 24.718  12.482  -32.173 1.00 20.75 ? 518  THR A C   1 
ATOM   793 O  O   . THR A 1 110 ? 23.784  12.220  -32.940 1.00 21.20 ? 518  THR A O   1 
ATOM   794 C  CB  . THR A 1 110 ? 26.567  10.786  -32.561 1.00 19.29 ? 518  THR A CB  1 
ATOM   795 O  OG1 . THR A 1 110 ? 27.437  9.867   -31.885 1.00 18.02 ? 518  THR A OG1 1 
ATOM   796 C  CG2 . THR A 1 110 ? 27.397  11.900  -33.192 1.00 19.22 ? 518  THR A CG2 1 
ATOM   797 N  N   . GLY A 1 111 ? 25.041  13.722  -31.821 1.00 20.94 ? 519  GLY A N   1 
ATOM   798 C  CA  . GLY A 1 111 ? 24.426  14.874  -32.460 1.00 21.88 ? 519  GLY A CA  1 
ATOM   799 C  C   . GLY A 1 111 ? 23.243  15.428  -31.692 1.00 22.49 ? 519  GLY A C   1 
ATOM   800 O  O   . GLY A 1 111 ? 22.641  16.413  -32.115 1.00 23.59 ? 519  GLY A O   1 
ATOM   801 N  N   . PHE A 1 112 ? 22.908  14.787  -30.574 1.00 21.59 ? 520  PHE A N   1 
ATOM   802 C  CA  . PHE A 1 112 ? 21.804  15.232  -29.724 1.00 21.82 ? 520  PHE A CA  1 
ATOM   803 C  C   . PHE A 1 112 ? 22.244  15.357  -28.279 1.00 21.14 ? 520  PHE A C   1 
ATOM   804 O  O   . PHE A 1 112 ? 23.038  14.552  -27.780 1.00 21.43 ? 520  PHE A O   1 
ATOM   805 C  CB  . PHE A 1 112 ? 20.596  14.299  -29.835 1.00 21.45 ? 520  PHE A CB  1 
ATOM   806 C  CG  . PHE A 1 112 ? 19.964  14.299  -31.192 1.00 21.93 ? 520  PHE A CG  1 
ATOM   807 C  CD1 . PHE A 1 112 ? 19.070  15.294  -31.552 1.00 22.00 ? 520  PHE A CD1 1 
ATOM   808 C  CD2 . PHE A 1 112 ? 20.296  13.317  -32.130 1.00 22.86 ? 520  PHE A CD2 1 
ATOM   809 C  CE1 . PHE A 1 112 ? 18.500  15.312  -32.819 1.00 23.09 ? 520  PHE A CE1 1 
ATOM   810 C  CE2 . PHE A 1 112 ? 19.729  13.328  -33.398 1.00 23.21 ? 520  PHE A CE2 1 
ATOM   811 C  CZ  . PHE A 1 112 ? 18.824  14.323  -33.740 1.00 22.62 ? 520  PHE A CZ  1 
ATOM   812 N  N   . THR A 1 113 ? 21.726  16.373  -27.603 1.00 21.71 ? 521  THR A N   1 
ATOM   813 C  CA  . THR A 1 113 ? 22.053  16.569  -26.203 1.00 21.64 ? 521  THR A CA  1 
ATOM   814 C  C   . THR A 1 113 ? 20.856  17.110  -25.415 1.00 22.30 ? 521  THR A C   1 
ATOM   815 O  O   . THR A 1 113 ? 19.767  17.322  -25.979 1.00 20.37 ? 521  THR A O   1 
ATOM   816 C  CB  . THR A 1 113 ? 23.313  17.454  -26.035 1.00 22.22 ? 521  THR A CB  1 
ATOM   817 O  OG1 . THR A 1 113 ? 23.764  17.383  -24.675 1.00 23.57 ? 521  THR A OG1 1 
ATOM   818 C  CG2 . THR A 1 113 ? 23.048  18.909  -26.435 1.00 22.54 ? 521  THR A CG2 1 
ATOM   819 N  N   . GLY A 1 114 ? 21.059  17.316  -24.114 1.00 22.05 ? 522  GLY A N   1 
ATOM   820 C  CA  . GLY A 1 114 ? 19.987  17.768  -23.242 1.00 22.50 ? 522  GLY A CA  1 
ATOM   821 C  C   . GLY A 1 114 ? 19.351  16.627  -22.488 1.00 22.77 ? 522  GLY A C   1 
ATOM   822 O  O   . GLY A 1 114 ? 19.520  15.451  -22.850 1.00 22.74 ? 522  GLY A O   1 
ATOM   823 N  N   . HIS A 1 115 ? 18.600  16.974  -21.442 1.00 22.19 ? 523  HIS A N   1 
ATOM   824 C  CA  . HIS A 1 115 ? 17.992  15.977  -20.563 1.00 22.61 ? 523  HIS A CA  1 
ATOM   825 C  C   . HIS A 1 115 ? 17.151  14.975  -21.302 1.00 21.58 ? 523  HIS A C   1 
ATOM   826 O  O   . HIS A 1 115 ? 17.135  13.799  -20.952 1.00 21.42 ? 523  HIS A O   1 
ATOM   827 C  CB  . HIS A 1 115 ? 17.171  16.653  -19.464 1.00 23.71 ? 523  HIS A CB  1 
ATOM   828 C  CG  . HIS A 1 115 ? 16.545  15.688  -18.488 1.00 25.33 ? 523  HIS A CG  1 
ATOM   829 N  ND1 . HIS A 1 115 ? 17.244  14.698  -17.890 1.00 25.47 ? 523  HIS A ND1 1 
ATOM   830 C  CD2 . HIS A 1 115 ? 15.242  15.591  -18.012 1.00 25.33 ? 523  HIS A CD2 1 
ATOM   831 C  CE1 . HIS A 1 115 ? 16.423  13.999  -17.084 1.00 26.18 ? 523  HIS A CE1 1 
ATOM   832 N  NE2 . HIS A 1 115 ? 15.199  14.554  -17.154 1.00 25.09 ? 523  HIS A NE2 1 
ATOM   833 N  N   . LEU A 1 116 ? 16.459  15.435  -22.340 1.00 20.98 ? 524  LEU A N   1 
ATOM   834 C  CA  . LEU A 1 116 ? 15.526  14.603  -23.094 1.00 20.30 ? 524  LEU A CA  1 
ATOM   835 C  C   . LEU A 1 116 ? 16.000  14.414  -24.533 1.00 20.69 ? 524  LEU A C   1 
ATOM   836 O  O   . LEU A 1 116 ? 15.219  14.024  -25.403 1.00 20.30 ? 524  LEU A O   1 
ATOM   837 C  CB  . LEU A 1 116 ? 14.124  15.235  -23.067 1.00 20.63 ? 524  LEU A CB  1 
ATOM   838 C  CG  . LEU A 1 116 ? 13.498  15.396  -21.676 1.00 20.60 ? 524  LEU A CG  1 
ATOM   839 C  CD1 . LEU A 1 116 ? 12.053  15.872  -21.734 1.00 22.20 ? 524  LEU A CD1 1 
ATOM   840 C  CD2 . LEU A 1 116 ? 13.572  14.082  -20.931 1.00 20.58 ? 524  LEU A CD2 1 
ATOM   841 N  N   . CYS A 1 117 ? 17.283  14.700  -24.768 1.00 20.19 ? 525  CYS A N   1 
ATOM   842 C  CA  . CYS A 1 117 ? 17.901  14.585  -26.091 1.00 20.67 ? 525  CYS A CA  1 
ATOM   843 C  C   . CYS A 1 117 ? 17.244  15.496  -27.132 1.00 20.64 ? 525  CYS A C   1 
ATOM   844 O  O   . CYS A 1 117 ? 17.270  15.200  -28.326 1.00 20.39 ? 525  CYS A O   1 
ATOM   845 C  CB  . CYS A 1 117 ? 17.898  13.121  -26.554 1.00 20.23 ? 525  CYS A CB  1 
ATOM   846 S  SG  . CYS A 1 117 ? 18.744  12.015  -25.399 1.00 20.41 ? 525  CYS A SG  1 
ATOM   847 N  N   . GLN A 1 118 ? 16.678  16.608  -26.659 1.00 22.09 ? 526  GLN A N   1 
ATOM   848 C  CA  . GLN A 1 118 ? 15.941  17.575  -27.483 1.00 23.00 ? 526  GLN A CA  1 
ATOM   849 C  C   . GLN A 1 118 ? 16.797  18.374  -28.432 1.00 23.04 ? 526  GLN A C   1 
ATOM   850 O  O   . GLN A 1 118 ? 16.340  18.760  -29.512 1.00 22.95 ? 526  GLN A O   1 
ATOM   851 C  CB  . GLN A 1 118 ? 15.303  18.628  -26.592 1.00 24.17 ? 526  GLN A CB  1 
ATOM   852 C  CG  . GLN A 1 118 ? 13.938  18.313  -26.054 1.00 27.18 ? 526  GLN A CG  1 
ATOM   853 C  CD  . GLN A 1 118 ? 13.499  19.401  -25.111 1.00 27.31 ? 526  GLN A CD  1 
ATOM   854 O  OE1 . GLN A 1 118 ? 13.528  19.218  -23.905 1.00 29.30 ? 526  GLN A OE1 1 
ATOM   855 N  NE2 . GLN A 1 118 ? 13.142  20.563  -25.657 1.00 27.57 ? 526  GLN A NE2 1 
ATOM   856 N  N   . VAL A 1 119 ? 18.012  18.684  -27.997 1.00 22.23 ? 527  VAL A N   1 
ATOM   857 C  CA  . VAL A 1 119 ? 18.843  19.669  -28.688 1.00 22.66 ? 527  VAL A CA  1 
ATOM   858 C  C   . VAL A 1 119 ? 19.632  19.037  -29.830 1.00 22.58 ? 527  VAL A C   1 
ATOM   859 O  O   . VAL A 1 119 ? 20.481  18.174  -29.613 1.00 22.65 ? 527  VAL A O   1 
ATOM   860 C  CB  . VAL A 1 119 ? 19.781  20.413  -27.713 1.00 22.35 ? 527  VAL A CB  1 
ATOM   861 C  CG1 . VAL A 1 119 ? 20.644  21.422  -28.462 1.00 22.46 ? 527  VAL A CG1 1 
ATOM   862 C  CG2 . VAL A 1 119 ? 18.968  21.114  -26.635 1.00 22.59 ? 527  VAL A CG2 1 
ATOM   863 N  N   . ASP A 1 120 ? 19.327  19.490  -31.041 1.00 23.74 ? 528  ASP A N   1 
ATOM   864 C  CA  . ASP A 1 120 ? 19.924  18.988  -32.268 1.00 25.78 ? 528  ASP A CA  1 
ATOM   865 C  C   . ASP A 1 120 ? 21.214  19.768  -32.555 1.00 27.07 ? 528  ASP A C   1 
ATOM   866 O  O   . ASP A 1 120 ? 21.179  20.985  -32.768 1.00 26.34 ? 528  ASP A O   1 
ATOM   867 C  CB  . ASP A 1 120 ? 18.912  19.150  -33.423 1.00 27.13 ? 528  ASP A CB  1 
ATOM   868 C  CG  . ASP A 1 120 ? 19.280  18.340  -34.663 1.00 29.25 ? 528  ASP A CG  1 
ATOM   869 O  OD1 . ASP A 1 120 ? 20.483  18.208  -34.964 1.00 29.98 ? 528  ASP A OD1 1 
ATOM   870 O  OD2 . ASP A 1 120 ? 18.355  17.846  -35.353 1.00 29.30 ? 528  ASP A OD2 1 
ATOM   871 N  N   . LEU A 1 121 ? 22.343  19.063  -32.557 1.00 27.43 ? 529  LEU A N   1 
ATOM   872 C  CA  . LEU A 1 121 ? 23.647  19.685  -32.829 1.00 29.22 ? 529  LEU A CA  1 
ATOM   873 C  C   . LEU A 1 121 ? 24.177  19.440  -34.247 1.00 31.62 ? 529  LEU A C   1 
ATOM   874 O  O   . LEU A 1 121 ? 25.270  19.906  -34.597 1.00 31.45 ? 529  LEU A O   1 
ATOM   875 C  CB  . LEU A 1 121 ? 24.687  19.199  -31.815 1.00 27.32 ? 529  LEU A CB  1 
ATOM   876 C  CG  . LEU A 1 121 ? 24.378  19.289  -30.320 1.00 26.93 ? 529  LEU A CG  1 
ATOM   877 C  CD1 . LEU A 1 121 ? 25.342  18.408  -29.544 1.00 26.29 ? 529  LEU A CD1 1 
ATOM   878 C  CD2 . LEU A 1 121 ? 24.435  20.729  -29.823 1.00 27.78 ? 529  LEU A CD2 1 
ATOM   879 N  N   . HIS A 1 122 ? 23.411  18.720  -35.065 1.00 34.77 ? 530  HIS A N   1 
ATOM   880 C  CA  . HIS A 1 122 ? 23.895  18.288  -36.378 1.00 39.25 ? 530  HIS A CA  1 
ATOM   881 C  C   . HIS A 1 122 ? 24.293  19.430  -37.274 1.00 42.23 ? 530  HIS A C   1 
ATOM   882 O  O   . HIS A 1 122 ? 25.298  19.340  -37.982 1.00 43.53 ? 530  HIS A O   1 
ATOM   883 C  CB  . HIS A 1 122 ? 22.883  17.376  -37.067 1.00 41.37 ? 530  HIS A CB  1 
ATOM   884 C  CG  . HIS A 1 122 ? 22.793  15.996  -36.454 1.00 43.53 ? 530  HIS A CG  1 
ATOM   885 N  ND1 . HIS A 1 122 ? 23.467  14.939  -36.950 1.00 44.24 ? 530  HIS A ND1 1 
ATOM   886 C  CD2 . HIS A 1 122 ? 22.080  15.526  -35.354 1.00 43.52 ? 530  HIS A CD2 1 
ATOM   887 C  CE1 . HIS A 1 122 ? 23.195  13.845  -36.210 1.00 44.24 ? 530  HIS A CE1 1 
ATOM   888 N  NE2 . HIS A 1 122 ? 22.348  14.206  -35.231 1.00 44.17 ? 530  HIS A NE2 1 
ATOM   889 N  N   . HIS A 1 123 ? 23.523  20.517  -37.240 1.00 43.99 ? 531  HIS A N   1 
ATOM   890 C  CA  . HIS A 1 123 ? 23.827  21.689  -38.062 1.00 48.40 ? 531  HIS A CA  1 
ATOM   891 C  C   . HIS A 1 123 ? 25.121  22.366  -37.673 1.00 48.89 ? 531  HIS A C   1 
ATOM   892 O  O   . HIS A 1 123 ? 25.821  22.911  -38.527 1.00 49.36 ? 531  HIS A O   1 
ATOM   893 C  CB  . HIS A 1 123 ? 22.651  22.669  -38.091 1.00 50.42 ? 531  HIS A CB  1 
ATOM   894 C  CG  . HIS A 1 123 ? 22.329  23.295  -36.751 1.00 54.50 ? 531  HIS A CG  1 
ATOM   895 N  ND1 . HIS A 1 123 ? 21.945  22.572  -35.680 1.00 55.63 ? 531  HIS A ND1 1 
ATOM   896 C  CD2 . HIS A 1 123 ? 22.322  24.631  -36.346 1.00 55.02 ? 531  HIS A CD2 1 
ATOM   897 C  CE1 . HIS A 1 123 ? 21.718  23.399  -34.640 1.00 55.55 ? 531  HIS A CE1 1 
ATOM   898 N  NE2 . HIS A 1 123 ? 21.947  24.658  -35.049 1.00 55.67 ? 531  HIS A NE2 1 
ATOM   899 N  N   . ILE A 1 124 ? 25.459  22.311  -36.385 1.00 48.81 ? 532  ILE A N   1 
ATOM   900 C  CA  . ILE A 1 124 ? 26.701  22.903  -35.868 1.00 48.99 ? 532  ILE A CA  1 
ATOM   901 C  C   . ILE A 1 124 ? 27.936  22.104  -36.314 1.00 50.13 ? 532  ILE A C   1 
ATOM   902 O  O   . ILE A 1 124 ? 28.945  22.685  -36.725 1.00 50.27 ? 532  ILE A O   1 
ATOM   903 C  CB  . ILE A 1 124 ? 26.665  23.053  -34.327 1.00 48.28 ? 532  ILE A CB  1 
ATOM   904 C  CG1 . ILE A 1 124 ? 25.429  23.853  -33.896 1.00 46.80 ? 532  ILE A CG1 1 
ATOM   905 C  CG2 . ILE A 1 124 ? 27.937  23.722  -33.815 1.00 48.37 ? 532  ILE A CG2 1 
ATOM   906 C  CD1 . ILE A 1 124 ? 25.029  23.659  -32.448 1.00 47.15 ? 532  ILE A CD1 1 
ATOM   907 N  N   . LEU A 1 125 ? 27.849  20.777  -36.238 1.00 50.80 ? 533  LEU A N   1 
ATOM   908 C  CA  . LEU A 1 125 ? 28.908  19.904  -36.745 1.00 53.24 ? 533  LEU A CA  1 
ATOM   909 C  C   . LEU A 1 125 ? 28.462  19.136  -37.986 1.00 54.99 ? 533  LEU A C   1 
ATOM   910 O  O   . LEU A 1 125 ? 28.104  19.737  -38.999 1.00 55.53 ? 533  LEU A O   1 
ATOM   911 C  CB  . LEU A 1 125 ? 29.416  18.944  -35.657 1.00 53.83 ? 533  LEU A CB  1 
ATOM   912 C  CG  . LEU A 1 125 ? 28.483  18.336  -34.602 1.00 53.22 ? 533  LEU A CG  1 
ATOM   913 C  CD1 . LEU A 1 125 ? 27.689  17.156  -35.143 1.00 54.65 ? 533  LEU A CD1 1 
ATOM   914 C  CD2 . LEU A 1 125 ? 29.306  17.916  -33.394 1.00 53.29 ? 533  LEU A CD2 1 
HETATM 915 C  C1  . FUC B 2 .   ? 4.261   8.155   5.801   1.00 27.73 ? 1    FUC A C1  1 
HETATM 916 C  C2  . FUC B 2 .   ? 5.424   8.846   6.521   1.00 30.29 ? 1    FUC A C2  1 
HETATM 917 C  C3  . FUC B 2 .   ? 6.753   8.407   5.897   1.00 31.00 ? 1    FUC A C3  1 
HETATM 918 C  C4  . FUC B 2 .   ? 6.759   8.625   4.377   1.00 30.25 ? 1    FUC A C4  1 
HETATM 919 C  C5  . FUC B 2 .   ? 5.503   8.011   3.734   1.00 29.20 ? 1    FUC A C5  1 
HETATM 920 C  C6  . FUC B 2 .   ? 5.372   8.367   2.256   1.00 28.58 ? 1    FUC A C6  1 
HETATM 921 O  O2  . FUC B 2 .   ? 5.400   8.539   7.900   1.00 30.37 ? 1    FUC A O2  1 
HETATM 922 O  O3  . FUC B 2 .   ? 7.827   9.074   6.526   1.00 33.29 ? 1    FUC A O3  1 
HETATM 923 O  O4  . FUC B 2 .   ? 6.817   9.999   4.062   1.00 31.61 ? 1    FUC A O4  1 
HETATM 924 O  O5  . FUC B 2 .   ? 4.314   8.424   4.405   1.00 27.62 ? 1    FUC A O5  1 
HETATM 925 CA CA  . CA  C 3 .   ? -6.721  -2.634  12.310  1.00 19.01 ? 1531 CA  A CA  1 
HETATM 926 CA CA  . CA  D 3 .   ? 12.079  4.207   -11.346 1.00 17.40 ? 1532 CA  A CA  1 
HETATM 927 CA CA  . CA  E 3 .   ? -25.571 -18.758 28.057  1.00 23.78 ? 1533 CA  A CA  1 
HETATM 928 CA CA  . CA  F 3 .   ? 13.627  14.481  -14.982 0.50 30.36 ? 1534 CA  A CA  1 
HETATM 929 O  O   . HOH G 4 .   ? -0.368  -7.039  17.130  1.00 25.88 ? 2001 HOH A O   1 
HETATM 930 O  O   . HOH G 4 .   ? 20.060  6.700   -32.767 1.00 25.23 ? 2002 HOH A O   1 
HETATM 931 O  O   . HOH G 4 .   ? -31.439 -22.750 34.033  1.00 33.02 ? 2003 HOH A O   1 
HETATM 932 O  O   . HOH G 4 .   ? -24.344 -19.123 30.156  1.00 27.39 ? 2004 HOH A O   1 
HETATM 933 O  O   . HOH G 4 .   ? -25.522 -19.472 32.553  1.00 26.25 ? 2005 HOH A O   1 
HETATM 934 O  O   . HOH G 4 .   ? -26.728 -8.891  26.157  1.00 31.72 ? 2006 HOH A O   1 
HETATM 935 O  O   . HOH G 4 .   ? -27.659 -6.655  32.488  1.00 27.99 ? 2007 HOH A O   1 
HETATM 936 O  O   . HOH G 4 .   ? -23.120 -3.684  20.362  1.00 29.60 ? 2008 HOH A O   1 
HETATM 937 O  O   . HOH G 4 .   ? -16.496 -7.026  16.217  1.00 27.44 ? 2009 HOH A O   1 
HETATM 938 O  O   . HOH G 4 .   ? -14.041 1.105   20.104  1.00 31.21 ? 2010 HOH A O   1 
HETATM 939 O  O   . HOH G 4 .   ? -15.147 -4.615  9.760   1.00 24.79 ? 2011 HOH A O   1 
HETATM 940 O  O   . HOH G 4 .   ? -8.464  -4.256  11.941  1.00 17.64 ? 2012 HOH A O   1 
HETATM 941 O  O   . HOH G 4 .   ? -15.748 -15.681 25.826  1.00 31.71 ? 2013 HOH A O   1 
HETATM 942 O  O   . HOH G 4 .   ? -3.666  -4.891  18.003  1.00 31.23 ? 2014 HOH A O   1 
HETATM 943 O  O   . HOH G 4 .   ? -7.208  -0.222  12.855  1.00 19.43 ? 2015 HOH A O   1 
HETATM 944 O  O   . HOH G 4 .   ? -2.594  -7.729  15.763  1.00 23.49 ? 2016 HOH A O   1 
HETATM 945 O  O   . HOH G 4 .   ? -1.738  -8.599  11.928  1.00 25.57 ? 2017 HOH A O   1 
HETATM 946 O  O   . HOH G 4 .   ? 0.650   -4.347  17.117  1.00 27.38 ? 2018 HOH A O   1 
HETATM 947 O  O   . HOH G 4 .   ? 1.290   -7.045  8.557   1.00 29.15 ? 2019 HOH A O   1 
HETATM 948 O  O   . HOH G 4 .   ? -7.337  -8.309  9.922   1.00 24.56 ? 2020 HOH A O   1 
HETATM 949 O  O   . HOH G 4 .   ? 4.819   -1.353  6.834   1.00 16.08 ? 2021 HOH A O   1 
HETATM 950 O  O   . HOH G 4 .   ? 7.735   3.392   -0.810  1.00 20.01 ? 2022 HOH A O   1 
HETATM 951 O  O   . HOH G 4 .   ? 10.889  -3.110  -4.091  1.00 19.88 ? 2023 HOH A O   1 
HETATM 952 O  O   . HOH G 4 .   ? 4.456   3.236   8.759   1.00 22.19 ? 2024 HOH A O   1 
HETATM 953 O  O   . HOH G 4 .   ? -11.088 -0.132  6.627   1.00 35.96 ? 2025 HOH A O   1 
HETATM 954 O  O   . HOH G 4 .   ? -9.226  4.458   0.269   1.00 26.37 ? 2026 HOH A O   1 
HETATM 955 O  O   . HOH G 4 .   ? -1.740  -0.358  -0.041  1.00 19.47 ? 2027 HOH A O   1 
HETATM 956 O  O   . HOH G 4 .   ? -0.123  1.952   -2.897  1.00 31.50 ? 2028 HOH A O   1 
HETATM 957 O  O   . HOH G 4 .   ? 5.250   10.053  -0.797  1.00 23.39 ? 2029 HOH A O   1 
HETATM 958 O  O   . HOH G 4 .   ? 11.900  8.163   -2.797  1.00 24.26 ? 2030 HOH A O   1 
HETATM 959 O  O   . HOH G 4 .   ? 6.280   6.674   -8.798  1.00 16.81 ? 2031 HOH A O   1 
HETATM 960 O  O   . HOH G 4 .   ? 10.877  5.357   -9.613  1.00 18.43 ? 2032 HOH A O   1 
HETATM 961 O  O   . HOH G 4 .   ? 5.255   8.189   -6.738  1.00 32.66 ? 2033 HOH A O   1 
HETATM 962 O  O   . HOH G 4 .   ? 2.164   5.174   -5.417  1.00 25.29 ? 2034 HOH A O   1 
HETATM 963 O  O   . HOH G 4 .   ? 0.666   -4.070  -6.111  1.00 25.31 ? 2035 HOH A O   1 
HETATM 964 O  O   . HOH G 4 .   ? 10.317  -2.985  -9.182  1.00 22.94 ? 2036 HOH A O   1 
HETATM 965 O  O   . HOH G 4 .   ? 12.088  0.206   -12.453 1.00 24.92 ? 2037 HOH A O   1 
HETATM 966 O  O   . HOH G 4 .   ? 16.527  2.337   -8.999  1.00 23.81 ? 2038 HOH A O   1 
HETATM 967 O  O   . HOH G 4 .   ? 6.222   1.033   -13.947 1.00 20.88 ? 2039 HOH A O   1 
HETATM 968 O  O   . HOH G 4 .   ? 7.342   8.086   -10.904 1.00 17.44 ? 2040 HOH A O   1 
HETATM 969 O  O   . HOH G 4 .   ? 12.379  4.252   -22.749 1.00 26.66 ? 2041 HOH A O   1 
HETATM 970 O  O   . HOH G 4 .   ? 6.403   11.018  -20.949 1.00 28.31 ? 2042 HOH A O   1 
HETATM 971 O  O   . HOH G 4 .   ? 13.139  6.866   -23.893 1.00 21.47 ? 2043 HOH A O   1 
HETATM 972 O  O   . HOH G 4 .   ? 14.371  6.593   -26.546 1.00 24.90 ? 2044 HOH A O   1 
HETATM 973 O  O   . HOH G 4 .   ? 12.220  12.215  -31.445 1.00 30.83 ? 2045 HOH A O   1 
HETATM 974 O  O   . HOH G 4 .   ? 14.744  17.361  -31.268 1.00 29.18 ? 2046 HOH A O   1 
HETATM 975 O  O   . HOH G 4 .   ? 20.080  5.451   -30.269 1.00 22.69 ? 2047 HOH A O   1 
HETATM 976 O  O   . HOH G 4 .   ? 15.801  2.944   -23.784 1.00 21.03 ? 2048 HOH A O   1 
HETATM 977 O  O   . HOH G 4 .   ? 15.551  1.245   -11.495 1.00 26.08 ? 2049 HOH A O   1 
HETATM 978 O  O   . HOH G 4 .   ? 18.100  7.206   -8.032  1.00 24.23 ? 2050 HOH A O   1 
HETATM 979 O  O   . HOH G 4 .   ? 19.216  12.808  -18.764 1.00 23.76 ? 2051 HOH A O   1 
HETATM 980 O  O   . HOH G 4 .   ? 20.910  13.471  -21.249 1.00 23.95 ? 2052 HOH A O   1 
HETATM 981 O  O   . HOH G 4 .   ? 23.554  12.082  -23.226 1.00 28.42 ? 2053 HOH A O   1 
HETATM 982 O  O   . HOH G 4 .   ? 16.287  17.913  -23.501 1.00 18.30 ? 2054 HOH A O   1 
HETATM 983 O  O   . HOH G 4 .   ? 10.954  17.966  -24.158 1.00 35.12 ? 2055 HOH A O   1 
HETATM 984 O  O   . HOH G 4 .   ? 31.446  24.074  -39.501 1.00 34.01 ? 2056 HOH A O   1 
# 
